data_7KH3
# 
_entry.id   7KH3 
# 
_audit_conform.dict_name       mmcif_pdbx.dic 
_audit_conform.dict_version    5.380 
_audit_conform.dict_location   http://mmcif.pdb.org/dictionaries/ascii/mmcif_pdbx.dic 
# 
loop_
_database_2.database_id 
_database_2.database_code 
_database_2.pdbx_database_accession 
_database_2.pdbx_DOI 
PDB   7KH3         pdb_00007kh3 10.2210/pdb7kh3/pdb 
WWPDB D_1000252459 ?            ?                   
# 
_pdbx_database_status.status_code                     REL 
_pdbx_database_status.status_code_sf                  REL 
_pdbx_database_status.status_code_mr                  ? 
_pdbx_database_status.entry_id                        7KH3 
_pdbx_database_status.recvd_initial_deposition_date   2020-10-19 
_pdbx_database_status.SG_entry                        N 
_pdbx_database_status.deposit_site                    RCSB 
_pdbx_database_status.process_site                    RCSB 
_pdbx_database_status.status_code_cs                  ? 
_pdbx_database_status.status_code_nmr_data            ? 
_pdbx_database_status.methods_development_category    ? 
_pdbx_database_status.pdb_format_compatible           Y 
# 
loop_
_audit_author.name 
_audit_author.pdbx_ordinal 
_audit_author.identifier_ORCID 
'Walton, W.G.'  1 0000-0001-6745-534X 
'Redinbo, M.R.' 2 0000-0003-0814-5346 
'Dangl, J.L.'   3 0000-0003-3199-8654 
# 
_citation.abstract                  ? 
_citation.abstract_id_CAS           ? 
_citation.book_id_ISBN              ? 
_citation.book_publisher            ? 
_citation.book_publisher_city       ? 
_citation.book_title                ? 
_citation.coordinate_linkage        ? 
_citation.country                   UK 
_citation.database_id_Medline       ? 
_citation.details                   ? 
_citation.id                        primary 
_citation.journal_abbrev            'Nat Microbiol' 
_citation.journal_id_ASTM           ? 
_citation.journal_id_CSD            ? 
_citation.journal_id_ISSN           2058-5276 
_citation.journal_full              ? 
_citation.journal_issue             ? 
_citation.journal_volume            7 
_citation.language                  ? 
_citation.page_first                1817 
_citation.page_last                 1833 
_citation.title                     'Diverse MarR bacterial regulators of auxin catabolism in the plant microbiome.' 
_citation.year                      2022 
_citation.database_id_CSD           ? 
_citation.pdbx_database_id_DOI      10.1038/s41564-022-01244-3 
_citation.pdbx_database_id_PubMed   36266335 
_citation.unpublished_flag          ? 
# 
loop_
_citation_author.citation_id 
_citation_author.name 
_citation_author.ordinal 
_citation_author.identifier_ORCID 
primary 'Conway, J.M.'       1  0000-0002-2715-2149 
primary 'Walton, W.G.'       2  ?                   
primary 'Salas-Gonzalez, I.' 3  0000-0002-0347-5058 
primary 'Law, T.F.'          4  ?                   
primary 'Lindberg, C.A.'     5  ?                   
primary 'Crook, L.E.'        6  ?                   
primary 'Kosina, S.M.'       7  0000-0003-2885-1248 
primary 'Fitzpatrick, C.R.'  8  ?                   
primary 'Lietzan, A.D.'      9  0000-0001-6388-2491 
primary 'Northen, T.R.'      10 0000-0001-8404-3259 
primary 'Jones, C.D.'        11 ?                   
primary 'Finkel, O.M.'       12 0000-0003-4770-0402 
primary 'Redinbo, M.R.'      13 0000-0003-0814-5346 
primary 'Dangl, J.L.'        14 0000-0003-3199-8654 
# 
_cell.angle_alpha                  90.000 
_cell.angle_alpha_esd              ? 
_cell.angle_beta                   90.000 
_cell.angle_beta_esd               ? 
_cell.angle_gamma                  90.000 
_cell.angle_gamma_esd              ? 
_cell.entry_id                     7KH3 
_cell.details                      ? 
_cell.formula_units_Z              ? 
_cell.length_a                     55.053 
_cell.length_a_esd                 ? 
_cell.length_b                     114.240 
_cell.length_b_esd                 ? 
_cell.length_c                     115.365 
_cell.length_c_esd                 ? 
_cell.volume                       725559.871 
_cell.volume_esd                   ? 
_cell.Z_PDB                        16 
_cell.reciprocal_angle_alpha       ? 
_cell.reciprocal_angle_beta        ? 
_cell.reciprocal_angle_gamma       ? 
_cell.reciprocal_angle_alpha_esd   ? 
_cell.reciprocal_angle_beta_esd    ? 
_cell.reciprocal_angle_gamma_esd   ? 
_cell.reciprocal_length_a          ? 
_cell.reciprocal_length_b          ? 
_cell.reciprocal_length_c          ? 
_cell.reciprocal_length_a_esd      ? 
_cell.reciprocal_length_b_esd      ? 
_cell.reciprocal_length_c_esd      ? 
_cell.pdbx_unique_axis             ? 
# 
_symmetry.entry_id                         7KH3 
_symmetry.cell_setting                     ? 
_symmetry.Int_Tables_number                22 
_symmetry.space_group_name_Hall            'F 2 2' 
_symmetry.space_group_name_H-M             'F 2 2 2' 
_symmetry.pdbx_full_space_group_name_H-M   ? 
# 
loop_
_entity.id 
_entity.type 
_entity.src_method 
_entity.pdbx_description 
_entity.formula_weight 
_entity.pdbx_number_of_molecules 
_entity.pdbx_ec 
_entity.pdbx_mutation 
_entity.pdbx_fragment 
_entity.details 
1 polymer     man 'Transcriptional regulator, MarR family' 20969.717 1   ? ? ? ? 
2 non-polymer syn 'INDOLYLPROPIONIC ACID'                  189.211   1   ? ? ? ? 
3 non-polymer syn 'SULFATE ION'                            96.063    4   ? ? ? ? 
4 water       nat water                                    18.015    127 ? ? ? ? 
# 
_entity_poly.entity_id                      1 
_entity_poly.type                           'polypeptide(L)' 
_entity_poly.nstd_linkage                   no 
_entity_poly.nstd_monomer                   no 
_entity_poly.pdbx_seq_one_letter_code       
;MHHHHHHSSGVDLGTENLYFQSNAMAEQPPETHRFVDDYLPALLAQASQLISSEFHEVARQHGFSVSEWRVMASLAGSEP
ISIGQLAQVTVTKQPTVTRLLDRMEARGQVERLPHESDRRITLVRITRKGLKAVEHLMELAREHERRVLEPFGLRRAEEL
KQTLRQMIDLHVHVPVEEPEED
;
_entity_poly.pdbx_seq_one_letter_code_can   
;MHHHHHHSSGVDLGTENLYFQSNAMAEQPPETHRFVDDYLPALLAQASQLISSEFHEVARQHGFSVSEWRVMASLAGSEP
ISIGQLAQVTVTKQPTVTRLLDRMEARGQVERLPHESDRRITLVRITRKGLKAVEHLMELAREHERRVLEPFGLRRAEEL
KQTLRQMIDLHVHVPVEEPEED
;
_entity_poly.pdbx_strand_id                 A 
_entity_poly.pdbx_target_identifier         ? 
# 
loop_
_entity_poly_seq.entity_id 
_entity_poly_seq.num 
_entity_poly_seq.mon_id 
_entity_poly_seq.hetero 
1 1   MET n 
1 2   HIS n 
1 3   HIS n 
1 4   HIS n 
1 5   HIS n 
1 6   HIS n 
1 7   HIS n 
1 8   SER n 
1 9   SER n 
1 10  GLY n 
1 11  VAL n 
1 12  ASP n 
1 13  LEU n 
1 14  GLY n 
1 15  THR n 
1 16  GLU n 
1 17  ASN n 
1 18  LEU n 
1 19  TYR n 
1 20  PHE n 
1 21  GLN n 
1 22  SER n 
1 23  ASN n 
1 24  ALA n 
1 25  MET n 
1 26  ALA n 
1 27  GLU n 
1 28  GLN n 
1 29  PRO n 
1 30  PRO n 
1 31  GLU n 
1 32  THR n 
1 33  HIS n 
1 34  ARG n 
1 35  PHE n 
1 36  VAL n 
1 37  ASP n 
1 38  ASP n 
1 39  TYR n 
1 40  LEU n 
1 41  PRO n 
1 42  ALA n 
1 43  LEU n 
1 44  LEU n 
1 45  ALA n 
1 46  GLN n 
1 47  ALA n 
1 48  SER n 
1 49  GLN n 
1 50  LEU n 
1 51  ILE n 
1 52  SER n 
1 53  SER n 
1 54  GLU n 
1 55  PHE n 
1 56  HIS n 
1 57  GLU n 
1 58  VAL n 
1 59  ALA n 
1 60  ARG n 
1 61  GLN n 
1 62  HIS n 
1 63  GLY n 
1 64  PHE n 
1 65  SER n 
1 66  VAL n 
1 67  SER n 
1 68  GLU n 
1 69  TRP n 
1 70  ARG n 
1 71  VAL n 
1 72  MET n 
1 73  ALA n 
1 74  SER n 
1 75  LEU n 
1 76  ALA n 
1 77  GLY n 
1 78  SER n 
1 79  GLU n 
1 80  PRO n 
1 81  ILE n 
1 82  SER n 
1 83  ILE n 
1 84  GLY n 
1 85  GLN n 
1 86  LEU n 
1 87  ALA n 
1 88  GLN n 
1 89  VAL n 
1 90  THR n 
1 91  VAL n 
1 92  THR n 
1 93  LYS n 
1 94  GLN n 
1 95  PRO n 
1 96  THR n 
1 97  VAL n 
1 98  THR n 
1 99  ARG n 
1 100 LEU n 
1 101 LEU n 
1 102 ASP n 
1 103 ARG n 
1 104 MET n 
1 105 GLU n 
1 106 ALA n 
1 107 ARG n 
1 108 GLY n 
1 109 GLN n 
1 110 VAL n 
1 111 GLU n 
1 112 ARG n 
1 113 LEU n 
1 114 PRO n 
1 115 HIS n 
1 116 GLU n 
1 117 SER n 
1 118 ASP n 
1 119 ARG n 
1 120 ARG n 
1 121 ILE n 
1 122 THR n 
1 123 LEU n 
1 124 VAL n 
1 125 ARG n 
1 126 ILE n 
1 127 THR n 
1 128 ARG n 
1 129 LYS n 
1 130 GLY n 
1 131 LEU n 
1 132 LYS n 
1 133 ALA n 
1 134 VAL n 
1 135 GLU n 
1 136 HIS n 
1 137 LEU n 
1 138 MET n 
1 139 GLU n 
1 140 LEU n 
1 141 ALA n 
1 142 ARG n 
1 143 GLU n 
1 144 HIS n 
1 145 GLU n 
1 146 ARG n 
1 147 ARG n 
1 148 VAL n 
1 149 LEU n 
1 150 GLU n 
1 151 PRO n 
1 152 PHE n 
1 153 GLY n 
1 154 LEU n 
1 155 ARG n 
1 156 ARG n 
1 157 ALA n 
1 158 GLU n 
1 159 GLU n 
1 160 LEU n 
1 161 LYS n 
1 162 GLN n 
1 163 THR n 
1 164 LEU n 
1 165 ARG n 
1 166 GLN n 
1 167 MET n 
1 168 ILE n 
1 169 ASP n 
1 170 LEU n 
1 171 HIS n 
1 172 VAL n 
1 173 HIS n 
1 174 VAL n 
1 175 PRO n 
1 176 VAL n 
1 177 GLU n 
1 178 GLU n 
1 179 PRO n 
1 180 GLU n 
1 181 GLU n 
1 182 ASP n 
# 
_entity_src_gen.entity_id                          1 
_entity_src_gen.pdbx_src_id                        1 
_entity_src_gen.pdbx_alt_source_flag               sample 
_entity_src_gen.pdbx_seq_type                      'Biological sequence' 
_entity_src_gen.pdbx_beg_seq_num                   1 
_entity_src_gen.pdbx_end_seq_num                   182 
_entity_src_gen.gene_src_common_name               ? 
_entity_src_gen.gene_src_genus                     ? 
_entity_src_gen.pdbx_gene_src_gene                 Vapar_1489 
_entity_src_gen.gene_src_species                   ? 
_entity_src_gen.gene_src_strain                    ? 
_entity_src_gen.gene_src_tissue                    ? 
_entity_src_gen.gene_src_tissue_fraction           ? 
_entity_src_gen.gene_src_details                   ? 
_entity_src_gen.pdbx_gene_src_fragment             ? 
_entity_src_gen.pdbx_gene_src_scientific_name      'Variovorax paradoxus' 
_entity_src_gen.pdbx_gene_src_ncbi_taxonomy_id     34073 
_entity_src_gen.pdbx_gene_src_variant              ? 
_entity_src_gen.pdbx_gene_src_cell_line            ? 
_entity_src_gen.pdbx_gene_src_atcc                 ? 
_entity_src_gen.pdbx_gene_src_organ                ? 
_entity_src_gen.pdbx_gene_src_organelle            ? 
_entity_src_gen.pdbx_gene_src_cell                 ? 
_entity_src_gen.pdbx_gene_src_cellular_location    ? 
_entity_src_gen.host_org_common_name               ? 
_entity_src_gen.pdbx_host_org_scientific_name      'Escherichia coli' 
_entity_src_gen.pdbx_host_org_ncbi_taxonomy_id     562 
_entity_src_gen.host_org_genus                     ? 
_entity_src_gen.pdbx_host_org_gene                 ? 
_entity_src_gen.pdbx_host_org_organ                ? 
_entity_src_gen.host_org_species                   ? 
_entity_src_gen.pdbx_host_org_tissue               ? 
_entity_src_gen.pdbx_host_org_tissue_fraction      ? 
_entity_src_gen.pdbx_host_org_strain               ? 
_entity_src_gen.pdbx_host_org_variant              ? 
_entity_src_gen.pdbx_host_org_cell_line            ? 
_entity_src_gen.pdbx_host_org_atcc                 ? 
_entity_src_gen.pdbx_host_org_culture_collection   ? 
_entity_src_gen.pdbx_host_org_cell                 ? 
_entity_src_gen.pdbx_host_org_organelle            ? 
_entity_src_gen.pdbx_host_org_cellular_location    ? 
_entity_src_gen.pdbx_host_org_vector_type          ? 
_entity_src_gen.pdbx_host_org_vector               ? 
_entity_src_gen.host_org_details                   ? 
_entity_src_gen.expression_system_id               ? 
_entity_src_gen.plasmid_name                       ? 
_entity_src_gen.plasmid_details                    ? 
_entity_src_gen.pdbx_description                   ? 
# 
_struct_ref.id                         1 
_struct_ref.db_name                    UNP 
_struct_ref.db_code                    C5CSP2_VARPS 
_struct_ref.pdbx_db_accession          C5CSP2 
_struct_ref.pdbx_db_isoform            ? 
_struct_ref.entity_id                  1 
_struct_ref.pdbx_seq_one_letter_code   
;MAEQPPETHRFVDDYLPALLAQASQLISSEFHEVARQHGFSVSEWRVMASLAGSEPISIGQLAQVTVTKQPTVTRLLDRM
EARGQVERLPHESDRRITLVRITRKGLKAVEHLMELAREHERRVLEPFGLRRAEELKQTLRQMIDLHVHVPVEEPEED
;
_struct_ref.pdbx_align_begin           1 
# 
_struct_ref_seq.align_id                      1 
_struct_ref_seq.ref_id                        1 
_struct_ref_seq.pdbx_PDB_id_code              7KH3 
_struct_ref_seq.pdbx_strand_id                A 
_struct_ref_seq.seq_align_beg                 25 
_struct_ref_seq.pdbx_seq_align_beg_ins_code   ? 
_struct_ref_seq.seq_align_end                 182 
_struct_ref_seq.pdbx_seq_align_end_ins_code   ? 
_struct_ref_seq.pdbx_db_accession             C5CSP2 
_struct_ref_seq.db_align_beg                  1 
_struct_ref_seq.pdbx_db_align_beg_ins_code    ? 
_struct_ref_seq.db_align_end                  158 
_struct_ref_seq.pdbx_db_align_end_ins_code    ? 
_struct_ref_seq.pdbx_auth_seq_align_beg       1 
_struct_ref_seq.pdbx_auth_seq_align_end       158 
# 
loop_
_struct_ref_seq_dif.align_id 
_struct_ref_seq_dif.pdbx_pdb_id_code 
_struct_ref_seq_dif.mon_id 
_struct_ref_seq_dif.pdbx_pdb_strand_id 
_struct_ref_seq_dif.seq_num 
_struct_ref_seq_dif.pdbx_pdb_ins_code 
_struct_ref_seq_dif.pdbx_seq_db_name 
_struct_ref_seq_dif.pdbx_seq_db_accession_code 
_struct_ref_seq_dif.db_mon_id 
_struct_ref_seq_dif.pdbx_seq_db_seq_num 
_struct_ref_seq_dif.details 
_struct_ref_seq_dif.pdbx_auth_seq_num 
_struct_ref_seq_dif.pdbx_ordinal 
1 7KH3 MET A 1  ? UNP C5CSP2 ? ? 'initiating methionine' -23 1  
1 7KH3 HIS A 2  ? UNP C5CSP2 ? ? 'expression tag'        -22 2  
1 7KH3 HIS A 3  ? UNP C5CSP2 ? ? 'expression tag'        -21 3  
1 7KH3 HIS A 4  ? UNP C5CSP2 ? ? 'expression tag'        -20 4  
1 7KH3 HIS A 5  ? UNP C5CSP2 ? ? 'expression tag'        -19 5  
1 7KH3 HIS A 6  ? UNP C5CSP2 ? ? 'expression tag'        -18 6  
1 7KH3 HIS A 7  ? UNP C5CSP2 ? ? 'expression tag'        -17 7  
1 7KH3 SER A 8  ? UNP C5CSP2 ? ? 'expression tag'        -16 8  
1 7KH3 SER A 9  ? UNP C5CSP2 ? ? 'expression tag'        -15 9  
1 7KH3 GLY A 10 ? UNP C5CSP2 ? ? 'expression tag'        -14 10 
1 7KH3 VAL A 11 ? UNP C5CSP2 ? ? 'expression tag'        -13 11 
1 7KH3 ASP A 12 ? UNP C5CSP2 ? ? 'expression tag'        -12 12 
1 7KH3 LEU A 13 ? UNP C5CSP2 ? ? 'expression tag'        -11 13 
1 7KH3 GLY A 14 ? UNP C5CSP2 ? ? 'expression tag'        -10 14 
1 7KH3 THR A 15 ? UNP C5CSP2 ? ? 'expression tag'        -9  15 
1 7KH3 GLU A 16 ? UNP C5CSP2 ? ? 'expression tag'        -8  16 
1 7KH3 ASN A 17 ? UNP C5CSP2 ? ? 'expression tag'        -7  17 
1 7KH3 LEU A 18 ? UNP C5CSP2 ? ? 'expression tag'        -6  18 
1 7KH3 TYR A 19 ? UNP C5CSP2 ? ? 'expression tag'        -5  19 
1 7KH3 PHE A 20 ? UNP C5CSP2 ? ? 'expression tag'        -4  20 
1 7KH3 GLN A 21 ? UNP C5CSP2 ? ? 'expression tag'        -3  21 
1 7KH3 SER A 22 ? UNP C5CSP2 ? ? 'expression tag'        -2  22 
1 7KH3 ASN A 23 ? UNP C5CSP2 ? ? 'expression tag'        -1  23 
1 7KH3 ALA A 24 ? UNP C5CSP2 ? ? 'expression tag'        0   24 
# 
loop_
_chem_comp.id 
_chem_comp.type 
_chem_comp.mon_nstd_flag 
_chem_comp.name 
_chem_comp.pdbx_synonyms 
_chem_comp.formula 
_chem_comp.formula_weight 
ALA 'L-peptide linking' y ALANINE                 ? 'C3 H7 N O2'     89.093  
ARG 'L-peptide linking' y ARGININE                ? 'C6 H15 N4 O2 1' 175.209 
ASN 'L-peptide linking' y ASPARAGINE              ? 'C4 H8 N2 O3'    132.118 
ASP 'L-peptide linking' y 'ASPARTIC ACID'         ? 'C4 H7 N O4'     133.103 
GLN 'L-peptide linking' y GLUTAMINE               ? 'C5 H10 N2 O3'   146.144 
GLU 'L-peptide linking' y 'GLUTAMIC ACID'         ? 'C5 H9 N O4'     147.129 
GLY 'peptide linking'   y GLYCINE                 ? 'C2 H5 N O2'     75.067  
HIS 'L-peptide linking' y HISTIDINE               ? 'C6 H10 N3 O2 1' 156.162 
HOH non-polymer         . WATER                   ? 'H2 O'           18.015  
ILE 'L-peptide linking' y ISOLEUCINE              ? 'C6 H13 N O2'    131.173 
IOP non-polymer         . 'INDOLYLPROPIONIC ACID' ? 'C11 H11 N O2'   189.211 
LEU 'L-peptide linking' y LEUCINE                 ? 'C6 H13 N O2'    131.173 
LYS 'L-peptide linking' y LYSINE                  ? 'C6 H15 N2 O2 1' 147.195 
MET 'L-peptide linking' y METHIONINE              ? 'C5 H11 N O2 S'  149.211 
PHE 'L-peptide linking' y PHENYLALANINE           ? 'C9 H11 N O2'    165.189 
PRO 'L-peptide linking' y PROLINE                 ? 'C5 H9 N O2'     115.130 
SER 'L-peptide linking' y SERINE                  ? 'C3 H7 N O3'     105.093 
SO4 non-polymer         . 'SULFATE ION'           ? 'O4 S -2'        96.063  
THR 'L-peptide linking' y THREONINE               ? 'C4 H9 N O3'     119.119 
TRP 'L-peptide linking' y TRYPTOPHAN              ? 'C11 H12 N2 O2'  204.225 
TYR 'L-peptide linking' y TYROSINE                ? 'C9 H11 N O3'    181.189 
VAL 'L-peptide linking' y VALINE                  ? 'C5 H11 N O2'    117.146 
# 
_exptl.absorpt_coefficient_mu     ? 
_exptl.absorpt_correction_T_max   ? 
_exptl.absorpt_correction_T_min   ? 
_exptl.absorpt_correction_type    ? 
_exptl.absorpt_process_details    ? 
_exptl.entry_id                   7KH3 
_exptl.crystals_number            1 
_exptl.details                    ? 
_exptl.method                     'X-RAY DIFFRACTION' 
_exptl.method_details             ? 
# 
_exptl_crystal.colour                      ? 
_exptl_crystal.density_diffrn              ? 
_exptl_crystal.density_Matthews            2.16 
_exptl_crystal.density_method              ? 
_exptl_crystal.density_percent_sol         43.12 
_exptl_crystal.description                 ? 
_exptl_crystal.F_000                       ? 
_exptl_crystal.id                          1 
_exptl_crystal.preparation                 ? 
_exptl_crystal.size_max                    ? 
_exptl_crystal.size_mid                    ? 
_exptl_crystal.size_min                    ? 
_exptl_crystal.size_rad                    ? 
_exptl_crystal.colour_lustre               ? 
_exptl_crystal.colour_modifier             ? 
_exptl_crystal.colour_primary              ? 
_exptl_crystal.density_meas                ? 
_exptl_crystal.density_meas_esd            ? 
_exptl_crystal.density_meas_gt             ? 
_exptl_crystal.density_meas_lt             ? 
_exptl_crystal.density_meas_temp           ? 
_exptl_crystal.density_meas_temp_esd       ? 
_exptl_crystal.density_meas_temp_gt        ? 
_exptl_crystal.density_meas_temp_lt        ? 
_exptl_crystal.pdbx_crystal_image_url      ? 
_exptl_crystal.pdbx_crystal_image_format   ? 
_exptl_crystal.pdbx_mosaicity              ? 
_exptl_crystal.pdbx_mosaicity_esd          ? 
# 
_exptl_crystal_grow.apparatus       ? 
_exptl_crystal_grow.atmosphere      ? 
_exptl_crystal_grow.crystal_id      1 
_exptl_crystal_grow.details         ? 
_exptl_crystal_grow.method          'VAPOR DIFFUSION, SITTING DROP' 
_exptl_crystal_grow.method_ref      ? 
_exptl_crystal_grow.pH              ? 
_exptl_crystal_grow.pressure        ? 
_exptl_crystal_grow.pressure_esd    ? 
_exptl_crystal_grow.seeding         ? 
_exptl_crystal_grow.seeding_ref     ? 
_exptl_crystal_grow.temp            293 
_exptl_crystal_grow.temp_details    ? 
_exptl_crystal_grow.temp_esd        ? 
_exptl_crystal_grow.time            ? 
_exptl_crystal_grow.pdbx_details    '0.2 M Ammonium Sulfate, 0.1 M HEPES: NaOH, pH 7.5, 25 % (w/v) PEG 3350' 
_exptl_crystal_grow.pdbx_pH_range   ? 
# 
_diffrn.ambient_environment              ? 
_diffrn.ambient_temp                     100 
_diffrn.ambient_temp_details             ? 
_diffrn.ambient_temp_esd                 ? 
_diffrn.crystal_id                       1 
_diffrn.crystal_support                  ? 
_diffrn.crystal_treatment                ? 
_diffrn.details                          ? 
_diffrn.id                               1 
_diffrn.ambient_pressure                 ? 
_diffrn.ambient_pressure_esd             ? 
_diffrn.ambient_pressure_gt              ? 
_diffrn.ambient_pressure_lt              ? 
_diffrn.ambient_temp_gt                  ? 
_diffrn.ambient_temp_lt                  ? 
_diffrn.pdbx_serial_crystal_experiment   N 
# 
_diffrn_detector.details                      ? 
_diffrn_detector.detector                     PIXEL 
_diffrn_detector.diffrn_id                    1 
_diffrn_detector.type                         'DECTRIS PILATUS3 6M' 
_diffrn_detector.area_resol_mean              ? 
_diffrn_detector.dtime                        ? 
_diffrn_detector.pdbx_frames_total            ? 
_diffrn_detector.pdbx_collection_time_total   ? 
_diffrn_detector.pdbx_collection_date         2020-02-16 
_diffrn_detector.pdbx_frequency               ? 
# 
_diffrn_radiation.collimation                      ? 
_diffrn_radiation.diffrn_id                        1 
_diffrn_radiation.filter_edge                      ? 
_diffrn_radiation.inhomogeneity                    ? 
_diffrn_radiation.monochromator                    ? 
_diffrn_radiation.polarisn_norm                    ? 
_diffrn_radiation.polarisn_ratio                   ? 
_diffrn_radiation.probe                            ? 
_diffrn_radiation.type                             ? 
_diffrn_radiation.xray_symbol                      ? 
_diffrn_radiation.wavelength_id                    1 
_diffrn_radiation.pdbx_monochromatic_or_laue_m_l   M 
_diffrn_radiation.pdbx_wavelength_list             ? 
_diffrn_radiation.pdbx_wavelength                  ? 
_diffrn_radiation.pdbx_diffrn_protocol             'SINGLE WAVELENGTH' 
_diffrn_radiation.pdbx_analyzer                    ? 
_diffrn_radiation.pdbx_scattering_type             x-ray 
# 
_diffrn_radiation_wavelength.id           1 
_diffrn_radiation_wavelength.wavelength   1.03319 
_diffrn_radiation_wavelength.wt           1.0 
# 
_diffrn_source.current                     ? 
_diffrn_source.details                     ? 
_diffrn_source.diffrn_id                   1 
_diffrn_source.power                       ? 
_diffrn_source.size                        ? 
_diffrn_source.source                      SYNCHROTRON 
_diffrn_source.target                      ? 
_diffrn_source.type                        'APS BEAMLINE 23-ID-D' 
_diffrn_source.voltage                     ? 
_diffrn_source.take-off_angle              ? 
_diffrn_source.pdbx_wavelength_list        1.03319 
_diffrn_source.pdbx_wavelength             ? 
_diffrn_source.pdbx_synchrotron_beamline   23-ID-D 
_diffrn_source.pdbx_synchrotron_site       APS 
# 
_reflns.B_iso_Wilson_estimate            20.64 
_reflns.entry_id                         7KH3 
_reflns.data_reduction_details           ? 
_reflns.data_reduction_method            ? 
_reflns.d_resolution_high                1.5 
_reflns.d_resolution_low                 45.56 
_reflns.details                          ? 
_reflns.limit_h_max                      ? 
_reflns.limit_h_min                      ? 
_reflns.limit_k_max                      ? 
_reflns.limit_k_min                      ? 
_reflns.limit_l_max                      ? 
_reflns.limit_l_min                      ? 
_reflns.number_all                       ? 
_reflns.number_obs                       28524 
_reflns.observed_criterion               ? 
_reflns.observed_criterion_F_max         ? 
_reflns.observed_criterion_F_min         ? 
_reflns.observed_criterion_I_max         ? 
_reflns.observed_criterion_I_min         ? 
_reflns.observed_criterion_sigma_F       ? 
_reflns.observed_criterion_sigma_I       ? 
_reflns.percent_possible_obs             97.34 
_reflns.R_free_details                   ? 
_reflns.Rmerge_F_all                     ? 
_reflns.Rmerge_F_obs                     ? 
_reflns.Friedel_coverage                 ? 
_reflns.number_gt                        ? 
_reflns.threshold_expression             ? 
_reflns.pdbx_redundancy                  2.0 
_reflns.pdbx_Rmerge_I_obs                ? 
_reflns.pdbx_Rmerge_I_all                ? 
_reflns.pdbx_Rsym_value                  ? 
_reflns.pdbx_netI_over_av_sigmaI         ? 
_reflns.pdbx_netI_over_sigmaI            18.15 
_reflns.pdbx_res_netI_over_av_sigmaI_2   ? 
_reflns.pdbx_res_netI_over_sigmaI_2      ? 
_reflns.pdbx_chi_squared                 ? 
_reflns.pdbx_scaling_rejects             ? 
_reflns.pdbx_d_res_high_opt              ? 
_reflns.pdbx_d_res_low_opt               ? 
_reflns.pdbx_d_res_opt_method            ? 
_reflns.phase_calculation_details        ? 
_reflns.pdbx_Rrim_I_all                  ? 
_reflns.pdbx_Rpim_I_all                  ? 
_reflns.pdbx_d_opt                       ? 
_reflns.pdbx_number_measured_all         ? 
_reflns.pdbx_diffrn_id                   1 
_reflns.pdbx_ordinal                     1 
_reflns.pdbx_CC_half                     0.999 
_reflns.pdbx_CC_star                     ? 
_reflns.pdbx_R_split                     ? 
# 
_reflns_shell.d_res_high                  1.5 
_reflns_shell.d_res_low                   1.554 
_reflns_shell.meanI_over_sigI_all         ? 
_reflns_shell.meanI_over_sigI_obs         ? 
_reflns_shell.number_measured_all         ? 
_reflns_shell.number_measured_obs         ? 
_reflns_shell.number_possible             ? 
_reflns_shell.number_unique_all           ? 
_reflns_shell.number_unique_obs           2750 
_reflns_shell.percent_possible_all        ? 
_reflns_shell.percent_possible_obs        ? 
_reflns_shell.Rmerge_F_all                ? 
_reflns_shell.Rmerge_F_obs                ? 
_reflns_shell.Rmerge_I_all                ? 
_reflns_shell.Rmerge_I_obs                ? 
_reflns_shell.meanI_over_sigI_gt          ? 
_reflns_shell.meanI_over_uI_all           ? 
_reflns_shell.meanI_over_uI_gt            ? 
_reflns_shell.number_measured_gt          ? 
_reflns_shell.number_unique_gt            ? 
_reflns_shell.percent_possible_gt         ? 
_reflns_shell.Rmerge_F_gt                 ? 
_reflns_shell.Rmerge_I_gt                 ? 
_reflns_shell.pdbx_redundancy             ? 
_reflns_shell.pdbx_Rsym_value             ? 
_reflns_shell.pdbx_chi_squared            ? 
_reflns_shell.pdbx_netI_over_sigmaI_all   ? 
_reflns_shell.pdbx_netI_over_sigmaI_obs   ? 
_reflns_shell.pdbx_Rrim_I_all             ? 
_reflns_shell.pdbx_Rpim_I_all             ? 
_reflns_shell.pdbx_rejects                ? 
_reflns_shell.pdbx_ordinal                1 
_reflns_shell.pdbx_diffrn_id              1 
_reflns_shell.pdbx_CC_half                0.876 
_reflns_shell.pdbx_CC_star                ? 
_reflns_shell.pdbx_R_split                ? 
# 
_refine.aniso_B[1][1]                            ? 
_refine.aniso_B[1][2]                            ? 
_refine.aniso_B[1][3]                            ? 
_refine.aniso_B[2][2]                            ? 
_refine.aniso_B[2][3]                            ? 
_refine.aniso_B[3][3]                            ? 
_refine.B_iso_max                                ? 
_refine.B_iso_mean                               28.51 
_refine.B_iso_min                                ? 
_refine.correlation_coeff_Fo_to_Fc               ? 
_refine.correlation_coeff_Fo_to_Fc_free          ? 
_refine.details                                  ? 
_refine.diff_density_max                         ? 
_refine.diff_density_max_esd                     ? 
_refine.diff_density_min                         ? 
_refine.diff_density_min_esd                     ? 
_refine.diff_density_rms                         ? 
_refine.diff_density_rms_esd                     ? 
_refine.entry_id                                 7KH3 
_refine.pdbx_refine_id                           'X-RAY DIFFRACTION' 
_refine.ls_abs_structure_details                 ? 
_refine.ls_abs_structure_Flack                   ? 
_refine.ls_abs_structure_Flack_esd               ? 
_refine.ls_abs_structure_Rogers                  ? 
_refine.ls_abs_structure_Rogers_esd              ? 
_refine.ls_d_res_high                            1.50 
_refine.ls_d_res_low                             45.56 
_refine.ls_extinction_coef                       ? 
_refine.ls_extinction_coef_esd                   ? 
_refine.ls_extinction_expression                 ? 
_refine.ls_extinction_method                     ? 
_refine.ls_goodness_of_fit_all                   ? 
_refine.ls_goodness_of_fit_all_esd               ? 
_refine.ls_goodness_of_fit_obs                   ? 
_refine.ls_goodness_of_fit_obs_esd               ? 
_refine.ls_hydrogen_treatment                    ? 
_refine.ls_matrix_type                           ? 
_refine.ls_number_constraints                    ? 
_refine.ls_number_parameters                     ? 
_refine.ls_number_reflns_all                     ? 
_refine.ls_number_reflns_obs                     28524 
_refine.ls_number_reflns_R_free                  2003 
_refine.ls_number_reflns_R_work                  26521 
_refine.ls_number_restraints                     ? 
_refine.ls_percent_reflns_obs                    97.35 
_refine.ls_percent_reflns_R_free                 7.02 
_refine.ls_R_factor_all                          ? 
_refine.ls_R_factor_obs                          0.1769 
_refine.ls_R_factor_R_free                       0.1978 
_refine.ls_R_factor_R_free_error                 ? 
_refine.ls_R_factor_R_free_error_details         ? 
_refine.ls_R_factor_R_work                       0.1753 
_refine.ls_R_Fsqd_factor_obs                     ? 
_refine.ls_R_I_factor_obs                        ? 
_refine.ls_redundancy_reflns_all                 ? 
_refine.ls_redundancy_reflns_obs                 ? 
_refine.ls_restrained_S_all                      ? 
_refine.ls_restrained_S_obs                      ? 
_refine.ls_shift_over_esd_max                    ? 
_refine.ls_shift_over_esd_mean                   ? 
_refine.ls_structure_factor_coef                 ? 
_refine.ls_weighting_details                     ? 
_refine.ls_weighting_scheme                      ? 
_refine.ls_wR_factor_all                         ? 
_refine.ls_wR_factor_obs                         ? 
_refine.ls_wR_factor_R_free                      ? 
_refine.ls_wR_factor_R_work                      ? 
_refine.occupancy_max                            ? 
_refine.occupancy_min                            ? 
_refine.solvent_model_details                    'FLAT BULK SOLVENT MODEL' 
_refine.solvent_model_param_bsol                 ? 
_refine.solvent_model_param_ksol                 ? 
_refine.pdbx_R_complete                          ? 
_refine.ls_R_factor_gt                           ? 
_refine.ls_goodness_of_fit_gt                    ? 
_refine.ls_goodness_of_fit_ref                   ? 
_refine.ls_shift_over_su_max                     ? 
_refine.ls_shift_over_su_max_lt                  ? 
_refine.ls_shift_over_su_mean                    ? 
_refine.ls_shift_over_su_mean_lt                 ? 
_refine.pdbx_ls_sigma_I                          ? 
_refine.pdbx_ls_sigma_F                          1.34 
_refine.pdbx_ls_sigma_Fsqd                       ? 
_refine.pdbx_data_cutoff_high_absF               ? 
_refine.pdbx_data_cutoff_high_rms_absF           ? 
_refine.pdbx_data_cutoff_low_absF                ? 
_refine.pdbx_isotropic_thermal_model             ? 
_refine.pdbx_ls_cross_valid_method               'FREE R-VALUE' 
_refine.pdbx_method_to_determine_struct          'MOLECULAR REPLACEMENT' 
_refine.pdbx_starting_model                      7KFO 
_refine.pdbx_stereochemistry_target_values       'GeoStd + Monomer Library + CDL v1.2' 
_refine.pdbx_R_Free_selection_details            ? 
_refine.pdbx_stereochem_target_val_spec_case     ? 
_refine.pdbx_overall_ESU_R                       ? 
_refine.pdbx_overall_ESU_R_Free                  ? 
_refine.pdbx_solvent_vdw_probe_radii             1.1100 
_refine.pdbx_solvent_ion_probe_radii             ? 
_refine.pdbx_solvent_shrinkage_radii             0.9000 
_refine.pdbx_real_space_R                        ? 
_refine.pdbx_density_correlation                 ? 
_refine.pdbx_pd_number_of_powder_patterns        ? 
_refine.pdbx_pd_number_of_points                 ? 
_refine.pdbx_pd_meas_number_of_points            ? 
_refine.pdbx_pd_proc_ls_prof_R_factor            ? 
_refine.pdbx_pd_proc_ls_prof_wR_factor           ? 
_refine.pdbx_pd_Marquardt_correlation_coeff      ? 
_refine.pdbx_pd_Fsqrd_R_factor                   ? 
_refine.pdbx_pd_ls_matrix_band_width             ? 
_refine.pdbx_overall_phase_error                 20.4978 
_refine.pdbx_overall_SU_R_free_Cruickshank_DPI   ? 
_refine.pdbx_overall_SU_R_free_Blow_DPI          ? 
_refine.pdbx_overall_SU_R_Blow_DPI               ? 
_refine.pdbx_TLS_residual_ADP_flag               ? 
_refine.pdbx_diffrn_id                           1 
_refine.overall_SU_B                             ? 
_refine.overall_SU_ML                            0.1524 
_refine.overall_SU_R_Cruickshank_DPI             ? 
_refine.overall_SU_R_free                        ? 
_refine.overall_FOM_free_R_set                   ? 
_refine.overall_FOM_work_R_set                   ? 
_refine.pdbx_average_fsc_overall                 ? 
_refine.pdbx_average_fsc_work                    ? 
_refine.pdbx_average_fsc_free                    ? 
# 
_refine_hist.pdbx_refine_id                   'X-RAY DIFFRACTION' 
_refine_hist.cycle_id                         LAST 
_refine_hist.details                          ? 
_refine_hist.d_res_high                       1.50 
_refine_hist.d_res_low                        45.56 
_refine_hist.number_atoms_solvent             127 
_refine_hist.number_atoms_total               1296 
_refine_hist.number_reflns_all                ? 
_refine_hist.number_reflns_obs                ? 
_refine_hist.number_reflns_R_free             ? 
_refine_hist.number_reflns_R_work             ? 
_refine_hist.R_factor_all                     ? 
_refine_hist.R_factor_obs                     ? 
_refine_hist.R_factor_R_free                  ? 
_refine_hist.R_factor_R_work                  ? 
_refine_hist.pdbx_number_residues_total       ? 
_refine_hist.pdbx_B_iso_mean_ligand           ? 
_refine_hist.pdbx_B_iso_mean_solvent          ? 
_refine_hist.pdbx_number_atoms_protein        1135 
_refine_hist.pdbx_number_atoms_nucleic_acid   0 
_refine_hist.pdbx_number_atoms_ligand         34 
_refine_hist.pdbx_number_atoms_lipid          ? 
_refine_hist.pdbx_number_atoms_carb           ? 
_refine_hist.pdbx_pseudo_atom_details         ? 
# 
loop_
_refine_ls_restr.pdbx_refine_id 
_refine_ls_restr.criterion 
_refine_ls_restr.dev_ideal 
_refine_ls_restr.dev_ideal_target 
_refine_ls_restr.number 
_refine_ls_restr.rejects 
_refine_ls_restr.type 
_refine_ls_restr.weight 
_refine_ls_restr.pdbx_restraint_function 
'X-RAY DIFFRACTION' ? 0.0076  ? 1384 ? f_bond_d           ? ? 
'X-RAY DIFFRACTION' ? 0.9321  ? 1892 ? f_angle_d          ? ? 
'X-RAY DIFFRACTION' ? 0.0512  ? 205  ? f_chiral_restr     ? ? 
'X-RAY DIFFRACTION' ? 0.0052  ? 252  ? f_plane_restr      ? ? 
'X-RAY DIFFRACTION' ? 30.2597 ? 203  ? f_dihedral_angle_d ? ? 
# 
loop_
_refine_ls_shell.pdbx_refine_id 
_refine_ls_shell.d_res_high 
_refine_ls_shell.d_res_low 
_refine_ls_shell.number_reflns_all 
_refine_ls_shell.number_reflns_obs 
_refine_ls_shell.number_reflns_R_free 
_refine_ls_shell.number_reflns_R_work 
_refine_ls_shell.percent_reflns_obs 
_refine_ls_shell.percent_reflns_R_free 
_refine_ls_shell.R_factor_all 
_refine_ls_shell.R_factor_obs 
_refine_ls_shell.R_factor_R_free 
_refine_ls_shell.R_factor_R_free_error 
_refine_ls_shell.R_factor_R_work 
_refine_ls_shell.redundancy_reflns_all 
_refine_ls_shell.redundancy_reflns_obs 
_refine_ls_shell.wR_factor_all 
_refine_ls_shell.wR_factor_obs 
_refine_ls_shell.wR_factor_R_free 
_refine_ls_shell.wR_factor_R_work 
_refine_ls_shell.pdbx_R_complete 
_refine_ls_shell.pdbx_total_number_of_bins_used 
_refine_ls_shell.pdbx_phase_error 
_refine_ls_shell.pdbx_fsc_work 
_refine_ls_shell.pdbx_fsc_free 
'X-RAY DIFFRACTION' 1.50 1.54  . . 137 1806 93.96 . . . 0.2657 . 0.2389 . . . . . . . . . . . 
'X-RAY DIFFRACTION' 1.54 1.58  . . 139 1849 96.27 . . . 0.2645 . 0.2213 . . . . . . . . . . . 
'X-RAY DIFFRACTION' 1.58 1.63  . . 143 1872 96.55 . . . 0.2637 . 0.2256 . . . . . . . . . . . 
'X-RAY DIFFRACTION' 1.63 1.68  . . 139 1848 96.27 . . . 0.2304 . 0.2136 . . . . . . . . . . . 
'X-RAY DIFFRACTION' 1.68 1.74  . . 140 1857 96.71 . . . 0.2393 . 0.2124 . . . . . . . . . . . 
'X-RAY DIFFRACTION' 1.74 1.81  . . 141 1867 96.91 . . . 0.2289 . 0.1901 . . . . . . . . . . . 
'X-RAY DIFFRACTION' 1.81 1.89  . . 143 1881 97.21 . . . 0.2389 . 0.1988 . . . . . . . . . . . 
'X-RAY DIFFRACTION' 1.89 1.99  . . 141 1899 97.70 . . . 0.1889 . 0.1857 . . . . . . . . . . . 
'X-RAY DIFFRACTION' 1.99 2.11  . . 142 1895 97.56 . . . 0.2101 . 0.1785 . . . . . . . . . . . 
'X-RAY DIFFRACTION' 2.11 2.28  . . 148 1897 98.22 . . . 0.2174 . 0.1724 . . . . . . . . . . . 
'X-RAY DIFFRACTION' 2.28 2.51  . . 141 1916 98.47 . . . 0.1990 . 0.1726 . . . . . . . . . . . 
'X-RAY DIFFRACTION' 2.51 2.87  . . 148 1934 98.72 . . . 0.2101 . 0.1818 . . . . . . . . . . . 
'X-RAY DIFFRACTION' 2.87 3.61  . . 149 1954 98.87 . . . 0.1829 . 0.1615 . . . . . . . . . . . 
'X-RAY DIFFRACTION' 3.62 45.56 . . 152 2046 99.37 . . . 0.1663 . 0.1589 . . . . . . . . . . . 
# 
_struct.entry_id                     7KH3 
_struct.title                        
'Crystal structure of the MarR family transcriptional regulator from Variovorax paradoxus bound to Indole 3 propionic acid' 
_struct.pdbx_model_details           ? 
_struct.pdbx_formula_weight          ? 
_struct.pdbx_formula_weight_method   ? 
_struct.pdbx_model_type_details      ? 
_struct.pdbx_CASP_flag               N 
# 
_struct_keywords.entry_id        7KH3 
_struct_keywords.text            'Transcriptional Regulator, Ligand Binding, DNA BINDING PROTEIN' 
_struct_keywords.pdbx_keywords   'DNA BINDING PROTEIN' 
# 
loop_
_struct_asym.id 
_struct_asym.pdbx_blank_PDB_chainid_flag 
_struct_asym.pdbx_modified 
_struct_asym.entity_id 
_struct_asym.details 
A N N 1 ? 
B N N 2 ? 
C N N 3 ? 
D N N 3 ? 
E N N 3 ? 
F N N 3 ? 
G N N 4 ? 
# 
loop_
_struct_conf.conf_type_id 
_struct_conf.id 
_struct_conf.pdbx_PDB_helix_id 
_struct_conf.beg_label_comp_id 
_struct_conf.beg_label_asym_id 
_struct_conf.beg_label_seq_id 
_struct_conf.pdbx_beg_PDB_ins_code 
_struct_conf.end_label_comp_id 
_struct_conf.end_label_asym_id 
_struct_conf.end_label_seq_id 
_struct_conf.pdbx_end_PDB_ins_code 
_struct_conf.beg_auth_comp_id 
_struct_conf.beg_auth_asym_id 
_struct_conf.beg_auth_seq_id 
_struct_conf.end_auth_comp_id 
_struct_conf.end_auth_asym_id 
_struct_conf.end_auth_seq_id 
_struct_conf.pdbx_PDB_helix_class 
_struct_conf.details 
_struct_conf.pdbx_PDB_helix_length 
HELX_P HELX_P1 AA1 ARG A 34  ? TYR A 39  ? ARG A 10  TYR A 15  1 ? 6  
HELX_P HELX_P2 AA2 TYR A 39  ? HIS A 62  ? TYR A 15  HIS A 38  1 ? 24 
HELX_P HELX_P3 AA3 SER A 65  ? ALA A 76  ? SER A 41  ALA A 52  1 ? 12 
HELX_P HELX_P4 AA4 ILE A 83  ? THR A 90  ? ILE A 59  THR A 66  1 ? 8  
HELX_P HELX_P5 AA5 LYS A 93  ? ARG A 107 ? LYS A 69  ARG A 83  1 ? 15 
HELX_P HELX_P6 AA6 THR A 127 ? GLU A 150 ? THR A 103 GLU A 126 1 ? 24 
HELX_P HELX_P7 AA7 PHE A 152 ? VAL A 172 ? PHE A 128 VAL A 148 1 ? 21 
# 
_struct_conf_type.id          HELX_P 
_struct_conf_type.criteria    ? 
_struct_conf_type.reference   ? 
# 
_struct_sheet.id               AA1 
_struct_sheet.type             ? 
_struct_sheet.number_strands   3 
_struct_sheet.details          ? 
# 
loop_
_struct_sheet_order.sheet_id 
_struct_sheet_order.range_id_1 
_struct_sheet_order.range_id_2 
_struct_sheet_order.offset 
_struct_sheet_order.sense 
AA1 1 2 ? anti-parallel 
AA1 2 3 ? anti-parallel 
# 
loop_
_struct_sheet_range.sheet_id 
_struct_sheet_range.id 
_struct_sheet_range.beg_label_comp_id 
_struct_sheet_range.beg_label_asym_id 
_struct_sheet_range.beg_label_seq_id 
_struct_sheet_range.pdbx_beg_PDB_ins_code 
_struct_sheet_range.end_label_comp_id 
_struct_sheet_range.end_label_asym_id 
_struct_sheet_range.end_label_seq_id 
_struct_sheet_range.pdbx_end_PDB_ins_code 
_struct_sheet_range.beg_auth_comp_id 
_struct_sheet_range.beg_auth_asym_id 
_struct_sheet_range.beg_auth_seq_id 
_struct_sheet_range.end_auth_comp_id 
_struct_sheet_range.end_auth_asym_id 
_struct_sheet_range.end_auth_seq_id 
AA1 1 ILE A 81  ? SER A 82  ? ILE A 57 SER A 58  
AA1 2 THR A 122 ? ILE A 126 ? THR A 98 ILE A 102 
AA1 3 VAL A 110 ? PRO A 114 ? VAL A 86 PRO A 90  
# 
loop_
_pdbx_struct_sheet_hbond.sheet_id 
_pdbx_struct_sheet_hbond.range_id_1 
_pdbx_struct_sheet_hbond.range_id_2 
_pdbx_struct_sheet_hbond.range_1_label_atom_id 
_pdbx_struct_sheet_hbond.range_1_label_comp_id 
_pdbx_struct_sheet_hbond.range_1_label_asym_id 
_pdbx_struct_sheet_hbond.range_1_label_seq_id 
_pdbx_struct_sheet_hbond.range_1_PDB_ins_code 
_pdbx_struct_sheet_hbond.range_1_auth_atom_id 
_pdbx_struct_sheet_hbond.range_1_auth_comp_id 
_pdbx_struct_sheet_hbond.range_1_auth_asym_id 
_pdbx_struct_sheet_hbond.range_1_auth_seq_id 
_pdbx_struct_sheet_hbond.range_2_label_atom_id 
_pdbx_struct_sheet_hbond.range_2_label_comp_id 
_pdbx_struct_sheet_hbond.range_2_label_asym_id 
_pdbx_struct_sheet_hbond.range_2_label_seq_id 
_pdbx_struct_sheet_hbond.range_2_PDB_ins_code 
_pdbx_struct_sheet_hbond.range_2_auth_atom_id 
_pdbx_struct_sheet_hbond.range_2_auth_comp_id 
_pdbx_struct_sheet_hbond.range_2_auth_asym_id 
_pdbx_struct_sheet_hbond.range_2_auth_seq_id 
AA1 1 2 N ILE A 81  ? N ILE A 57 O VAL A 124 ? O VAL A 100 
AA1 2 3 O LEU A 123 ? O LEU A 99 N LEU A 113 ? N LEU A 89  
# 
loop_
_struct_site.id 
_struct_site.pdbx_evidence_code 
_struct_site.pdbx_auth_asym_id 
_struct_site.pdbx_auth_comp_id 
_struct_site.pdbx_auth_seq_id 
_struct_site.pdbx_auth_ins_code 
_struct_site.pdbx_num_residues 
_struct_site.details 
AC1 Software A IOP 201 ? 13 'binding site for residue IOP A 201' 
AC2 Software A SO4 202 ? 12 'binding site for residue SO4 A 202' 
AC3 Software A SO4 203 ? 8  'binding site for residue SO4 A 203' 
AC4 Software A SO4 204 ? 5  'binding site for residue SO4 A 204' 
AC5 Software A SO4 205 ? 5  'binding site for residue SO4 A 205' 
# 
loop_
_struct_site_gen.id 
_struct_site_gen.site_id 
_struct_site_gen.pdbx_num_res 
_struct_site_gen.label_comp_id 
_struct_site_gen.label_asym_id 
_struct_site_gen.label_seq_id 
_struct_site_gen.pdbx_auth_ins_code 
_struct_site_gen.auth_comp_id 
_struct_site_gen.auth_asym_id 
_struct_site_gen.auth_seq_id 
_struct_site_gen.label_atom_id 
_struct_site_gen.label_alt_id 
_struct_site_gen.symmetry 
_struct_site_gen.details 
1  AC1 13 VAL A 36  ? VAL A 12  . ? 2_565  ? 
2  AC1 13 PRO A 41  ? PRO A 17  . ? 2_565  ? 
3  AC1 13 ALA A 42  ? ALA A 18  . ? 2_565  ? 
4  AC1 13 ALA A 45  ? ALA A 21  . ? 2_565  ? 
5  AC1 13 SER A 52  ? SER A 28  . ? 1_555  ? 
6  AC1 13 HIS A 56  ? HIS A 32  . ? 1_555  ? 
7  AC1 13 VAL A 66  ? VAL A 42  . ? 1_555  ? 
8  AC1 13 TRP A 69  ? TRP A 45  . ? 1_555  ? 
9  AC1 13 ARG A 70  ? ARG A 46  . ? 1_555  ? 
10 AC1 13 SER A 74  ? SER A 50  . ? 1_555  ? 
11 AC1 13 VAL A 89  ? VAL A 65  . ? 1_555  ? 
12 AC1 13 VAL A 91  ? VAL A 67  . ? 1_555  ? 
13 AC1 13 HOH G .   ? HOH A 301 . ? 1_555  ? 
14 AC2 12 ARG A 125 ? ARG A 101 . ? 1_555  ? 
15 AC2 12 ARG A 125 ? ARG A 101 . ? 14_555 ? 
16 AC2 12 THR A 127 ? THR A 103 . ? 14_555 ? 
17 AC2 12 THR A 127 ? THR A 103 . ? 1_555  ? 
18 AC2 12 ARG A 128 ? ARG A 104 . ? 14_555 ? 
19 AC2 12 ARG A 128 ? ARG A 104 . ? 1_555  ? 
20 AC2 12 HOH G .   ? HOH A 304 . ? 1_555  ? 
21 AC2 12 HOH G .   ? HOH A 304 . ? 14_555 ? 
22 AC2 12 HOH G .   ? HOH A 337 . ? 1_555  ? 
23 AC2 12 HOH G .   ? HOH A 337 . ? 14_555 ? 
24 AC2 12 HOH G .   ? HOH A 370 . ? 14_555 ? 
25 AC2 12 HOH G .   ? HOH A 370 . ? 1_555  ? 
26 AC3 8  ARG A 60  ? ARG A 36  . ? 3_556  ? 
27 AC3 8  SER A 65  ? SER A 41  . ? 3_556  ? 
28 AC3 8  VAL A 66  ? VAL A 42  . ? 3_556  ? 
29 AC3 8  ARG A 103 ? ARG A 79  . ? 1_555  ? 
30 AC3 8  HOH G .   ? HOH A 305 . ? 1_555  ? 
31 AC3 8  HOH G .   ? HOH A 316 . ? 1_555  ? 
32 AC3 8  HOH G .   ? HOH A 323 . ? 1_555  ? 
33 AC3 8  HOH G .   ? HOH A 389 . ? 1_555  ? 
34 AC4 5  SER A 53  ? SER A 29  . ? 1_555  ? 
35 AC4 5  HIS A 56  ? HIS A 32  . ? 1_555  ? 
36 AC4 5  ARG A 60  ? ARG A 36  . ? 1_555  ? 
37 AC4 5  ARG A 99  ? ARG A 75  . ? 3_556  ? 
38 AC4 5  HOH G .   ? HOH A 307 . ? 1_555  ? 
39 AC5 5  GLY A 63  ? GLY A 39  . ? 1_555  ? 
40 AC5 5  ARG A 107 ? ARG A 83  . ? 1_555  ? 
41 AC5 5  ARG A 107 ? ARG A 83  . ? 3_556  ? 
42 AC5 5  GLN A 109 ? GLN A 85  . ? 1_555  ? 
43 AC5 5  HOH G .   ? HOH A 390 . ? 1_555  ? 
# 
_atom_sites.entry_id                    7KH3 
_atom_sites.Cartn_transf_matrix[1][1]   ? 
_atom_sites.Cartn_transf_matrix[1][2]   ? 
_atom_sites.Cartn_transf_matrix[1][3]   ? 
_atom_sites.Cartn_transf_matrix[2][1]   ? 
_atom_sites.Cartn_transf_matrix[2][2]   ? 
_atom_sites.Cartn_transf_matrix[2][3]   ? 
_atom_sites.Cartn_transf_matrix[3][1]   ? 
_atom_sites.Cartn_transf_matrix[3][2]   ? 
_atom_sites.Cartn_transf_matrix[3][3]   ? 
_atom_sites.Cartn_transf_vector[1]      ? 
_atom_sites.Cartn_transf_vector[2]      ? 
_atom_sites.Cartn_transf_vector[3]      ? 
_atom_sites.fract_transf_matrix[1][1]   -0.01058683 
_atom_sites.fract_transf_matrix[1][2]   0.00862673 
_atom_sites.fract_transf_matrix[1][3]   0.01197621 
_atom_sites.fract_transf_matrix[2][1]   -0.00699255 
_atom_sites.fract_transf_matrix[2][2]   -0.00423494 
_atom_sites.fract_transf_matrix[2][3]   -0.00313082 
_atom_sites.fract_transf_matrix[3][1]   0.00129249 
_atom_sites.fract_transf_matrix[3][2]   -0.00637202 
_atom_sites.fract_transf_matrix[3][3]   0.00573246 
_atom_sites.fract_transf_vector[1]      0.078919 
_atom_sites.fract_transf_vector[2]      0.408965 
_atom_sites.fract_transf_vector[3]      0.375034 
_atom_sites.solution_primary            ? 
_atom_sites.solution_secondary          ? 
_atom_sites.solution_hydrogens          ? 
_atom_sites.special_details             ? 
# 
loop_
_atom_type.symbol 
_atom_type.scat_dispersion_real 
_atom_type.scat_dispersion_imag 
_atom_type.scat_Cromer_Mann_a1 
_atom_type.scat_Cromer_Mann_a2 
_atom_type.scat_Cromer_Mann_a3 
_atom_type.scat_Cromer_Mann_a4 
_atom_type.scat_Cromer_Mann_b1 
_atom_type.scat_Cromer_Mann_b2 
_atom_type.scat_Cromer_Mann_b3 
_atom_type.scat_Cromer_Mann_b4 
_atom_type.scat_Cromer_Mann_c 
_atom_type.scat_source 
_atom_type.scat_dispersion_source 
C   ? ? 3.54356 2.42580 ? ? 25.62398 1.50364  ? ? 0.0 
;2-Gaussian fit: Grosse-Kunstleve RW, Sauter NK, Adams PD: Newsletter of the IUCr Commission on Crystallographic Computing 2004, 3, 22-31.
;
? 
N   ? ? 4.01032 2.96436 ? ? 19.97189 1.75589  ? ? 0.0 
;2-Gaussian fit: Grosse-Kunstleve RW, Sauter NK, Adams PD: Newsletter of the IUCr Commission on Crystallographic Computing 2004, 3, 22-31.
;
? 
O   ? ? 4.49882 3.47563 ? ? 15.80542 1.70748  ? ? 0.0 
;2-Gaussian fit: Grosse-Kunstleve RW, Sauter NK, Adams PD: Newsletter of the IUCr Commission on Crystallographic Computing 2004, 3, 22-31.
;
? 
O1- ? ? 5.12366 3.84317 ? ? 3.49406  27.47979 ? ? 0.0 
;2-Gaussian fit: Grosse-Kunstleve RW, Sauter NK, Adams PD: Newsletter of the IUCr Commission on Crystallographic Computing 2004, 3, 22-31.
;
? 
S   ? ? 9.55732 6.39887 ? ? 1.23737  29.19336 ? ? 0.0 
;2-Gaussian fit: Grosse-Kunstleve RW, Sauter NK, Adams PD: Newsletter of the IUCr Commission on Crystallographic Computing 2004, 3, 22-31.
;
? 
# 
loop_
_atom_site.group_PDB 
_atom_site.id 
_atom_site.type_symbol 
_atom_site.label_atom_id 
_atom_site.label_alt_id 
_atom_site.label_comp_id 
_atom_site.label_asym_id 
_atom_site.label_entity_id 
_atom_site.label_seq_id 
_atom_site.pdbx_PDB_ins_code 
_atom_site.Cartn_x 
_atom_site.Cartn_y 
_atom_site.Cartn_z 
_atom_site.occupancy 
_atom_site.B_iso_or_equiv 
_atom_site.pdbx_formal_charge 
_atom_site.auth_seq_id 
_atom_site.auth_comp_id 
_atom_site.auth_asym_id 
_atom_site.auth_atom_id 
_atom_site.pdbx_PDB_model_num 
ATOM   1    N N     . ARG A 1 34  ? -14.72594 -13.75266 -25.13609 1.000 44.06664 ?  10  ARG A N     1 
ATOM   2    C CA    . ARG A 1 34  ? -14.90826 -14.44635 -23.86475 1.000 37.80148 ?  10  ARG A CA    1 
ATOM   3    C C     . ARG A 1 34  ? -15.23349 -13.46895 -22.74343 1.000 26.94221 ?  10  ARG A C     1 
ATOM   4    O O     . ARG A 1 34  ? -14.68018 -12.37271 -22.68544 1.000 32.14082 ?  10  ARG A O     1 
ATOM   5    C CB    . ARG A 1 34  ? -13.66206 -15.23246 -23.48077 1.000 36.90951 ?  10  ARG A CB    1 
ATOM   6    C CG    . ARG A 1 34  ? -13.10742 -16.15097 -24.53569 1.000 48.88618 ?  10  ARG A CG    1 
ATOM   7    C CD    . ARG A 1 34  ? -11.64928 -16.39822 -24.21495 1.000 54.24914 ?  10  ARG A CD    1 
ATOM   8    N NE    . ARG A 1 34  ? -11.48835 -16.93776 -22.86560 1.000 57.00944 ?  10  ARG A NE    1 
ATOM   9    C CZ    . ARG A 1 34  ? -10.32647 -16.98857 -22.22220 1.000 61.74071 ?  10  ARG A CZ    1 
ATOM   10   N NH1   . ARG A 1 34  ? -10.25895 -17.50276 -20.99819 1.000 42.95467 ?  10  ARG A NH1   1 
ATOM   11   N NH2   . ARG A 1 34  ? -9.23046  -16.51786 -22.80552 1.000 61.40841 ?  10  ARG A NH2   1 
ATOM   12   N N     . PHE A 1 35  ? -16.12062 -13.90767 -21.84688 1.000 31.98126 ?  11  PHE A N     1 
ATOM   13   C CA    . PHE A 1 35  ? -16.53185 -13.09034 -20.70920 1.000 30.38558 ?  11  PHE A CA    1 
ATOM   14   C C     . PHE A 1 35  ? -15.33808 -12.48719 -19.98794 1.000 22.92444 ?  11  PHE A C     1 
ATOM   15   O O     . PHE A 1 35  ? -15.29670 -11.28001 -19.72544 1.000 25.37718 ?  11  PHE A O     1 
ATOM   16   C CB    . PHE A 1 35  ? -17.33954 -13.93669 -19.73442 1.000 28.31167 ?  11  PHE A CB    1 
ATOM   17   C CG    . PHE A 1 35  ? -17.59236 -13.26768 -18.40881 1.000 28.96621 ?  11  PHE A CG    1 
ATOM   18   C CD1   . PHE A 1 35  ? -18.62813 -12.35843 -18.26582 1.000 30.64725 ?  11  PHE A CD1   1 
ATOM   19   C CD2   . PHE A 1 35  ? -16.80518 -13.55734 -17.30463 1.000 25.32228 ?  11  PHE A CD2   1 
ATOM   20   C CE1   . PHE A 1 35  ? -18.87178 -11.74840 -17.04355 1.000 30.45862 ?  11  PHE A CE1   1 
ATOM   21   C CE2   . PHE A 1 35  ? -17.04382 -12.94199 -16.08223 1.000 23.91356 ?  11  PHE A CE2   1 
ATOM   22   C CZ    . PHE A 1 35  ? -18.07971 -12.04986 -15.95010 1.000 26.86636 ?  11  PHE A CZ    1 
ATOM   23   N N     . VAL A 1 36  ? -14.35758 -13.32400 -19.64588 1.000 22.20874 ?  12  VAL A N     1 
ATOM   24   C CA    . VAL A 1 36  ? -13.30118 -12.86740 -18.75284 1.000 19.35247 ?  12  VAL A CA    1 
ATOM   25   C C     . VAL A 1 36  ? -12.37916 -11.86056 -19.42518 1.000 21.89615 ?  12  VAL A C     1 
ATOM   26   O O     . VAL A 1 36  ? -11.74647 -11.05524 -18.73299 1.000 23.84051 ?  12  VAL A O     1 
ATOM   27   C CB    . VAL A 1 36  ? -12.51696 -14.07336 -18.19473 1.000 20.63868 ?  12  VAL A CB    1 
ATOM   28   C CG1   . VAL A 1 36  ? -11.57834 -14.66592 -19.23943 1.000 21.95632 ?  12  VAL A CG1   1 
ATOM   29   C CG2   . VAL A 1 36  ? -11.72952 -13.66387 -16.95125 1.000 22.91148 ?  12  VAL A CG2   1 
ATOM   30   N N     . ASP A 1 37  ? -12.31996 -11.84012 -20.76112 1.000 22.60454 ?  13  ASP A N     1 
ATOM   31   C CA    . ASP A 1 37  ? -11.36874 -10.96306 -21.44183 1.000 24.24284 ?  13  ASP A CA    1 
ATOM   32   C C     . ASP A 1 37  ? -11.64772 -9.48732  -21.18355 1.000 22.07247 ?  13  ASP A C     1 
ATOM   33   O O     . ASP A 1 37  ? -10.72289 -8.66598  -21.23314 1.000 24.50191 ?  13  ASP A O     1 
ATOM   34   C CB    . ASP A 1 37  ? -11.39690 -11.21099 -22.95477 1.000 28.69849 ?  13  ASP A CB    1 
ATOM   35   C CG    . ASP A 1 37  ? -10.80961 -12.55407 -23.35072 1.000 50.24367 ?  13  ASP A CG    1 
ATOM   36   O OD1   . ASP A 1 37  ? -9.89852  -13.04904 -22.65263 1.000 42.85979 ?  13  ASP A OD1   1 
ATOM   37   O OD2   . ASP A 1 37  ? -11.26164 -13.10811 -24.37709 1.000 49.75796 -1 13  ASP A OD2   1 
ATOM   38   N N     A ASP A 1 38  ? -12.89374 -9.11034  -20.90333 0.573 22.27216 ?  14  ASP A N     1 
ATOM   39   N N     B ASP A 1 38  ? -12.91198 -9.13985  -20.92634 0.427 22.16309 ?  14  ASP A N     1 
ATOM   40   C CA    A ASP A 1 38  ? -13.20376 -7.69653  -20.70740 0.573 24.22800 ?  14  ASP A CA    1 
ATOM   41   C CA    B ASP A 1 38  ? -13.34913 -7.75804  -20.77412 0.427 24.48449 ?  14  ASP A CA    1 
ATOM   42   C C     A ASP A 1 38  ? -13.88922 -7.41035  -19.37732 0.573 19.68916 ?  14  ASP A C     1 
ATOM   43   C C     B ASP A 1 38  ? -14.19488 -7.58340  -19.51568 0.427 22.73040 ?  14  ASP A C     1 
ATOM   44   O O     A ASP A 1 38  ? -14.37228 -6.29567  -19.16694 0.573 20.91333 ?  14  ASP A O     1 
ATOM   45   O O     B ASP A 1 38  ? -15.09336 -6.74012  -19.47799 0.427 19.72153 ?  14  ASP A O     1 
ATOM   46   C CB    A ASP A 1 38  ? -14.07125 -7.18544  -21.85659 0.573 29.92069 ?  14  ASP A CB    1 
ATOM   47   C CB    B ASP A 1 38  ? -14.12135 -7.30214  -22.01562 0.427 29.91762 ?  14  ASP A CB    1 
ATOM   48   C CG    A ASP A 1 38  ? -15.46777 -7.73841  -21.80640 0.573 27.35903 ?  14  ASP A CG    1 
ATOM   49   C CG    B ASP A 1 38  ? -14.22406 -5.78746  -22.12963 0.427 32.83775 ?  14  ASP A CG    1 
ATOM   50   O OD1   A ASP A 1 38  ? -16.41580 -6.93855  -21.66514 0.573 40.26906 ?  14  ASP A OD1   1 
ATOM   51   O OD1   B ASP A 1 38  ? -13.17405 -5.11151  -22.15904 0.427 35.30330 ?  14  ASP A OD1   1 
ATOM   52   O OD2   A ASP A 1 38  ? -15.61619 -8.97237  -21.89444 0.573 39.04633 -1 14  ASP A OD2   1 
ATOM   53   O OD2   B ASP A 1 38  ? -15.36128 -5.27642  -22.20753 0.427 34.84645 -1 14  ASP A OD2   1 
ATOM   54   N N     . TYR A 1 39  ? -13.94074 -8.38012  -18.47505 1.000 18.26342 ?  15  TYR A N     1 
ATOM   55   C CA    . TYR A 1 39  ? -14.63473 -8.21654  -17.20429 1.000 19.06300 ?  15  TYR A CA    1 
ATOM   56   C C     . TYR A 1 39  ? -13.77307 -7.37664  -16.25725 1.000 16.59939 ?  15  TYR A C     1 
ATOM   57   O O     . TYR A 1 39  ? -12.68422 -7.80162  -15.86094 1.000 16.74300 ?  15  TYR A O     1 
ATOM   58   C CB    . TYR A 1 39  ? -14.95109 -9.60275  -16.63830 1.000 17.50092 ?  15  TYR A CB    1 
ATOM   59   C CG    . TYR A 1 39  ? -15.65788 -9.61655  -15.30126 1.000 17.48468 ?  15  TYR A CG    1 
ATOM   60   C CD1   . TYR A 1 39  ? -16.84686 -8.91083  -15.09664 1.000 17.46438 ?  15  TYR A CD1   1 
ATOM   61   C CD2   . TYR A 1 39  ? -15.15880 -10.38145 -14.25873 1.000 18.00437 ?  15  TYR A CD2   1 
ATOM   62   C CE1   . TYR A 1 39  ? -17.50140 -8.93273  -13.87200 1.000 17.51278 ?  15  TYR A CE1   1 
ATOM   63   C CE2   . TYR A 1 39  ? -15.79176 -10.40921 -13.01711 1.000 18.69362 ?  15  TYR A CE2   1 
ATOM   64   C CZ    . TYR A 1 39  ? -16.96977 -9.70146  -12.84061 1.000 17.78300 ?  15  TYR A CZ    1 
ATOM   65   O OH    . TYR A 1 39  ? -17.56800 -9.75948  -11.59837 1.000 20.75325 ?  15  TYR A OH    1 
ATOM   66   N N     . LEU A 1 40  ? -14.27691 -6.19588  -15.87838 1.000 19.18150 ?  16  LEU A N     1 
ATOM   67   C CA    . LEU A 1 40  ? -13.46868 -5.23670  -15.11254 1.000 16.77812 ?  16  LEU A CA    1 
ATOM   68   C C     . LEU A 1 40  ? -12.81193 -5.81795  -13.86087 1.000 17.05998 ?  16  LEU A C     1 
ATOM   69   O O     . LEU A 1 40  ? -11.61118 -5.57384  -13.65568 1.000 16.86088 ?  16  LEU A O     1 
ATOM   70   C CB    . LEU A 1 40  ? -14.29581 -3.99888  -14.72988 1.000 19.51671 ?  16  LEU A CB    1 
ATOM   71   C CG    . LEU A 1 40  ? -13.54570 -2.97273  -13.84923 1.000 20.65693 ?  16  LEU A CG    1 
ATOM   72   C CD1   . LEU A 1 40  ? -12.34789 -2.30072  -14.58343 1.000 21.30216 ?  16  LEU A CD1   1 
ATOM   73   C CD2   . LEU A 1 40  ? -14.49031 -1.90789  -13.25884 1.000 24.92910 ?  16  LEU A CD2   1 
ATOM   74   N N     . PRO A 1 41  ? -13.51241 -6.52650  -12.97229 1.000 15.77523 ?  17  PRO A N     1 
ATOM   75   C CA    . PRO A 1 41  ? -12.81503 -7.05163  -11.78337 1.000 15.77537 ?  17  PRO A CA    1 
ATOM   76   C C     . PRO A 1 41  ? -11.66209 -7.97357  -12.13735 1.000 16.14633 ?  17  PRO A C     1 
ATOM   77   O O     . PRO A 1 41  ? -10.60809 -7.94883  -11.47632 1.000 16.88693 ?  17  PRO A O     1 
ATOM   78   C CB    . PRO A 1 41  ? -13.92757 -7.78066  -11.00991 1.000 18.45655 ?  17  PRO A CB    1 
ATOM   79   C CG    . PRO A 1 41  ? -15.19192 -7.07380  -11.48462 1.000 19.54222 ?  17  PRO A CG    1 
ATOM   80   C CD    . PRO A 1 41  ? -14.96152 -6.79534  -12.91820 1.000 20.02973 ?  17  PRO A CD    1 
ATOM   81   N N     . ALA A 1 42  ? -11.82005 -8.78971  -13.18844 1.000 15.29733 ?  18  ALA A N     1 
ATOM   82   C CA    . ALA A 1 42  ? -10.70749 -9.64159  -13.58621 1.000 13.72288 ?  18  ALA A CA    1 
ATOM   83   C C     . ALA A 1 42  ? -9.54596  -8.82480  -14.13513 1.000 14.45493 ?  18  ALA A C     1 
ATOM   84   O O     . ALA A 1 42  ? -8.38241  -9.15691  -13.88587 1.000 15.70795 ?  18  ALA A O     1 
ATOM   85   C CB    . ALA A 1 42  ? -11.16815 -10.65011 -14.62860 1.000 16.94156 ?  18  ALA A CB    1 
ATOM   86   N N     . LEU A 1 43  ? -9.84374  -7.77032  -14.90329 1.000 15.75693 ?  19  LEU A N     1 
ATOM   87   C CA    . LEU A 1 43  ? -8.77012  -6.94301  -15.44467 1.000 14.40139 ?  19  LEU A CA    1 
ATOM   88   C C     . LEU A 1 43  ? -8.00910  -6.23134  -14.33460 1.000 14.27357 ?  19  LEU A C     1 
ATOM   89   O O     . LEU A 1 43  ? -6.77433  -6.19602  -14.33339 1.000 14.92545 ?  19  LEU A O     1 
ATOM   90   C CB    . LEU A 1 43  ? -9.33254  -5.91270  -16.42488 1.000 16.60215 ?  19  LEU A CB    1 
ATOM   91   C CG    . LEU A 1 43  ? -9.95681  -6.45773  -17.71194 1.000 19.34430 ?  19  LEU A CG    1 
ATOM   92   C CD1   . LEU A 1 43  ? -10.67445 -5.31383  -18.41796 1.000 23.25276 ?  19  LEU A CD1   1 
ATOM   93   C CD2   . LEU A 1 43  ? -8.87643  -7.03784  -18.60144 1.000 19.70508 ?  19  LEU A CD2   1 
ATOM   94   N N     . LEU A 1 44  ? -8.74204  -5.65763  -13.38119 1.000 15.65811 ?  20  LEU A N     1 
ATOM   95   C CA    . LEU A 1 44  ? -8.10139  -4.97666  -12.25502 1.000 15.85123 ?  20  LEU A CA    1 
ATOM   96   C C     . LEU A 1 44  ? -7.21095  -5.93173  -11.46579 1.000 14.59943 ?  20  LEU A C     1 
ATOM   97   O O     . LEU A 1 44  ? -6.07026  -5.59146  -11.10105 1.000 15.78938 ?  20  LEU A O     1 
ATOM   98   C CB    . LEU A 1 44  ? -9.17425  -4.38660  -11.33514 1.000 15.42112 ?  20  LEU A CB    1 
ATOM   99   C CG    . LEU A 1 44  ? -9.91802  -3.13236  -11.75745 1.000 15.25415 ?  20  LEU A CG    1 
ATOM   100  C CD1   . LEU A 1 44  ? -11.08658 -2.89474  -10.79289 1.000 16.22932 ?  20  LEU A CD1   1 
ATOM   101  C CD2   . LEU A 1 44  ? -8.96941  -1.93962  -11.79267 1.000 17.09672 ?  20  LEU A CD2   1 
ATOM   102  N N     . ALA A 1 45  ? -7.71577  -7.14663  -11.18861 1.000 14.39074 ?  21  ALA A N     1 
ATOM   103  C CA    . ALA A 1 45  ? -6.95778  -8.06435  -10.35200 1.000 14.03281 ?  21  ALA A CA    1 
ATOM   104  C C     . ALA A 1 45  ? -5.71336  -8.57432  -11.06006 1.000 13.48977 ?  21  ALA A C     1 
ATOM   105  O O     . ALA A 1 45  ? -4.65292  -8.73344  -10.42926 1.000 15.36895 ?  21  ALA A O     1 
ATOM   106  C CB    . ALA A 1 45  ? -7.85125  -9.22633  -9.89565  1.000 14.73133 ?  21  ALA A CB    1 
ATOM   107  N N     . GLN A 1 46  ? -5.81708  -8.84820  -12.37374 1.000 14.10929 ?  22  GLN A N     1 
ATOM   108  C CA    . GLN A 1 46  ? -4.63720  -9.31304  -13.08540 1.000 15.19596 ?  22  GLN A CA    1 
ATOM   109  C C     . GLN A 1 46  ? -3.58901  -8.21954  -13.18626 1.000 13.41562 ?  22  GLN A C     1 
ATOM   110  O O     . GLN A 1 46  ? -2.39626  -8.46759  -12.94320 1.000 14.84072 ?  22  GLN A O     1 
ATOM   111  C CB    . GLN A 1 46  ? -5.02280  -9.75988  -14.48755 1.000 14.12187 ?  22  GLN A CB    1 
ATOM   112  C CG    . GLN A 1 46  ? -5.83727  -11.06229 -14.52348 1.000 14.86564 ?  22  GLN A CG    1 
ATOM   113  C CD    . GLN A 1 46  ? -6.42072  -11.28266 -15.89553 1.000 18.08619 ?  22  GLN A CD    1 
ATOM   114  O OE1   . GLN A 1 46  ? -7.59351  -10.98575 -16.14453 1.000 21.34121 ?  22  GLN A OE1   1 
ATOM   115  N NE2   . GLN A 1 46  ? -5.59390  -11.76608 -16.80772 1.000 16.22014 ?  22  GLN A NE2   1 
ATOM   116  N N     . ALA A 1 47  ? -4.00558  -7.00232  -13.56408 1.000 13.92177 ?  23  ALA A N     1 
ATOM   117  C CA    . ALA A 1 47  ? -3.03014  -5.91661  -13.65376 1.000 12.41530 ?  23  ALA A CA    1 
ATOM   118  C C     . ALA A 1 47  ? -2.35569  -5.66455  -12.30379 1.000 15.00185 ?  23  ALA A C     1 
ATOM   119  O O     . ALA A 1 47  ? -1.12140  -5.51643  -12.21460 1.000 15.74283 ?  23  ALA A O     1 
ATOM   120  C CB    . ALA A 1 47  ? -3.70730  -4.64321  -14.14188 1.000 17.27978 ?  23  ALA A CB    1 
ATOM   121  N N     . SER A 1 48  ? -3.15898  -5.64774  -11.23700 1.000 14.76629 ?  24  SER A N     1 
ATOM   122  C CA    . SER A 1 48  ? -2.61969  -5.43075  -9.89975  1.000 15.09938 ?  24  SER A CA    1 
ATOM   123  C C     . SER A 1 48  ? -1.60001  -6.50747  -9.54497  1.000 14.68791 ?  24  SER A C     1 
ATOM   124  O O     . SER A 1 48  ? -0.49208  -6.20850  -9.09067  1.000 16.30856 ?  24  SER A O     1 
ATOM   125  C CB    . SER A 1 48  ? -3.78600  -5.41449  -8.91066  1.000 15.98733 ?  24  SER A CB    1 
ATOM   126  O OG    . SER A 1 48  ? -3.33674  -5.24107  -7.57442  1.000 17.69110 ?  24  SER A OG    1 
ATOM   127  N N     . GLN A 1 49  ? -1.94646  -7.78443  -9.76635  1.000 14.47042 ?  25  GLN A N     1 
ATOM   128  C CA    . GLN A 1 49  ? -1.01782  -8.84072  -9.38214  1.000 14.14020 ?  25  GLN A CA    1 
ATOM   129  C C     . GLN A 1 49  ? 0.28118   -8.76190  -10.16517 1.000 15.00504 ?  25  GLN A C     1 
ATOM   130  O O     . GLN A 1 49  ? 1.37115   -8.88778  -9.59174  1.000 14.78401 ?  25  GLN A O     1 
ATOM   131  C CB    . GLN A 1 49  ? -1.68331  -10.20179 -9.57507  1.000 16.52913 ?  25  GLN A CB    1 
ATOM   132  C CG    . GLN A 1 49  ? -0.75566  -11.39907 -9.24171  1.000 18.84274 ?  25  GLN A CG    1 
ATOM   133  C CD    . GLN A 1 49  ? 0.02953   -11.88815 -10.44285 1.000 21.91961 ?  25  GLN A CD    1 
ATOM   134  O OE1   . GLN A 1 49  ? -0.53944  -12.10348 -11.51356 1.000 25.29498 ?  25  GLN A OE1   1 
ATOM   135  N NE2   . GLN A 1 49  ? 1.33602   -12.05389 -10.28126 1.000 24.24856 ?  25  GLN A NE2   1 
ATOM   136  N N     . LEU A 1 50  ? 0.19053   -8.53785  -11.47971 1.000 15.22180 ?  26  LEU A N     1 
ATOM   137  C CA    . LEU A 1 50  ? 1.39927   -8.56407  -12.29709 1.000 16.46806 ?  26  LEU A CA    1 
ATOM   138  C C     . LEU A 1 50  ? 2.32720   -7.41507  -11.91713 1.000 17.59002 ?  26  LEU A C     1 
ATOM   139  O O     . LEU A 1 50  ? 3.54742   -7.60754  -11.72979 1.000 18.83123 ?  26  LEU A O     1 
ATOM   140  C CB    . LEU A 1 50  ? 1.01541   -8.51063  -13.78462 1.000 16.18023 ?  26  LEU A CB    1 
ATOM   141  C CG    . LEU A 1 50  ? 0.26693   -9.75924  -14.26162 1.000 15.97145 ?  26  LEU A CG    1 
ATOM   142  C CD1   . LEU A 1 50  ? -0.39541  -9.51347  -15.60821 1.000 17.48686 ?  26  LEU A CD1   1 
ATOM   143  C CD2   . LEU A 1 50  ? 1.21618   -10.96037 -14.34693 1.000 22.28553 ?  26  LEU A CD2   1 
ATOM   144  N N     A ILE A 1 51  ? 1.75002   -6.20997  -11.79126 0.433 16.67003 ?  27  ILE A N     1 
ATOM   145  N N     B ILE A 1 51  ? 1.78249   -6.21513  -11.72911 0.567 16.68383 ?  27  ILE A N     1 
ATOM   146  C CA    A ILE A 1 51  ? 2.52904   -5.01166  -11.49036 0.433 16.50762 ?  27  ILE A CA    1 
ATOM   147  C CA    B ILE A 1 51  ? 2.68356   -5.10938  -11.41547 0.567 16.49673 ?  27  ILE A CA    1 
ATOM   148  C C     A ILE A 1 51  ? 3.15350   -5.11835  -10.10746 0.433 18.57311 ?  27  ILE A C     1 
ATOM   149  C C     B ILE A 1 51  ? 3.23863   -5.24352  -10.00317 0.567 18.32371 ?  27  ILE A C     1 
ATOM   150  O O     A ILE A 1 51  ? 4.33216   -4.79178  -9.91158  0.433 18.85281 ?  27  ILE A O     1 
ATOM   151  O O     B ILE A 1 51  ? 4.44364   -5.05717  -9.78061  0.567 18.37707 ?  27  ILE A O     1 
ATOM   152  C CB    A ILE A 1 51  ? 1.63697   -3.76273  -11.61931 0.433 18.53326 ?  27  ILE A CB    1 
ATOM   153  C CB    B ILE A 1 51  ? 1.98371   -3.76590  -11.62767 0.567 17.85505 ?  27  ILE A CB    1 
ATOM   154  C CG1   A ILE A 1 51  ? 1.27116   -3.53512  -13.08518 0.433 21.25707 ?  27  ILE A CG1   1 
ATOM   155  C CG1   B ILE A 1 51  ? 1.66220   -3.59807  -13.09438 0.567 18.76112 ?  27  ILE A CG1   1 
ATOM   156  C CG2   A ILE A 1 51  ? 2.32397   -2.52894  -11.05069 0.433 22.90622 ?  27  ILE A CG2   1 
ATOM   157  C CG2   B ILE A 1 51  ? 2.87408   -2.61957  -11.18895 0.567 24.31244 ?  27  ILE A CG2   1 
ATOM   158  C CD1   A ILE A 1 51  ? 2.44687   -3.63762  -13.99220 0.433 16.15006 ?  27  ILE A CD1   1 
ATOM   159  C CD1   B ILE A 1 51  ? 0.68537   -2.56800  -13.25103 0.567 23.39282 ?  27  ILE A CD1   1 
ATOM   160  N N     A SER A 1 52  ? 2.37672   -5.59340  -9.12904  0.728 16.42022 ?  28  SER A N     1 
ATOM   161  N N     B SER A 1 52  ? 2.38235   -5.55913  -9.02544  0.272 16.80127 ?  28  SER A N     1 
ATOM   162  C CA    A SER A 1 52  ? 2.87270   -5.70066  -7.76060  0.728 18.05079 ?  28  SER A CA    1 
ATOM   163  C CA    B SER A 1 52  ? 2.86465   -5.65339  -7.65076  0.272 17.79104 ?  28  SER A CA    1 
ATOM   164  C C     A SER A 1 52  ? 3.91941   -6.79325  -7.60755  0.728 17.38613 ?  28  SER A C     1 
ATOM   165  C C     B SER A 1 52  ? 3.87941   -6.77964  -7.48971  0.272 17.10887 ?  28  SER A C     1 
ATOM   166  O O     A SER A 1 52  ? 4.87608   -6.63072  -6.84055  0.728 18.42604 ?  28  SER A O     1 
ATOM   167  O O     B SER A 1 52  ? 4.80937   -6.67185  -6.68141  0.272 18.45447 ?  28  SER A O     1 
ATOM   168  C CB    A SER A 1 52  ? 1.70632   -5.94663  -6.80827  0.728 19.51359 ?  28  SER A CB    1 
ATOM   169  C CB    B SER A 1 52  ? 1.68967   -5.83968  -6.69094  0.272 20.53386 ?  28  SER A CB    1 
ATOM   170  O OG    A SER A 1 52  ? 1.03752   -4.72108  -6.57861  0.728 21.14138 ?  28  SER A OG    1 
ATOM   171  O OG    B SER A 1 52  ? 0.98904   -7.03154  -6.96404  0.272 22.40089 ?  28  SER A OG    1 
ATOM   172  N N     A SER A 1 53  ? 3.74559   -7.92723  -8.28956  0.535 17.18265 ?  29  SER A N     1 
ATOM   173  N N     B SER A 1 53  ? 3.72439   -7.86672  -8.25157  0.281 17.45002 ?  29  SER A N     1 
ATOM   174  N N     C SER A 1 53  ? 3.69508   -7.86360  -8.39143  0.184 17.38110 ?  29  SER A N     1 
ATOM   175  C CA    A SER A 1 53  ? 4.71873   -9.00056  -8.13275  0.535 18.23687 ?  29  SER A CA    1 
ATOM   176  C CA    B SER A 1 53  ? 4.67799   -8.96775  -8.15453  0.281 18.27202 ?  29  SER A CA    1 
ATOM   177  C CA    C SER A 1 53  ? 4.66918   -8.91341  -8.12066  0.184 18.29685 ?  29  SER A CA    1 
ATOM   178  C C     A SER A 1 53  ? 6.09051   -8.56715  -8.62507  0.535 19.19962 ?  29  SER A C     1 
ATOM   179  C C     B SER A 1 53  ? 6.06584   -8.52844  -8.59747  0.281 19.10267 ?  29  SER A C     1 
ATOM   180  C C     C SER A 1 53  ? 6.06585   -8.49922  -8.57132  0.184 19.07031 ?  29  SER A C     1 
ATOM   181  O O     A SER A 1 53  ? 7.11460   -8.99898  -8.07643  0.535 18.90696 ?  29  SER A O     1 
ATOM   182  O O     B SER A 1 53  ? 7.07630   -8.94370  -8.01455  0.281 18.95483 ?  29  SER A O     1 
ATOM   183  O O     C SER A 1 53  ? 7.06394   -8.91285  -7.97519  0.184 18.94278 ?  29  SER A O     1 
ATOM   184  C CB    A SER A 1 53  ? 4.24276   -10.25583 -8.86177  0.535 19.79172 ?  29  SER A CB    1 
ATOM   185  C CB    B SER A 1 53  ? 4.20638   -10.15290 -8.99344  0.281 19.57274 ?  29  SER A CB    1 
ATOM   186  C CB    C SER A 1 53  ? 4.26018   -10.21114 -8.81174  0.184 19.74812 ?  29  SER A CB    1 
ATOM   187  O OG    A SER A 1 53  ? 3.11010   -10.80651 -8.20672  0.535 19.22872 ?  29  SER A OG    1 
ATOM   188  O OG    B SER A 1 53  ? 5.20869   -11.15121 -9.04647  0.281 20.23320 ?  29  SER A OG    1 
ATOM   189  O OG    C SER A 1 53  ? 4.24801   -10.03761 -10.21426 0.184 17.68716 ?  29  SER A OG    1 
ATOM   190  N N     . GLU A 1 54  ? 6.13267   -7.69928  -9.64064  1.000 17.98179 ?  30  GLU A N     1 
ATOM   191  C CA    . GLU A 1 54  ? 7.41805   -7.14556  -10.06317 1.000 18.07898 ?  30  GLU A CA    1 
ATOM   192  C C     . GLU A 1 54  ? 8.12492   -6.40567  -8.92656  1.000 19.79010 ?  30  GLU A C     1 
ATOM   193  O O     . GLU A 1 54  ? 9.32119   -6.60875  -8.67804  1.000 21.01452 ?  30  GLU A O     1 
ATOM   194  C CB    . GLU A 1 54  ? 7.20393   -6.19404  -11.23927 1.000 20.19568 ?  30  GLU A CB    1 
ATOM   195  C CG    . GLU A 1 54  ? 6.92398   -6.91963  -12.53899 1.000 21.14411 ?  30  GLU A CG    1 
ATOM   196  C CD    . GLU A 1 54  ? 6.63271   -5.97983  -13.68339 1.000 21.54404 ?  30  GLU A CD    1 
ATOM   197  O OE1   . GLU A 1 54  ? 6.79368   -4.74369  -13.53696 1.000 22.89282 ?  30  GLU A OE1   1 
ATOM   198  O OE2   . GLU A 1 54  ? 6.27527   -6.50631  -14.76068 1.000 23.30478 -1 30  GLU A OE2   1 
ATOM   199  N N     . PHE A 1 55  ? 7.40605   -5.52366  -8.23497  1.000 17.38209 ?  31  PHE A N     1 
ATOM   200  C CA    . PHE A 1 55  ? 8.06839   -4.74866  -7.20204  1.000 17.00753 ?  31  PHE A CA    1 
ATOM   201  C C     . PHE A 1 55  ? 8.35651   -5.58686  -5.96254  1.000 19.10397 ?  31  PHE A C     1 
ATOM   202  O O     . PHE A 1 55  ? 9.30917   -5.28704  -5.22371  1.000 17.94142 ?  31  PHE A O     1 
ATOM   203  C CB    . PHE A 1 55  ? 7.25082   -3.52304  -6.81151  1.000 17.48585 ?  31  PHE A CB    1 
ATOM   204  C CG    . PHE A 1 55  ? 8.05364   -2.58189  -5.96682  1.000 17.74890 ?  31  PHE A CG    1 
ATOM   205  C CD1   . PHE A 1 55  ? 9.09959   -1.88606  -6.55103  1.000 20.33717 ?  31  PHE A CD1   1 
ATOM   206  C CD2   . PHE A 1 55  ? 7.85399   -2.49088  -4.60357  1.000 25.30936 ?  31  PHE A CD2   1 
ATOM   207  C CE1   . PHE A 1 55  ? 9.92468   -1.06581  -5.79203  1.000 24.66970 ?  31  PHE A CE1   1 
ATOM   208  C CE2   . PHE A 1 55  ? 8.66008   -1.66097  -3.83948  1.000 21.16728 ?  31  PHE A CE2   1 
ATOM   209  C CZ    . PHE A 1 55  ? 9.68887   -0.94044  -4.44108  1.000 26.13518 ?  31  PHE A CZ    1 
ATOM   210  N N     . HIS A 1 56  ? 7.55966   -6.62942  -5.70232  1.000 17.20717 ?  32  HIS A N     1 
ATOM   211  C CA    . HIS A 1 56  ? 7.82796   -7.43351  -4.50778  1.000 16.74034 ?  32  HIS A CA    1 
ATOM   212  C C     . HIS A 1 56  ? 9.20960   -8.05784  -4.55216  1.000 19.15993 ?  32  HIS A C     1 
ATOM   213  O O     . HIS A 1 56  ? 9.83867   -8.24823  -3.50291  1.000 18.04966 ?  32  HIS A O     1 
ATOM   214  C CB    . HIS A 1 56  ? 6.75644   -8.50272  -4.34569  1.000 19.51470 ?  32  HIS A CB    1 
ATOM   215  C CG    . HIS A 1 56  ? 5.40752   -7.94118  -4.02345  1.000 21.55882 ?  32  HIS A CG    1 
ATOM   216  N ND1   . HIS A 1 56  ? 4.25007   -8.67610  -4.13411  1.000 23.20462 ?  32  HIS A ND1   1 
ATOM   217  C CD2   . HIS A 1 56  ? 5.03453   -6.71325  -3.58901  1.000 21.09594 ?  32  HIS A CD2   1 
ATOM   218  C CE1   . HIS A 1 56  ? 3.21736   -7.92673  -3.78846  1.000 22.50628 ?  32  HIS A CE1   1 
ATOM   219  N NE2   . HIS A 1 56  ? 3.66679   -6.73234  -3.44432  1.000 25.86432 ?  32  HIS A NE2   1 
ATOM   220  N N     A GLU A 1 57  ? 9.70752   -8.39024  -5.74295  0.448 19.59623 ?  33  GLU A N     1 
ATOM   221  N N     B GLU A 1 57  ? 9.71160   -8.37434  -5.74453  0.552 19.69295 ?  33  GLU A N     1 
ATOM   222  C CA    A GLU A 1 57  ? 11.06734  -8.91290  -5.82327  0.448 19.37132 ?  33  GLU A CA    1 
ATOM   223  C CA    B GLU A 1 57  ? 11.06598  -8.91153  -5.84355  0.552 19.34735 ?  33  GLU A CA    1 
ATOM   224  C C     A GLU A 1 57  ? 12.06655  -7.90192  -5.27300  0.448 21.10287 ?  33  GLU A C     1 
ATOM   225  C C     B GLU A 1 57  ? 12.08895  -7.90931  -5.31184  0.552 21.15156 ?  33  GLU A C     1 
ATOM   226  O O     A GLU A 1 57  ? 12.97869  -8.25114  -4.50953  0.448 22.86669 ?  33  GLU A O     1 
ATOM   227  O O     B GLU A 1 57  ? 13.03302  -8.26972  -4.58836  0.552 22.71899 ?  33  GLU A O     1 
ATOM   228  C CB    A GLU A 1 57  ? 11.41219  -9.27989  -7.26403  0.448 25.90192 ?  33  GLU A CB    1 
ATOM   229  C CB    B GLU A 1 57  ? 11.35314  -9.28460  -7.29670  0.552 25.82288 ?  33  GLU A CB    1 
ATOM   230  C CG    A GLU A 1 57  ? 12.75026  -9.98234  -7.36928  0.448 29.00484 ?  33  GLU A CG    1 
ATOM   231  C CG    B GLU A 1 57  ? 10.26314  -10.14752 -7.91379  0.552 29.73653 ?  33  GLU A CG    1 
ATOM   232  C CD    A GLU A 1 57  ? 12.98196  -10.60933 -8.72207  0.448 38.71302 ?  33  GLU A CD    1 
ATOM   233  C CD    B GLU A 1 57  ? 10.67627  -10.75165 -9.23626  0.552 38.81019 ?  33  GLU A CD    1 
ATOM   234  O OE1   A GLU A 1 57  ? 13.79296  -10.06066 -9.49524  0.448 43.00658 ?  33  GLU A OE1   1 
ATOM   235  O OE1   B GLU A 1 57  ? 11.60831  -10.21181 -9.86948  0.552 43.07602 ?  33  GLU A OE1   1 
ATOM   236  O OE2   A GLU A 1 57  ? 12.35378  -11.65027 -9.00997  0.448 45.67054 -1 33  GLU A OE2   1 
ATOM   237  O OE2   B GLU A 1 57  ? 10.07035  -11.76824 -9.63996  0.552 47.81908 -1 33  GLU A OE2   1 
ATOM   238  N N     . VAL A 1 58  ? 11.88974  -6.63154  -5.63287  1.000 19.14284 ?  34  VAL A N     1 
ATOM   239  C CA    . VAL A 1 58  ? 12.76479  -5.58095  -5.12659  1.000 19.77673 ?  34  VAL A CA    1 
ATOM   240  C C     . VAL A 1 58  ? 12.61458  -5.45348  -3.61774  1.000 21.10117 ?  34  VAL A C     1 
ATOM   241  O O     . VAL A 1 58  ? 13.59794  -5.36272  -2.86839  1.000 20.05507 ?  34  VAL A O     1 
ATOM   242  C CB    . VAL A 1 58  ? 12.44105  -4.25127  -5.82632  1.000 21.19457 ?  34  VAL A CB    1 
ATOM   243  C CG1   . VAL A 1 58  ? 13.36865  -3.17356  -5.33060  1.000 19.89974 ?  34  VAL A CG1   1 
ATOM   244  C CG2   . VAL A 1 58  ? 12.49937  -4.41624  -7.33903  1.000 24.39488 ?  34  VAL A CG2   1 
ATOM   245  N N     . ALA A 1 59  ? 11.36740  -5.43974  -3.14827  1.000 18.29250 ?  35  ALA A N     1 
ATOM   246  C CA    . ALA A 1 59  ? 11.13418  -5.28458  -1.71780  1.000 16.90822 ?  35  ALA A CA    1 
ATOM   247  C C     . ALA A 1 59  ? 11.85564  -6.37342  -0.92947  1.000 17.56935 ?  35  ALA A C     1 
ATOM   248  O O     . ALA A 1 59  ? 12.51681  -6.08452  0.07508   1.000 18.09498 ?  35  ALA A O     1 
ATOM   249  C CB    . ALA A 1 59  ? 9.63163   -5.29232  -1.42649  1.000 18.86897 ?  35  ALA A CB    1 
ATOM   250  N N     . ARG A 1 60  ? 11.74648  -7.63234  -1.37909  1.000 17.89506 ?  36  ARG A N     1 
ATOM   251  C CA    . ARG A 1 60  ? 12.37960  -8.72180  -0.63860  1.000 20.33783 ?  36  ARG A CA    1 
ATOM   252  C C     . ARG A 1 60  ? 13.89445  -8.65863  -0.73360  1.000 20.09608 ?  36  ARG A C     1 
ATOM   253  O O     . ARG A 1 60  ? 14.58393  -9.02030  0.23032   1.000 20.06186 ?  36  ARG A O     1 
ATOM   254  C CB    . ARG A 1 60  ? 11.88416  -10.08063 -1.11607  1.000 18.16881 ?  36  ARG A CB    1 
ATOM   255  C CG    . ARG A 1 60  ? 10.43443  -10.32096 -0.80141  1.000 17.93545 ?  36  ARG A CG    1 
ATOM   256  C CD    . ARG A 1 60  ? 10.03915  -11.71752 -1.19380  1.000 20.78207 ?  36  ARG A CD    1 
ATOM   257  N NE    . ARG A 1 60  ? 8.59004   -11.80408 -1.24800  1.000 25.38038 ?  36  ARG A NE    1 
ATOM   258  C CZ    . ARG A 1 60  ? 7.86681   -11.82778 -2.36190  1.000 23.16213 ?  36  ARG A CZ    1 
ATOM   259  N NH1   . ARG A 1 60  ? 6.55115   -11.87959 -2.26087  1.000 26.23611 ?  36  ARG A NH1   1 
ATOM   260  N NH2   . ARG A 1 60  ? 8.43969   -11.81140 -3.55899  1.000 24.61700 ?  36  ARG A NH2   1 
ATOM   261  N N     A GLN A 1 61  ? 14.44271  -8.22148  -1.87232  0.451 20.03947 ?  37  GLN A N     1 
ATOM   262  N N     B GLN A 1 61  ? 14.43308  -8.21247  -1.88097  0.549 20.05221 ?  37  GLN A N     1 
ATOM   263  C CA    A GLN A 1 61  ? 15.89536  -8.07964  -1.89467  0.451 21.80192 ?  37  GLN A CA    1 
ATOM   264  C CA    B GLN A 1 61  ? 15.87730  -8.00260  -1.97174  0.549 21.91520 ?  37  GLN A CA    1 
ATOM   265  C C     A GLN A 1 61  ? 16.38006  -6.92779  -1.01340  0.451 20.75893 ?  37  GLN A C     1 
ATOM   266  C C     B GLN A 1 61  ? 16.36015  -6.96977  -0.96124  0.549 20.76598 ?  37  GLN A C     1 
ATOM   267  O O     A GLN A 1 61  ? 17.58612  -6.82782  -0.75711  0.451 24.49741 ?  37  GLN A O     1 
ATOM   268  O O     B GLN A 1 61  ? 17.53324  -6.98569  -0.56433  0.549 24.65182 ?  37  GLN A O     1 
ATOM   269  C CB    A GLN A 1 61  ? 16.40552  -7.89975  -3.33055  0.451 26.04162 ?  37  GLN A CB    1 
ATOM   270  C CB    B GLN A 1 61  ? 16.25968  -7.56874  -3.38993  0.549 24.18235 ?  37  GLN A CB    1 
ATOM   271  C CG    A GLN A 1 61  ? 15.86088  -8.87871  -4.39163  0.451 30.52629 ?  37  GLN A CG    1 
ATOM   272  C CG    B GLN A 1 61  ? 16.50913  -8.72422  -4.34653  0.549 28.10780 ?  37  GLN A CG    1 
ATOM   273  C CD    A GLN A 1 61  ? 15.58322  -10.29879 -3.89277  0.451 33.99409 ?  37  GLN A CD    1 
ATOM   274  C CD    B GLN A 1 61  ? 16.37776  -8.31286  -5.80112  0.549 33.08555 ?  37  GLN A CD    1 
ATOM   275  O OE1   A GLN A 1 61  ? 16.49221  -10.99616 -3.43057  0.451 32.91183 ?  37  GLN A OE1   1 
ATOM   276  O OE1   B GLN A 1 61  ? 16.61003  -7.15287  -6.15519  0.549 36.62140 ?  37  GLN A OE1   1 
ATOM   277  N NE2   A GLN A 1 61  ? 14.32171  -10.74533 -4.02265  0.451 27.54147 ?  37  GLN A NE2   1 
ATOM   278  N NE2   B GLN A 1 61  ? 15.98864  -9.26001  -6.65318  0.549 33.91213 ?  37  GLN A NE2   1 
ATOM   279  N N     . HIS A 1 62  ? 15.48105  -6.06366  -0.53581  1.000 20.64912 ?  38  HIS A N     1 
ATOM   280  C CA    . HIS A 1 62  ? 15.81000  -5.06815  0.47493   1.000 21.04790 ?  38  HIS A CA    1 
ATOM   281  C C     . HIS A 1 62  ? 15.34867  -5.48219  1.87520   1.000 22.25404 ?  38  HIS A C     1 
ATOM   282  O O     . HIS A 1 62  ? 15.32727  -4.64953  2.78999   1.000 23.71601 ?  38  HIS A O     1 
ATOM   283  C CB    . HIS A 1 62  ? 15.24163  -3.69843  0.08496   1.000 23.42983 ?  38  HIS A CB    1 
ATOM   284  C CG    . HIS A 1 62  ? 15.97902  -3.06202  -1.04850  1.000 22.15895 ?  38  HIS A CG    1 
ATOM   285  N ND1   . HIS A 1 62  ? 15.85244  -3.48558  -2.35522  1.000 24.46007 ?  38  HIS A ND1   1 
ATOM   286  C CD2   . HIS A 1 62  ? 16.90375  -2.07102  -1.06065  1.000 28.34986 ?  38  HIS A CD2   1 
ATOM   287  C CE1   . HIS A 1 62  ? 16.64973  -2.76284  -3.12699  1.000 25.88878 ?  38  HIS A CE1   1 
ATOM   288  N NE2   . HIS A 1 62  ? 17.28903  -1.89346  -2.36678  1.000 32.86951 ?  38  HIS A NE2   1 
ATOM   289  N N     . GLY A 1 63  ? 14.99964  -6.75708  2.06429   1.000 19.45495 ?  39  GLY A N     1 
ATOM   290  C CA    . GLY A 1 63  ? 14.68356  -7.27487  3.38362   1.000 20.07514 ?  39  GLY A CA    1 
ATOM   291  C C     . GLY A 1 63  ? 13.26417  -7.06937  3.86810   1.000 22.99697 ?  39  GLY A C     1 
ATOM   292  O O     . GLY A 1 63  ? 12.98468  -7.34668  5.03553   1.000 23.37479 ?  39  GLY A O     1 
ATOM   293  N N     . PHE A 1 64  ? 12.35233  -6.62375  3.01547   1.000 19.11651 ?  40  PHE A N     1 
ATOM   294  C CA    . PHE A 1 64  ? 10.96981  -6.38176  3.40528   1.000 18.14789 ?  40  PHE A CA    1 
ATOM   295  C C     . PHE A 1 64  ? 10.08596  -7.53131  2.97407   1.000 17.55353 ?  40  PHE A C     1 
ATOM   296  O O     . PHE A 1 64  ? 10.20816  -8.02460  1.85451   1.000 17.42921 ?  40  PHE A O     1 
ATOM   297  C CB    . PHE A 1 64  ? 10.41912  -5.11170  2.74568   1.000 16.93686 ?  40  PHE A CB    1 
ATOM   298  C CG    . PHE A 1 64  ? 10.84598  -3.85009  3.40555   1.000 19.36723 ?  40  PHE A CG    1 
ATOM   299  C CD1   . PHE A 1 64  ? 12.14835  -3.40335  3.28060   1.000 20.61693 ?  40  PHE A CD1   1 
ATOM   300  C CD2   . PHE A 1 64  ? 9.93304   -3.07492  4.11220   1.000 23.07408 ?  40  PHE A CD2   1 
ATOM   301  C CE1   . PHE A 1 64  ? 12.54723  -2.21096  3.87987   1.000 24.93188 ?  40  PHE A CE1   1 
ATOM   302  C CE2   . PHE A 1 64  ? 10.32744  -1.88476  4.70993   1.000 25.12276 ?  40  PHE A CE2   1 
ATOM   303  C CZ    . PHE A 1 64  ? 11.63231  -1.46538  4.60098   1.000 25.26334 ?  40  PHE A CZ    1 
ATOM   304  N N     . SER A 1 65  ? 9.14503   -7.90530  3.83436   1.000 17.73257 ?  41  SER A N     1 
ATOM   305  C CA    . SER A 1 65  ? 8.02448   -8.69277  3.35023   1.000 16.39870 ?  41  SER A CA    1 
ATOM   306  C C     . SER A 1 65  ? 7.01068   -7.78518  2.66944   1.000 16.03293 ?  41  SER A C     1 
ATOM   307  O O     . SER A 1 65  ? 7.05657   -6.56737  2.82078   1.000 16.91038 ?  41  SER A O     1 
ATOM   308  C CB    . SER A 1 65  ? 7.35898   -9.44630  4.49803   1.000 20.06252 ?  41  SER A CB    1 
ATOM   309  O OG    . SER A 1 65  ? 6.57415   -8.54027  5.26365   1.000 21.77963 ?  41  SER A OG    1 
ATOM   310  N N     . VAL A 1 66  ? 6.07070   -8.39899  1.94840   1.000 17.67273 ?  42  VAL A N     1 
ATOM   311  C CA    . VAL A 1 66  ? 5.04281   -7.60115  1.28011   1.000 17.08593 ?  42  VAL A CA    1 
ATOM   312  C C     . VAL A 1 66  ? 4.23786   -6.78640  2.28596   1.000 17.43242 ?  42  VAL A C     1 
ATOM   313  O O     . VAL A 1 66  ? 4.00056   -5.58740  2.09068   1.000 16.98499 ?  42  VAL A O     1 
ATOM   314  C CB    . VAL A 1 66  ? 4.13013   -8.51415  0.44161   1.000 18.36245 ?  42  VAL A CB    1 
ATOM   315  C CG1   . VAL A 1 66  ? 2.93962   -7.72772  -0.14653  1.000 23.76613 ?  42  VAL A CG1   1 
ATOM   316  C CG2   . VAL A 1 66  ? 4.94372   -9.19079  -0.65536  1.000 22.31260 ?  42  VAL A CG2   1 
ATOM   317  N N     A SER A 1 67  ? 3.80962   -7.42245  3.38508   0.613 18.42291 ?  43  SER A N     1 
ATOM   318  N N     B SER A 1 67  ? 3.80105   -7.41241  3.38207   0.387 18.41174 ?  43  SER A N     1 
ATOM   319  C CA    A SER A 1 67  ? 2.95643   -6.73726  4.34824   0.613 18.90438 ?  43  SER A CA    1 
ATOM   320  C CA    B SER A 1 67  ? 2.94186   -6.69220  4.31494   0.387 18.95810 ?  43  SER A CA    1 
ATOM   321  C C     A SER A 1 67  ? 3.70938   -5.61866  5.05825   0.613 16.19433 ?  43  SER A C     1 
ATOM   322  C C     B SER A 1 67  ? 3.71085   -5.59995  5.05215   0.387 16.35460 ?  43  SER A C     1 
ATOM   323  O O     A SER A 1 67  ? 3.15593   -4.53633  5.28673   0.613 17.60304 ?  43  SER A O     1 
ATOM   324  O O     B SER A 1 67  ? 3.16689   -4.51790  5.30519   0.387 17.74789 ?  43  SER A O     1 
ATOM   325  C CB    A SER A 1 67  ? 2.39974   -7.74646  5.36078   0.613 21.52930 ?  43  SER A CB    1 
ATOM   326  C CB    B SER A 1 67  ? 2.30242   -7.66660  5.30356   0.387 21.85572 ?  43  SER A CB    1 
ATOM   327  O OG    A SER A 1 67  ? 1.47570   -8.62359  4.74057   0.613 24.04200 ?  43  SER A OG    1 
ATOM   328  O OG    B SER A 1 67  ? 3.29704   -8.44256  5.93359   0.387 20.59252 ?  43  SER A OG    1 
ATOM   329  N N     . GLU A 1 68  ? 4.98068   -5.85103  5.39102   1.000 17.73376 ?  44  GLU A N     1 
ATOM   330  C CA    . GLU A 1 68  ? 5.77830   -4.80187  6.01935   1.000 17.63615 ?  44  GLU A CA    1 
ATOM   331  C C     . GLU A 1 68  ? 5.92248   -3.60282  5.09278   1.000 16.49864 ?  44  GLU A C     1 
ATOM   332  O O     . GLU A 1 68  ? 5.82436   -2.44554  5.51994   1.000 17.42072 ?  44  GLU A O     1 
ATOM   333  C CB    . GLU A 1 68  ? 7.16426   -5.33953  6.37858   1.000 18.31198 ?  44  GLU A CB    1 
ATOM   334  C CG    . GLU A 1 68  ? 7.16602   -6.25631  7.59442   1.000 22.51713 ?  44  GLU A CG    1 
ATOM   335  C CD    . GLU A 1 68  ? 8.29113   -7.27740  7.55728   1.000 41.05675 ?  44  GLU A CD    1 
ATOM   336  O OE1   . GLU A 1 68  ? 9.20631   -7.13330  6.72055   1.000 28.36904 ?  44  GLU A OE1   1 
ATOM   337  O OE2   . GLU A 1 68  ? 8.25063   -8.23931  8.35892   1.000 43.01362 -1 44  GLU A OE2   1 
ATOM   338  N N     . TRP A 1 69  ? 6.18172   -3.86815  3.81244   1.000 15.66070 ?  45  TRP A N     1 
ATOM   339  C CA    . TRP A 1 69  ? 6.29856   -2.79326  2.83652   1.000 15.84748 ?  45  TRP A CA    1 
ATOM   340  C C     . TRP A 1 69  ? 4.98810   -2.02243  2.72301   1.000 17.00595 ?  45  TRP A C     1 
ATOM   341  O O     . TRP A 1 69  ? 4.98479   -0.78700  2.74802   1.000 15.35574 ?  45  TRP A O     1 
ATOM   342  C CB    . TRP A 1 69  ? 6.72656   -3.37437  1.49315   1.000 17.36502 ?  45  TRP A CB    1 
ATOM   343  C CG    . TRP A 1 69  ? 6.26474   -2.60075  0.29964   1.000 17.17777 ?  45  TRP A CG    1 
ATOM   344  C CD1   . TRP A 1 69  ? 5.35547   -3.01417  -0.63612  1.000 16.90549 ?  45  TRP A CD1   1 
ATOM   345  C CD2   . TRP A 1 69  ? 6.70292   -1.30169  -0.11264  1.000 16.58293 ?  45  TRP A CD2   1 
ATOM   346  N NE1   . TRP A 1 69  ? 5.19946   -2.04921  -1.60145  1.000 19.28913 ?  45  TRP A NE1   1 
ATOM   347  C CE2   . TRP A 1 69  ? 6.00719   -0.98190  -1.30068  1.000 17.87742 ?  45  TRP A CE2   1 
ATOM   348  C CE3   . TRP A 1 69  ? 7.61620   -0.38185  0.39863   1.000 17.16725 ?  45  TRP A CE3   1 
ATOM   349  C CZ2   . TRP A 1 69  ? 6.20298   0.22356   -1.98220  1.000 17.91547 ?  45  TRP A CZ2   1 
ATOM   350  C CZ3   . TRP A 1 69  ? 7.80455   0.82359   -0.27520  1.000 18.67008 ?  45  TRP A CZ3   1 
ATOM   351  C CH2   . TRP A 1 69  ? 7.10530   1.11330   -1.44615  1.000 17.51135 ?  45  TRP A CH2   1 
ATOM   352  N N     . ARG A 1 70  ? 3.84790   -2.73356  2.63925   1.000 15.36019 ?  46  ARG A N     1 
ATOM   353  C CA    . ARG A 1 70  ? 2.58029   -2.01142  2.50978   1.000 15.08839 ?  46  ARG A CA    1 
ATOM   354  C C     . ARG A 1 70  ? 2.31812   -1.13471  3.72560   1.000 15.53836 ?  46  ARG A C     1 
ATOM   355  O O     . ARG A 1 70  ? 1.84561   -0.00212  3.58198   1.000 16.33995 ?  46  ARG A O     1 
ATOM   356  C CB    . ARG A 1 70  ? 1.39965   -2.96737  2.32566   1.000 16.01142 ?  46  ARG A CB    1 
ATOM   357  C CG    . ARG A 1 70  ? 1.35509   -3.65389  0.98764   1.000 16.99397 ?  46  ARG A CG    1 
ATOM   358  C CD    . ARG A 1 70  ? 0.08119   -4.48711  0.89056   1.000 17.57626 ?  46  ARG A CD    1 
ATOM   359  N NE    . ARG A 1 70  ? 0.14362   -5.41237  -0.23391  1.000 23.71418 ?  46  ARG A NE    1 
ATOM   360  C CZ    . ARG A 1 70  ? -0.81047  -6.28899  -0.52420  1.000 35.11956 ?  46  ARG A CZ    1 
ATOM   361  N NH1   . ARG A 1 70  ? -1.90207  -6.34711  0.22412   1.000 29.36037 ?  46  ARG A NH1   1 
ATOM   362  N NH2   . ARG A 1 70  ? -0.67356  -7.10718  -1.55776  1.000 36.06542 ?  46  ARG A NH2   1 
ATOM   363  N N     . VAL A 1 71  ? 2.58892   -1.64785  4.93622   1.000 16.47781 ?  47  VAL A N     1 
ATOM   364  C CA    . VAL A 1 71  ? 2.31362   -0.83264  6.12159   1.000 16.53495 ?  47  VAL A CA    1 
ATOM   365  C C     . VAL A 1 71  ? 3.21797   0.39265   6.15307   1.000 17.87635 ?  47  VAL A C     1 
ATOM   366  O O     . VAL A 1 71  ? 2.75675   1.52526   6.37216   1.000 18.73545 ?  47  VAL A O     1 
ATOM   367  C CB    . VAL A 1 71  ? 2.46226   -1.66782  7.40387   1.000 15.49118 ?  47  VAL A CB    1 
ATOM   368  C CG1   . VAL A 1 71  ? 2.51596   -0.73472  8.63824   1.000 17.71032 ?  47  VAL A CG1   1 
ATOM   369  C CG2   . VAL A 1 71  ? 1.31559   -2.64124  7.52762   1.000 18.42875 ?  47  VAL A CG2   1 
ATOM   370  N N     . MET A 1 72  ? 4.52552   0.19626   5.95544   1.000 16.52942 ?  48  MET A N     1 
ATOM   371  C CA    . MET A 1 72  ? 5.41396   1.35024   6.08426   1.000 17.23698 ?  48  MET A CA    1 
ATOM   372  C C     . MET A 1 72  ? 5.17624   2.36044   4.96887   1.000 19.14878 ?  48  MET A C     1 
ATOM   373  O O     . MET A 1 72  ? 5.17500   3.56976   5.21834   1.000 19.74425 ?  48  MET A O     1 
ATOM   374  C CB    . MET A 1 72  ? 6.86530   0.90147   6.13912   1.000 19.60777 ?  48  MET A CB    1 
ATOM   375  C CG    . MET A 1 72  ? 7.28904   0.54891   7.55651   1.000 25.10755 ?  48  MET A CG    1 
ATOM   376  S SD    . MET A 1 72  ? 9.03085   0.12719   7.70413   1.000 24.14541 ?  48  MET A SD    1 
ATOM   377  C CE    . MET A 1 72  ? 8.89761   -1.65032  7.78759   1.000 32.33206 ?  48  MET A CE    1 
ATOM   378  N N     . ALA A 1 73  ? 4.93565   1.89513   3.73448   1.000 15.79221 ?  49  ALA A N     1 
ATOM   379  C CA    . ALA A 1 73  ? 4.66224   2.82238   2.64075   1.000 18.05603 ?  49  ALA A CA    1 
ATOM   380  C C     . ALA A 1 73  ? 3.33336   3.54419   2.84643   1.000 19.07494 ?  49  ALA A C     1 
ATOM   381  O O     . ALA A 1 73  ? 3.19775   4.70922   2.44470   1.000 21.50021 ?  49  ALA A O     1 
ATOM   382  C CB    . ALA A 1 73  ? 4.67660   2.06404   1.30444   1.000 20.20436 ?  49  ALA A CB    1 
ATOM   383  N N     . SER A 1 74  ? 2.32725   2.87708   3.44359   1.000 18.54828 ?  50  SER A N     1 
ATOM   384  C CA    . SER A 1 74  ? 1.05709   3.55566   3.69908   1.000 17.97073 ?  50  SER A CA    1 
ATOM   385  C C     . SER A 1 74  ? 1.16120   4.58766   4.80039   1.000 20.96979 ?  50  SER A C     1 
ATOM   386  O O     . SER A 1 74  ? 0.42328   5.58137   4.78447   1.000 23.56766 ?  50  SER A O     1 
ATOM   387  C CB    . SER A 1 74  ? -0.02918  2.56768   4.05521   1.000 18.47983 ?  50  SER A CB    1 
ATOM   388  O OG    . SER A 1 74  ? -0.21167  1.59043   3.03571   1.000 18.65311 ?  50  SER A OG    1 
ATOM   389  N N     . LEU A 1 75  ? 2.05549   4.37315   5.75835   1.000 19.10880 ?  51  LEU A N     1 
ATOM   390  C CA    . LEU A 1 75  ? 2.16548   5.29734   6.87646   1.000 20.87000 ?  51  LEU A CA    1 
ATOM   391  C C     . LEU A 1 75  ? 3.16417   6.41238   6.61641   1.000 22.13472 ?  51  LEU A C     1 
ATOM   392  O O     . LEU A 1 75  ? 3.12243   7.43873   7.31373   1.000 23.27639 ?  51  LEU A O     1 
ATOM   393  C CB    . LEU A 1 75  ? 2.53178   4.51993   8.14231   1.000 17.27562 ?  51  LEU A CB    1 
ATOM   394  C CG    . LEU A 1 75  ? 1.46176   3.54965   8.66090   1.000 17.92465 ?  51  LEU A CG    1 
ATOM   395  C CD1   . LEU A 1 75  ? 1.99541   2.73956   9.79506   1.000 18.63439 ?  51  LEU A CD1   1 
ATOM   396  C CD2   . LEU A 1 75  ? 0.19426   4.29824   9.06826   1.000 20.96808 ?  51  LEU A CD2   1 
ATOM   397  N N     . ALA A 1 76  ? 4.04147   6.25833   5.62862   1.000 21.86565 ?  52  ALA A N     1 
ATOM   398  C CA    . ALA A 1 76  ? 5.08574   7.25747   5.40809   1.000 23.70848 ?  52  ALA A CA    1 
ATOM   399  C C     . ALA A 1 76  ? 4.47357   8.60070   5.03576   1.000 28.53506 ?  52  ALA A C     1 
ATOM   400  O O     . ALA A 1 76  ? 3.63562   8.69401   4.13441   1.000 25.24311 ?  52  ALA A O     1 
ATOM   401  C CB    . ALA A 1 76  ? 6.04648   6.79042   4.31331   1.000 25.30850 ?  52  ALA A CB    1 
ATOM   402  N N     . GLY A 1 77  ? 4.88028   9.64278   5.75768   1.000 29.05230 ?  53  GLY A N     1 
ATOM   403  C CA    . GLY A 1 77  ? 4.34956   10.96447  5.50329   1.000 34.49132 ?  53  GLY A CA    1 
ATOM   404  C C     . GLY A 1 77  ? 2.89600   11.14510  5.85167   1.000 31.45013 ?  53  GLY A C     1 
ATOM   405  O O     . GLY A 1 77  ? 2.26600   12.08494  5.36207   1.000 38.15692 ?  53  GLY A O     1 
ATOM   406  N N     . SER A 1 78  ? 2.33642   10.27050  6.68702   1.000 27.68795 ?  54  SER A N     1 
ATOM   407  C CA    . SER A 1 78  ? 0.93967   10.35139  7.07778   1.000 25.97433 ?  54  SER A CA    1 
ATOM   408  C C     . SER A 1 78  ? 0.81635   10.73085  8.54932   1.000 26.60197 ?  54  SER A C     1 
ATOM   409  O O     . SER A 1 78  ? 1.66575   10.38579  9.37450   1.000 28.24856 ?  54  SER A O     1 
ATOM   410  C CB    . SER A 1 78  ? 0.22598   9.00848   6.82971   1.000 28.40390 ?  54  SER A CB    1 
ATOM   411  O OG    . SER A 1 78  ? -1.12875  9.02830   7.24643   1.000 29.48959 ?  54  SER A OG    1 
ATOM   412  N N     . GLU A 1 79  ? -0.25736  11.45032  8.85905   1.000 30.12498 ?  55  GLU A N     1 
ATOM   413  C CA    . GLU A 1 79  ? -0.73807  11.57453  10.22281  1.000 35.34247 ?  55  GLU A CA    1 
ATOM   414  C C     . GLU A 1 79  ? -1.14090  10.19036  10.73473  1.000 32.76865 ?  55  GLU A C     1 
ATOM   415  O O     . GLU A 1 79  ? -1.35823  9.27716   9.93802   1.000 31.14076 ?  55  GLU A O     1 
ATOM   416  C CB    . GLU A 1 79  ? -1.93822  12.52366  10.26759  1.000 39.63535 ?  55  GLU A CB    1 
ATOM   417  C CG    . GLU A 1 79  ? -3.06954  12.17766  9.28268   1.000 69.21486 ?  55  GLU A CG    1 
ATOM   418  C CD    . GLU A 1 79  ? -2.74907  12.53108  7.83142   1.000 77.22542 ?  55  GLU A CD    1 
ATOM   419  O OE1   . GLU A 1 79  ? -1.73470  13.22161  7.59249   1.000 75.89070 ?  55  GLU A OE1   1 
ATOM   420  O OE2   . GLU A 1 79  ? -3.50707  12.11135  6.92976   1.000 77.38937 -1 55  GLU A OE2   1 
ATOM   421  N N     . PRO A 1 80  ? -1.25330  10.00178  12.05369  1.000 26.67375 ?  56  PRO A N     1 
ATOM   422  C CA    . PRO A 1 80  ? -1.72938  8.70497   12.55669  1.000 28.28938 ?  56  PRO A CA    1 
ATOM   423  C C     . PRO A 1 80  ? -3.10810  8.37873   11.99804  1.000 30.27529 ?  56  PRO A C     1 
ATOM   424  O O     . PRO A 1 80  ? -3.97944  9.24460   11.90774  1.000 32.50274 ?  56  PRO A O     1 
ATOM   425  C CB    . PRO A 1 80  ? -1.76984  8.90111   14.07589  1.000 30.31459 ?  56  PRO A CB    1 
ATOM   426  C CG    . PRO A 1 80  ? -0.77316  9.99347   14.33351  1.000 30.51254 ?  56  PRO A CG    1 
ATOM   427  C CD    . PRO A 1 80  ? -0.89844  10.91625  13.15671  1.000 30.97150 ?  56  PRO A CD    1 
ATOM   428  N N     . ILE A 1 81  ? -3.29879  7.11718   11.59916  1.000 23.91890 ?  57  ILE A N     1 
ATOM   429  C CA    . ILE A 1 81  ? -4.57453  6.65224   11.06795  1.000 23.77717 ?  57  ILE A CA    1 
ATOM   430  C C     . ILE A 1 81  ? -5.04348  5.46531   11.89558  1.000 20.90094 ?  57  ILE A C     1 
ATOM   431  O O     . ILE A 1 81  ? -4.26734  4.83108   12.61022  1.000 22.30672 ?  57  ILE A O     1 
ATOM   432  C CB    . ILE A 1 81  ? -4.49413  6.27239   9.56943   1.000 26.91133 ?  57  ILE A CB    1 
ATOM   433  C CG1   . ILE A 1 81  ? -3.52563  5.10243   9.33075   1.000 24.66369 ?  57  ILE A CG1   1 
ATOM   434  C CG2   . ILE A 1 81  ? -4.08135  7.46219   8.72599   1.000 27.67354 ?  57  ILE A CG2   1 
ATOM   435  C CD1   . ILE A 1 81  ? -3.53537  4.64191   7.85681   1.000 24.18762 ?  57  ILE A CD1   1 
ATOM   436  N N     . SER A 1 82  ? -6.33475  5.16903   11.79776  1.000 23.37027 ?  58  SER A N     1 
ATOM   437  C CA    . SER A 1 82  ? -6.88432  4.06376   12.55618  1.000 21.27937 ?  58  SER A CA    1 
ATOM   438  C C     . SER A 1 82  ? -6.41264  2.72550   11.98904  1.000 23.83838 ?  58  SER A C     1 
ATOM   439  O O     . SER A 1 82  ? -6.01781  2.62283   10.82079  1.000 23.15042 ?  58  SER A O     1 
ATOM   440  C CB    . SER A 1 82  ? -8.41015  4.11862   12.54980  1.000 23.25812 ?  58  SER A CB    1 
ATOM   441  O OG    . SER A 1 82  ? -8.90976  3.67952   11.30043  1.000 26.35049 ?  58  SER A OG    1 
ATOM   442  N N     . ILE A 1 83  ? -6.49576  1.68812   12.82910  1.000 22.82624 ?  59  ILE A N     1 
ATOM   443  C CA    . ILE A 1 83  ? -6.20565  0.32674   12.38021  1.000 22.85287 ?  59  ILE A CA    1 
ATOM   444  C C     . ILE A 1 83  ? -7.10253  -0.05179  11.21388  1.000 27.54962 ?  59  ILE A C     1 
ATOM   445  O O     . ILE A 1 83  ? -6.65590  -0.69135  10.25572  1.000 22.03561 ?  59  ILE A O     1 
ATOM   446  C CB    . ILE A 1 83  ? -6.36946  -0.68580  13.53032  1.000 26.16621 ?  59  ILE A CB    1 
ATOM   447  C CG1   . ILE A 1 83  ? -5.64800  -0.22504  14.79575  1.000 37.79479 ?  59  ILE A CG1   1 
ATOM   448  C CG2   . ILE A 1 83  ? -5.91012  -2.07088  13.06949  1.000 34.15094 ?  59  ILE A CG2   1 
ATOM   449  C CD1   . ILE A 1 83  ? -4.18257  -0.33786  14.71242  1.000 37.47124 ?  59  ILE A CD1   1 
ATOM   450  N N     . GLY A 1 84  ? -8.38927  0.30137   11.29169  1.000 23.31696 ?  60  GLY A N     1 
ATOM   451  C CA    . GLY A 1 84  ? -9.30007  -0.03114  10.20677  1.000 23.83462 ?  60  GLY A CA    1 
ATOM   452  C C     . GLY A 1 84  ? -8.93220  0.65749   8.90626   1.000 20.03314 ?  60  GLY A C     1 
ATOM   453  O O     . GLY A 1 84  ? -8.99701  0.04735   7.82654   1.000 20.70171 ?  60  GLY A O     1 
ATOM   454  N N     . GLN A 1 85  ? -8.50733  1.92530   8.98585   1.000 20.32304 ?  61  GLN A N     1 
ATOM   455  C CA    . GLN A 1 85  ? -8.05494  2.62094   7.78377   1.000 21.69771 ?  61  GLN A CA    1 
ATOM   456  C C     . GLN A 1 85  ? -6.80454  1.96284   7.21398   1.000 19.43347 ?  61  GLN A C     1 
ATOM   457  O O     . GLN A 1 85  ? -6.66984  1.81897   5.99194   1.000 20.88935 ?  61  GLN A O     1 
ATOM   458  C CB    . GLN A 1 85  ? -7.77785  4.09768   8.08049   1.000 22.16505 ?  61  GLN A CB    1 
ATOM   459  C CG    . GLN A 1 85  ? -9.00476  4.91016   8.44569   1.000 34.90657 ?  61  GLN A CG    1 
ATOM   460  C CD    . GLN A 1 85  ? -8.64161  6.31943   8.85658   1.000 36.31999 ?  61  GLN A CD    1 
ATOM   461  O OE1   . GLN A 1 85  ? -8.05798  6.53949   9.91819   1.000 32.57302 ?  61  GLN A OE1   1 
ATOM   462  N NE2   . GLN A 1 85  ? -8.97063  7.28252   8.00870   1.000 49.95152 ?  61  GLN A NE2   1 
ATOM   463  N N     . LEU A 1 86  ? -5.85799  1.59929   8.08745   1.000 19.97253 ?  62  LEU A N     1 
ATOM   464  C CA    . LEU A 1 86  ? -4.64534  0.92431   7.63107   1.000 17.81822 ?  62  LEU A CA    1 
ATOM   465  C C     . LEU A 1 86  ? -4.97611  -0.39209  6.94826   1.000 18.83475 ?  62  LEU A C     1 
ATOM   466  O O     . LEU A 1 86  ? -4.39314  -0.72027  5.90622   1.000 16.84011 ?  62  LEU A O     1 
ATOM   467  C CB    . LEU A 1 86  ? -3.70579  0.68858   8.81176   1.000 17.67966 ?  62  LEU A CB    1 
ATOM   468  C CG    . LEU A 1 86  ? -2.34454  0.10490   8.42330   1.000 18.02911 ?  62  LEU A CG    1 
ATOM   469  C CD1   . LEU A 1 86  ? -1.55934  1.00960   7.50438   1.000 17.53211 ?  62  LEU A CD1   1 
ATOM   470  C CD2   . LEU A 1 86  ? -1.57510  -0.23741  9.67699   1.000 18.93656 ?  62  LEU A CD2   1 
ATOM   471  N N     . ALA A 1 87  ? -5.89998  -1.16060  7.52715   1.000 17.27034 ?  63  ALA A N     1 
ATOM   472  C CA    . ALA A 1 87  ? -6.31801  -2.42530  6.92498   1.000 16.59382 ?  63  ALA A CA    1 
ATOM   473  C C     . ALA A 1 87  ? -6.90780  -2.19736  5.53706   1.000 18.57365 ?  63  ALA A C     1 
ATOM   474  O O     . ALA A 1 87  ? -6.63404  -2.95639  4.59174   1.000 18.62250 ?  63  ALA A O     1 
ATOM   475  C CB    . ALA A 1 87  ? -7.33560  -3.13157  7.82772   1.000 17.64757 ?  63  ALA A CB    1 
ATOM   476  N N     . GLN A 1 88  ? -7.73678  -1.16678  5.38682   1.000 19.43872 ?  64  GLN A N     1 
ATOM   477  C CA    . GLN A 1 88  ? -8.30019  -0.91238  4.06605   1.000 16.95275 ?  64  GLN A CA    1 
ATOM   478  C C     . GLN A 1 88  ? -7.21635  -0.53545  3.04818   1.000 16.71862 ?  64  GLN A C     1 
ATOM   479  O O     . GLN A 1 88  ? -7.15019  -1.11605  1.95343   1.000 17.58333 ?  64  GLN A O     1 
ATOM   480  C CB    . GLN A 1 88  ? -9.36896  0.17745   4.15848   1.000 21.04216 ?  64  GLN A CB    1 
ATOM   481  C CG    . GLN A 1 88  ? -10.09956 0.44869   2.83181   1.000 21.29194 ?  64  GLN A CG    1 
ATOM   482  C CD    . GLN A 1 88  ? -9.40359  1.50357   1.99106   1.000 23.21699 ?  64  GLN A CD    1 
ATOM   483  O OE1   . GLN A 1 88  ? -9.06259  2.56896   2.48573   1.000 26.57953 ?  64  GLN A OE1   1 
ATOM   484  N NE2   . GLN A 1 88  ? -9.17617  1.20388   0.71784   1.000 19.79140 ?  64  GLN A NE2   1 
ATOM   485  N N     A VAL A 1 89  ? -6.34890  0.43060   3.38382   0.687 15.37044 ?  65  VAL A N     1 
ATOM   486  N N     B VAL A 1 89  ? -6.35890  0.43062   3.38617   0.313 15.37603 ?  65  VAL A N     1 
ATOM   487  C CA    A VAL A 1 89  ? -5.40474  0.91087   2.37341   0.687 16.44870 ?  65  VAL A CA    1 
ATOM   488  C CA    B VAL A 1 89  ? -5.38906  0.90554   2.40210   0.313 16.41520 ?  65  VAL A CA    1 
ATOM   489  C C     A VAL A 1 89  ? -4.33365  -0.13103  2.06066   0.687 15.77775 ?  65  VAL A C     1 
ATOM   490  C C     B VAL A 1 89  ? -4.39031  -0.19108  2.04468   0.313 15.96776 ?  65  VAL A C     1 
ATOM   491  O O     A VAL A 1 89  ? -3.82725  -0.17087  0.92833   0.687 17.56870 ?  65  VAL A O     1 
ATOM   492  O O     B VAL A 1 89  ? -4.00110  -0.33317  0.87853   0.313 16.55226 ?  65  VAL A O     1 
ATOM   493  C CB    A VAL A 1 89  ? -4.78044  2.26716   2.77849   0.687 16.83135 ?  65  VAL A CB    1 
ATOM   494  C CB    B VAL A 1 89  ? -4.69009  2.17886   2.90984   0.313 17.38561 ?  65  VAL A CB    1 
ATOM   495  C CG1   A VAL A 1 89  ? -3.88526  2.15111   4.00486   0.687 17.17580 ?  65  VAL A CG1   1 
ATOM   496  C CG1   B VAL A 1 89  ? -3.58620  2.59811   1.95126   0.313 15.37275 ?  65  VAL A CG1   1 
ATOM   497  C CG2   A VAL A 1 89  ? -4.02166  2.88378   1.60026   0.687 18.57764 ?  65  VAL A CG2   1 
ATOM   498  C CG2   B VAL A 1 89  ? -5.71237  3.29898   3.07491   0.313 17.55122 ?  65  VAL A CG2   1 
ATOM   499  N N     . THR A 1 90  ? -3.97427  -0.99529  3.02456   1.000 15.75036 ?  66  THR A N     1 
ATOM   500  C CA    . THR A 1 90  ? -3.03511  -2.08667  2.76121   1.000 15.90370 ?  66  THR A CA    1 
ATOM   501  C C     . THR A 1 90  ? -3.70878  -3.34309  2.24210   1.000 16.31190 ?  66  THR A C     1 
ATOM   502  O O     . THR A 1 90  ? -3.00292  -4.33241  2.02146   1.000 18.26483 ?  66  THR A O     1 
ATOM   503  C CB    . THR A 1 90  ? -2.23630  -2.47469  4.01597   1.000 15.18789 ?  66  THR A CB    1 
ATOM   504  O OG1   . THR A 1 90  ? -3.11096  -3.04936  5.00451   1.000 15.89169 ?  66  THR A OG1   1 
ATOM   505  C CG2   . THR A 1 90  ? -1.49853  -1.25870  4.57788   1.000 16.50223 ?  66  THR A CG2   1 
ATOM   506  N N     A VAL A 1 91  ? -5.03448  -3.32801  2.04349   0.586 15.29337 ?  67  VAL A N     1 
ATOM   507  N N     B VAL A 1 91  ? -5.02425  -3.31441  2.02907   0.414 15.34125 ?  67  VAL A N     1 
ATOM   508  C CA    A VAL A 1 91  ? -5.85949  -4.46923  1.62883   0.586 15.66048 ?  67  VAL A CA    1 
ATOM   509  C CA    B VAL A 1 91  ? -5.77109  -4.43705  1.47514   0.414 15.01079 ?  67  VAL A CA    1 
ATOM   510  C C     A VAL A 1 91  ? -5.46821  -5.72497  2.41039   0.586 18.36980 ?  67  VAL A C     1 
ATOM   511  C C     B VAL A 1 91  ? -5.40687  -5.69613  2.24572   0.414 17.74657 ?  67  VAL A C     1 
ATOM   512  O O     A VAL A 1 91  ? -5.32058  -6.82370  1.85294   0.586 20.15958 ?  67  VAL A O     1 
ATOM   513  O O     B VAL A 1 91  ? -5.02149  -6.72251  1.66803   0.414 20.72960 ?  67  VAL A O     1 
ATOM   514  C CB    A VAL A 1 91  ? -5.83499  -4.68442  0.09617   0.586 20.08318 ?  67  VAL A CB    1 
ATOM   515  C CB    B VAL A 1 91  ? -5.51785  -4.60776  -0.03019  0.414 14.22770 ?  67  VAL A CB    1 
ATOM   516  C CG1   A VAL A 1 91  ? -6.27970  -3.42654  -0.59508  0.586 22.56730 ?  67  VAL A CG1   1 
ATOM   517  C CG1   B VAL A 1 91  ? -6.65666  -5.42195  -0.61691  0.414 11.94607 ?  67  VAL A CG1   1 
ATOM   518  C CG2   A VAL A 1 91  ? -4.50095  -5.07863  -0.42936  0.586 25.81422 ?  67  VAL A CG2   1 
ATOM   519  C CG2   B VAL A 1 91  ? -5.39203  -3.24657  -0.70629  0.414 11.62631 ?  67  VAL A CG2   1 
ATOM   520  N N     A THR A 1 92  ? -5.37039  -5.57569  3.72672   0.586 16.14167 ?  68  THR A N     1 
ATOM   521  N N     B THR A 1 92  ? -5.49719  -5.61149  3.56116   0.414 16.44425 ?  68  THR A N     1 
ATOM   522  C CA    A THR A 1 92  ? -5.02746  -6.66384  4.63779   0.586 16.61337 ?  68  THR A CA    1 
ATOM   523  C CA    B THR A 1 92  ? -5.26380  -6.75790  4.41706   0.414 17.45514 ?  68  THR A CA    1 
ATOM   524  C C     A THR A 1 92  ? -6.10866  -6.77221  5.70838   0.586 17.19789 ?  68  THR A C     1 
ATOM   525  C C     B THR A 1 92  ? -6.34997  -6.80556  5.47491   0.414 21.29634 ?  68  THR A C     1 
ATOM   526  O O     A THR A 1 92  ? -6.53482  -5.74811  6.24316   0.586 20.19878 ?  68  THR A O     1 
ATOM   527  O O     B THR A 1 92  ? -6.98860  -5.79963  5.78902   0.414 22.01982 ?  68  THR A O     1 
ATOM   528  C CB    A THR A 1 92  ? -3.65651  -6.39342  5.27112   0.586 18.74292 ?  68  THR A CB    1 
ATOM   529  C CB    B THR A 1 92  ? -3.89624  -6.69285  5.07362   0.414 21.17432 ?  68  THR A CB    1 
ATOM   530  O OG1   A THR A 1 92  ? -2.69275  -6.16158  4.23396   0.586 18.71293 ?  68  THR A OG1   1 
ATOM   531  O OG1   B THR A 1 92  ? -3.75413  -5.41673  5.68830   0.414 24.16684 ?  68  THR A OG1   1 
ATOM   532  C CG2   A THR A 1 92  ? -3.21172  -7.55713  6.14882   0.586 15.86666 ?  68  THR A CG2   1 
ATOM   533  C CG2   B THR A 1 92  ? -2.81962  -6.85402  4.03495   0.414 19.40264 ?  68  THR A CG2   1 
ATOM   534  N N     . LYS A 1 93  ? -6.57179  -7.99606  6.00709   1.000 20.01303 ?  69  LYS A N     1 
ATOM   535  C CA    . LYS A 1 93  ? -7.61692  -8.17115  7.00971   1.000 19.46831 ?  69  LYS A CA    1 
ATOM   536  C C     . LYS A 1 93  ? -7.15559  -7.62455  8.35190   1.000 19.89002 ?  69  LYS A C     1 
ATOM   537  O O     . LYS A 1 93  ? -5.97086  -7.70111  8.69348   1.000 20.48087 ?  69  LYS A O     1 
ATOM   538  C CB    . LYS A 1 93  ? -8.02429  -9.64684  7.13435   1.000 25.40602 ?  69  LYS A CB    1 
ATOM   539  C CG    . LYS A 1 93  ? -8.29248  -10.30803 5.78261   1.000 35.08108 ?  69  LYS A CG    1 
ATOM   540  C CD    . LYS A 1 93  ? -9.00706  -11.65045 5.91081   1.000 44.58788 ?  69  LYS A CD    1 
ATOM   541  C CE    . LYS A 1 93  ? -8.02063  -12.79938 6.03706   1.000 53.05861 ?  69  LYS A CE    1 
ATOM   542  N NZ    . LYS A 1 93  ? -8.60490  -14.11325 5.62092   1.000 58.44766 ?  69  LYS A NZ    1 
ATOM   543  N N     . GLN A 1 94  ? -8.09787  -7.05236  9.10208   1.000 20.64003 ?  70  GLN A N     1 
ATOM   544  C CA    . GLN A 1 94  ? -7.72442  -6.34120  10.31973  1.000 22.73878 ?  70  GLN A CA    1 
ATOM   545  C C     . GLN A 1 94  ? -7.03988  -7.22953  11.36204  1.000 23.71460 ?  70  GLN A C     1 
ATOM   546  O O     . GLN A 1 94  ? -6.05411  -6.76421  11.96011  1.000 23.90449 ?  70  GLN A O     1 
ATOM   547  C CB    . GLN A 1 94  ? -8.95019  -5.62655  10.89460  1.000 26.01292 ?  70  GLN A CB    1 
ATOM   548  C CG    . GLN A 1 94  ? -8.61515  -4.65729  12.02073  1.000 40.18863 ?  70  GLN A CG    1 
ATOM   549  C CD    . GLN A 1 94  ? -9.69352  -3.60568  12.22184  1.000 45.95518 ?  70  GLN A CD    1 
ATOM   550  O OE1   . GLN A 1 94  ? -10.45228 -3.29664  11.30215  1.000 41.36932 ?  70  GLN A OE1   1 
ATOM   551  N NE2   . GLN A 1 94  ? -9.76486  -3.05081  13.42880  1.000 45.12980 ?  70  GLN A NE2   1 
ATOM   552  N N     . PRO A 1 95  ? -7.46445  -8.47680  11.62469  1.000 24.33656 ?  71  PRO A N     1 
ATOM   553  C CA    . PRO A 1 95  ? -6.69594  -9.30766  12.58482  1.000 22.89590 ?  71  PRO A CA    1 
ATOM   554  C C     . PRO A 1 95  ? -5.25609  -9.57359  12.14991  1.000 21.63055 ?  71  PRO A C     1 
ATOM   555  O O     . PRO A 1 95  ? -4.31532  -9.60803  12.97873  1.000 24.85712 ?  71  PRO A O     1 
ATOM   556  C CB    . PRO A 1 95  ? -7.52296  -10.60357 12.66248  1.000 24.20384 ?  71  PRO A CB    1 
ATOM   557  C CG    . PRO A 1 95  ? -8.90950  -10.20281 12.23558  1.000 26.06874 ?  71  PRO A CG    1 
ATOM   558  C CD    . PRO A 1 95  ? -8.71947  -9.12496  11.20137  1.000 25.79953 ?  71  PRO A CD    1 
ATOM   559  N N     . THR A 1 96  ? -5.05992  -9.71145  10.83695  1.000 19.74167 ?  72  THR A N     1 
ATOM   560  C CA    . THR A 1 96  ? -3.71929  -9.87349  10.29451  1.000 19.37114 ?  72  THR A CA    1 
ATOM   561  C C     . THR A 1 96  ? -2.88828  -8.61743  10.50843  1.000 19.21081 ?  72  THR A C     1 
ATOM   562  O O     . THR A 1 96  ? -1.70729  -8.70094  10.86670  1.000 18.91975 ?  72  THR A O     1 
ATOM   563  C CB    . THR A 1 96  ? -3.80551  -10.22181 8.80757   1.000 22.33659 ?  72  THR A CB    1 
ATOM   564  O OG1   . THR A 1 96  ? -4.53849  -11.44782 8.64985   1.000 23.75592 ?  72  THR A OG1   1 
ATOM   565  C CG2   . THR A 1 96  ? -2.44103  -10.39641 8.22452   1.000 20.51445 ?  72  THR A CG2   1 
ATOM   566  N N     . VAL A 1 97  ? -3.48926  -7.44607  10.27930  1.000 20.06442 ?  73  VAL A N     1 
ATOM   567  C CA    . VAL A 1 97  ? -2.79431  -6.18275  10.53147  1.000 19.68221 ?  73  VAL A CA    1 
ATOM   568  C C     . VAL A 1 97  ? -2.41658  -6.06781  11.99926  1.000 19.70199 ?  73  VAL A C     1 
ATOM   569  O O     . VAL A 1 97  ? -1.32608  -5.59881  12.33596  1.000 19.28413 ?  73  VAL A O     1 
ATOM   570  C CB    . VAL A 1 97  ? -3.66760  -4.98674  10.09657  1.000 20.90629 ?  73  VAL A CB    1 
ATOM   571  C CG1   . VAL A 1 97  ? -3.02188  -3.66704  10.51187  1.000 24.08655 ?  73  VAL A CG1   1 
ATOM   572  C CG2   . VAL A 1 97  ? -3.88538  -5.01469  8.62221   1.000 25.14270 ?  73  VAL A CG2   1 
ATOM   573  N N     . THR A 1 98  ? -3.31790  -6.45010  12.90316  1.000 20.91987 ?  74  THR A N     1 
ATOM   574  C CA    . THR A 1 98  ? -2.99189  -6.30545  14.32001  1.000 23.32215 ?  74  THR A CA    1 
ATOM   575  C C     . THR A 1 98  ? -1.78823  -7.16070  14.69640  1.000 20.46950 ?  74  THR A C     1 
ATOM   576  O O     . THR A 1 98  ? -0.88550  -6.69197  15.40609  1.000 19.71501 ?  74  THR A O     1 
ATOM   577  C CB    . THR A 1 98  ? -4.20628  -6.65440  15.16789  1.000 28.14159 ?  74  THR A CB    1 
ATOM   578  O OG1   . THR A 1 98  ? -5.20303  -5.65550  14.93761  1.000 32.06878 ?  74  THR A OG1   1 
ATOM   579  C CG2   . THR A 1 98  ? -3.83491  -6.65419  16.63662  1.000 33.17179 ?  74  THR A CG2   1 
ATOM   580  N N     A ARG A 1 99  ? -1.73976  -8.40503  14.21490  0.452 18.34694 ?  75  ARG A N     1 
ATOM   581  N N     B ARG A 1 99  ? -1.74536  -8.40848  14.21719  0.548 18.49703 ?  75  ARG A N     1 
ATOM   582  C CA    A ARG A 1 99  ? -0.56233  -9.23299  14.50190  0.452 17.00847 ?  75  ARG A CA    1 
ATOM   583  C CA    B ARG A 1 99  ? -0.57000  -9.24743  14.48355  0.548 17.10726 ?  75  ARG A CA    1 
ATOM   584  C C     A ARG A 1 99  ? 0.70836   -8.65377  13.86647  0.452 16.44754 ?  75  ARG A C     1 
ATOM   585  C C     B ARG A 1 99  ? 0.70215   -8.65481  13.86564  0.548 16.48033 ?  75  ARG A C     1 
ATOM   586  O O     A ARG A 1 99  ? 1.79585   -8.65270  14.48281  0.452 18.48605 ?  75  ARG A O     1 
ATOM   587  O O     B ARG A 1 99  ? 1.78673   -8.65752  14.48572  0.548 18.34995 ?  75  ARG A O     1 
ATOM   588  C CB    A ARG A 1 99  ? -0.82960  -10.66156 14.03527  0.452 19.80880 ?  75  ARG A CB    1 
ATOM   589  C CB    B ARG A 1 99  ? -0.82749  -10.66057 13.96274  0.548 19.71582 ?  75  ARG A CB    1 
ATOM   590  C CG    A ARG A 1 99  ? -1.94979  -11.30348 14.83728  0.452 24.79680 ?  75  ARG A CG    1 
ATOM   591  C CG    B ARG A 1 99  ? -1.90043  -11.38477 14.75576  0.548 24.77743 ?  75  ARG A CG    1 
ATOM   592  C CD    A ARG A 1 99  ? -2.28310  -12.69987 14.36240  0.452 35.96058 ?  75  ARG A CD    1 
ATOM   593  C CD    B ARG A 1 99  ? -2.08396  -12.80834 14.27251  0.548 36.24758 ?  75  ARG A CD    1 
ATOM   594  N NE    A ARG A 1 99  ? -3.35161  -13.28450 15.16534  0.452 31.14302 ?  75  ARG A NE    1 
ATOM   595  N NE    B ARG A 1 99  ? -2.84510  -12.87937 13.03192  0.548 30.48860 ?  75  ARG A NE    1 
ATOM   596  C CZ    A ARG A 1 99  ? -4.63096  -13.29574 14.80552  0.452 42.24305 ?  75  ARG A CZ    1 
ATOM   597  C CZ    B ARG A 1 99  ? -4.17193  -12.93004 12.97314  0.548 39.87449 ?  75  ARG A CZ    1 
ATOM   598  N NH1   A ARG A 1 99  ? -4.99898  -12.76267 13.64859  0.452 43.26737 ?  75  ARG A NH1   1 
ATOM   599  N NH1   B ARG A 1 99  ? -4.78304  -13.00225 11.79837  0.548 31.68453 ?  75  ARG A NH1   1 
ATOM   600  N NH2   A ARG A 1 99  ? -5.54145  -13.84781 15.59608  0.452 45.38170 ?  75  ARG A NH2   1 
ATOM   601  N NH2   B ARG A 1 99  ? -4.88819  -12.90452 14.09119  0.548 42.82952 ?  75  ARG A NH2   1 
ATOM   602  N N     . LEU A 1 100 ? 0.58150   -8.12575  12.64626  1.000 17.08916 ?  76  LEU A N     1 
ATOM   603  C CA    . LEU A 1 100 ? 1.70910   -7.47918  11.99165  1.000 17.82431 ?  76  LEU A CA    1 
ATOM   604  C C     . LEU A 1 100 ? 2.21526   -6.29521  12.80977  1.000 16.45975 ?  76  LEU A C     1 
ATOM   605  O O     . LEU A 1 100 ? 3.42829   -6.12614  12.99922  1.000 18.57307 ?  76  LEU A O     1 
ATOM   606  C CB    . LEU A 1 100 ? 1.26341   -7.04500  10.59253  1.000 19.03007 ?  76  LEU A CB    1 
ATOM   607  C CG    . LEU A 1 100 ? 2.26709   -6.29753  9.73748   1.000 22.14250 ?  76  LEU A CG    1 
ATOM   608  C CD1   . LEU A 1 100 ? 3.52622   -7.15284  9.54216   1.000 23.92568 ?  76  LEU A CD1   1 
ATOM   609  C CD2   . LEU A 1 100 ? 1.64227   -5.93608  8.40636   1.000 23.93276 ?  76  LEU A CD2   1 
ATOM   610  N N     . LEU A 1 101 ? 1.29133   -5.47195  13.31236  1.000 18.92245 ?  77  LEU A N     1 
ATOM   611  C CA    . LEU A 1 101 ? 1.69587   -4.31138  14.09267  1.000 18.54317 ?  77  LEU A CA    1 
ATOM   612  C C     . LEU A 1 101 ? 2.32511   -4.74154  15.40986  1.000 20.05272 ?  77  LEU A C     1 
ATOM   613  O O     . LEU A 1 101 ? 3.23704   -4.07291  15.89300  1.000 20.46767 ?  77  LEU A O     1 
ATOM   614  C CB    . LEU A 1 101 ? 0.50063   -3.39345  14.34259  1.000 18.45279 ?  77  LEU A CB    1 
ATOM   615  C CG    . LEU A 1 101 ? -0.06863  -2.70966  13.10880  1.000 18.99437 ?  77  LEU A CG    1 
ATOM   616  C CD1   . LEU A 1 101 ? -1.21047  -1.81095  13.52509  1.000 19.60918 ?  77  LEU A CD1   1 
ATOM   617  C CD2   . LEU A 1 101 ? 0.97373   -1.91779  12.32724  1.000 18.44586 ?  77  LEU A CD2   1 
ATOM   618  N N     . ASP A 1 102 ? 1.87239   -5.86215  15.99228  1.000 17.91419 ?  78  ASP A N     1 
ATOM   619  C CA    . ASP A 1 102 ? 2.53264   -6.36222  17.20263  1.000 20.48827 ?  78  ASP A CA    1 
ATOM   620  C C     . ASP A 1 102 ? 4.02255   -6.51776  16.94476  1.000 20.33668 ?  78  ASP A C     1 
ATOM   621  O O     . ASP A 1 102 ? 4.88018   -6.00032  17.70134  1.000 21.19748 ?  78  ASP A O     1 
ATOM   622  C CB    . ASP A 1 102 ? 1.93704   -7.71038  17.65077  1.000 19.61758 ?  78  ASP A CB    1 
ATOM   623  C CG    . ASP A 1 102 ? 0.52175   -7.59584  18.20124  1.000 22.81647 ?  78  ASP A CG    1 
ATOM   624  O OD1   . ASP A 1 102 ? 0.11603   -6.48406  18.58220  1.000 24.45196 ?  78  ASP A OD1   1 
ATOM   625  O OD2   . ASP A 1 102 ? -0.19086  -8.63648  18.25048  1.000 25.95993 -1 78  ASP A OD2   1 
ATOM   626  N N     . ARG A 1 103 ? 4.35427   -7.20108  15.84204  1.000 18.31479 ?  79  ARG A N     1 
ATOM   627  C CA    . ARG A 1 103 ? 5.79727   -7.38699  15.63116  1.000 18.44871 ?  79  ARG A CA    1 
ATOM   628  C C     . ARG A 1 103 ? 6.51228   -6.14428  15.08312  1.000 19.15388 ?  79  ARG A C     1 
ATOM   629  O O     . ARG A 1 103 ? 7.68676   -5.92454  15.40330  1.000 20.39293 ?  79  ARG A O     1 
ATOM   630  C CB    . ARG A 1 103 ? 6.07207   -8.60055  14.74952  1.000 22.06813 ?  79  ARG A CB    1 
ATOM   631  C CG    . ARG A 1 103 ? 5.21667   -8.72902  13.52680  1.000 23.39499 ?  79  ARG A CG    1 
ATOM   632  C CD    . ARG A 1 103 ? 5.56219   -10.07418 12.94023  1.000 20.64183 ?  79  ARG A CD    1 
ATOM   633  N NE    . ARG A 1 103 ? 4.77424   -10.44239 11.77025  1.000 26.39065 ?  79  ARG A NE    1 
ATOM   634  C CZ    . ARG A 1 103 ? 5.12289   -10.14620 10.52688  1.000 27.55848 ?  79  ARG A CZ    1 
ATOM   635  N NH1   . ARG A 1 103 ? 6.22920   -9.45568  10.31128  1.000 24.18116 ?  79  ARG A NH1   1 
ATOM   636  N NH2   . ARG A 1 103 ? 4.37632   -10.55378 9.51228   1.000 29.39110 ?  79  ARG A NH2   1 
ATOM   637  N N     . MET A 1 104 ? 5.85251   -5.31211  14.27473  1.000 18.35307 ?  80  MET A N     1 
ATOM   638  C CA    . MET A 1 104 ? 6.53450   -4.11883  13.76690  1.000 18.28653 ?  80  MET A CA    1 
ATOM   639  C C     . MET A 1 104 ? 6.75022   -3.09411  14.87221  1.000 20.19586 ?  80  MET A C     1 
ATOM   640  O O     . MET A 1 104 ? 7.76047   -2.37775  14.86027  1.000 20.78399 ?  80  MET A O     1 
ATOM   641  C CB    . MET A 1 104 ? 5.72954   -3.50321  12.62405  1.000 19.34282 ?  80  MET A CB    1 
ATOM   642  C CG    . MET A 1 104 ? 5.64350   -4.39731  11.36331  1.000 19.06003 ?  80  MET A CG    1 
ATOM   643  S SD    . MET A 1 104 ? 4.70385   -3.67185  9.98094   1.000 19.64428 ?  80  MET A SD    1 
ATOM   644  C CE    . MET A 1 104 ? 5.83912   -2.35544  9.50363   1.000 19.64339 ?  80  MET A CE    1 
ATOM   645  N N     . GLU A 1 105 ? 5.82640   -3.02717  15.83840  1.000 18.09799 ?  81  GLU A N     1 
ATOM   646  C CA    . GLU A 1 105 ? 6.00198   -2.16348  16.99662  1.000 18.18495 ?  81  GLU A CA    1 
ATOM   647  C C     . GLU A 1 105 ? 7.12987   -2.68086  17.87817  1.000 19.52035 ?  81  GLU A C     1 
ATOM   648  O O     . GLU A 1 105 ? 7.95545   -1.89172  18.36876  1.000 21.61602 ?  81  GLU A O     1 
ATOM   649  C CB    . GLU A 1 105 ? 4.67810   -2.07275  17.76600  1.000 21.62465 ?  81  GLU A CB    1 
ATOM   650  C CG    . GLU A 1 105 ? 4.68876   -1.04568  18.88355  1.000 23.84190 ?  81  GLU A CG    1 
ATOM   651  C CD    . GLU A 1 105 ? 3.29068   -0.57982  19.27582  1.000 29.07097 ?  81  GLU A CD    1 
ATOM   652  O OE1   . GLU A 1 105 ? 2.32943   -1.38470  19.18939  1.000 32.75230 ?  81  GLU A OE1   1 
ATOM   653  O OE2   . GLU A 1 105 ? 3.16778   0.59052   19.69385  1.000 30.98458 -1 81  GLU A OE2   1 
ATOM   654  N N     . ALA A 1 106 ? 7.21197   -4.00934  18.04804  1.000 19.32576 ?  82  ALA A N     1 
ATOM   655  C CA    . ALA A 1 106 ? 8.34290   -4.57882  18.78044  1.000 21.17938 ?  82  ALA A CA    1 
ATOM   656  C C     . ALA A 1 106 ? 9.68042   -4.20460  18.14771  1.000 21.49690 ?  82  ALA A C     1 
ATOM   657  O O     . ALA A 1 106 ? 10.66846  -3.99198  18.86671  1.000 27.34299 ?  82  ALA A O     1 
ATOM   658  C CB    . ALA A 1 106 ? 8.19274   -6.10096  18.86987  1.000 20.83962 ?  82  ALA A CB    1 
ATOM   659  N N     . ARG A 1 107 ? 9.73625   -4.08736  16.81978  1.000 20.10843 ?  83  ARG A N     1 
ATOM   660  C CA    . ARG A 1 107 ? 10.95755  -3.70268  16.12833  1.000 18.92675 ?  83  ARG A CA    1 
ATOM   661  C C     . ARG A 1 107 ? 11.11783  -2.19249  16.03541  1.000 21.87128 ?  83  ARG A C     1 
ATOM   662  O O     . ARG A 1 107 ? 12.07082  -1.72650  15.40148  1.000 23.96645 ?  83  ARG A O     1 
ATOM   663  C CB    . ARG A 1 107 ? 10.99720  -4.31639  14.72743  1.000 23.63936 ?  83  ARG A CB    1 
ATOM   664  C CG    . ARG A 1 107 ? 11.07364  -5.85275  14.75079  1.000 22.68978 ?  83  ARG A CG    1 
ATOM   665  C CD    . ARG A 1 107 ? 11.14259  -6.42609  13.35953  1.000 30.25832 ?  83  ARG A CD    1 
ATOM   666  N NE    . ARG A 1 107 ? 12.28336  -5.89557  12.62068  1.000 35.89929 ?  83  ARG A NE    1 
ATOM   667  C CZ    . ARG A 1 107 ? 12.46363  -6.06593  11.31781  1.000 43.77130 ?  83  ARG A CZ    1 
ATOM   668  N NH1   . ARG A 1 107 ? 11.58437  -6.77090  10.61182  1.000 46.85342 ?  83  ARG A NH1   1 
ATOM   669  N NH2   . ARG A 1 107 ? 13.53025  -5.54905  10.72749  1.000 52.98614 ?  83  ARG A NH2   1 
ATOM   670  N N     . GLY A 1 108 ? 10.20312  -1.43057  16.63578  1.000 20.69848 ?  84  GLY A N     1 
ATOM   671  C CA    . GLY A 1 108 ? 10.33172  0.01799   16.66897  1.000 20.46856 ?  84  GLY A CA    1 
ATOM   672  C C     . GLY A 1 108 ? 10.06155  0.72026   15.36194  1.000 23.82010 ?  84  GLY A C     1 
ATOM   673  O O     . GLY A 1 108 ? 10.46347  1.87752   15.20317  1.000 23.05438 ?  84  GLY A O     1 
ATOM   674  N N     . GLN A 1 109 ? 9.38470   0.06428   14.42088  1.000 19.28571 ?  85  GLN A N     1 
ATOM   675  C CA    . GLN A 1 109 ? 9.13323   0.65549   13.11338  1.000 18.03949 ?  85  GLN A CA    1 
ATOM   676  C C     . GLN A 1 109 ? 7.82382   1.41873   13.03347  1.000 15.97731 ?  85  GLN A C     1 
ATOM   677  O O     . GLN A 1 109 ? 7.67923   2.27064   12.14430  1.000 19.55907 ?  85  GLN A O     1 
ATOM   678  C CB    . GLN A 1 109 ? 9.15063   -0.42472  12.02709  1.000 20.70317 ?  85  GLN A CB    1 
ATOM   679  C CG    . GLN A 1 109 ? 10.36233  -1.29944  12.05663  1.000 25.20981 ?  85  GLN A CG    1 
ATOM   680  C CD    . GLN A 1 109 ? 10.21383  -2.45529  11.10724  1.000 34.99910 ?  85  GLN A CD    1 
ATOM   681  O OE1   . GLN A 1 109 ? 9.16430   -3.10038  11.06494  1.000 34.05549 ?  85  GLN A OE1   1 
ATOM   682  N NE2   . GLN A 1 109 ? 11.25000  -2.71243  10.32038  1.000 34.50353 ?  85  GLN A NE2   1 
ATOM   683  N N     . VAL A 1 110 ? 6.88240   1.13069   13.93626  1.000 17.08821 ?  86  VAL A N     1 
ATOM   684  C CA    . VAL A 1 110 ? 5.56890   1.76261   13.99550  1.000 19.12320 ?  86  VAL A CA    1 
ATOM   685  C C     . VAL A 1 110 ? 5.25080   1.95376   15.47101  1.000 23.78925 ?  86  VAL A C     1 
ATOM   686  O O     . VAL A 1 110 ? 5.89985   1.38144   16.34868  1.000 22.22281 ?  86  VAL A O     1 
ATOM   687  C CB    . VAL A 1 110 ? 4.44778   0.92956   13.30836  1.000 19.14294 ?  86  VAL A CB    1 
ATOM   688  C CG1   . VAL A 1 110 ? 4.76472   0.73407   11.84494  1.000 19.21827 ?  86  VAL A CG1   1 
ATOM   689  C CG2   . VAL A 1 110 ? 4.22553   -0.42780  14.00731  1.000 18.32901 ?  86  VAL A CG2   1 
ATOM   690  N N     . GLU A 1 111 ? 4.23765   2.77170   15.73049  1.000 21.62918 ?  87  GLU A N     1 
ATOM   691  C CA    . GLU A 1 111 ? 3.73982   2.98152   17.08348  1.000 21.83971 ?  87  GLU A CA    1 
ATOM   692  C C     . GLU A 1 111 ? 2.22441   3.07421   17.05141  1.000 21.38699 ?  87  GLU A C     1 
ATOM   693  O O     . GLU A 1 111 ? 1.66947   3.81574   16.23704  1.000 22.30780 ?  87  GLU A O     1 
ATOM   694  C CB    . GLU A 1 111 ? 4.33078   4.25431   17.70957  1.000 23.00606 ?  87  GLU A CB    1 
ATOM   695  C CG    . GLU A 1 111 ? 3.90028   4.42476   19.16353  1.000 25.60977 ?  87  GLU A CG    1 
ATOM   696  C CD    . GLU A 1 111 ? 4.29282   5.76372   19.77087  1.000 38.96102 ?  87  GLU A CD    1 
ATOM   697  O OE1   . GLU A 1 111 ? 4.48992   6.73948   19.02531  1.000 30.39240 ?  87  GLU A OE1   1 
ATOM   698  O OE2   . GLU A 1 111 ? 4.39484   5.83238   21.01355  1.000 47.59371 -1 87  GLU A OE2   1 
ATOM   699  N N     . ARG A 1 112 ? 1.56774   2.31271   17.93232  1.000 22.02664 ?  88  ARG A N     1 
ATOM   700  C CA    . ARG A 1 112 ? 0.14328   2.44343   18.16108  1.000 22.57532 ?  88  ARG A CA    1 
ATOM   701  C C     . ARG A 1 112 ? -0.09447  3.45941   19.27384  1.000 29.67195 ?  88  ARG A C     1 
ATOM   702  O O     . ARG A 1 112 ? 0.69204   3.55360   20.21798  1.000 29.60364 ?  88  ARG A O     1 
ATOM   703  C CB    . ARG A 1 112 ? -0.46203  1.08178   18.50732  1.000 25.89557 ?  88  ARG A CB    1 
ATOM   704  C CG    . ARG A 1 112 ? -0.81826  0.29059   17.24134  1.000 26.78710 ?  88  ARG A CG    1 
ATOM   705  C CD    . ARG A 1 112 ? -1.28465  -1.11723  17.51988  1.000 29.98674 ?  88  ARG A CD    1 
ATOM   706  N NE    . ARG A 1 112 ? -0.21850  -1.93897  18.08253  1.000 26.64179 ?  88  ARG A NE    1 
ATOM   707  C CZ    . ARG A 1 112 ? -0.23891  -3.26713  18.10567  1.000 23.66257 ?  88  ARG A CZ    1 
ATOM   708  N NH1   . ARG A 1 112 ? -1.27100  -3.92087  17.59041  1.000 28.52737 ?  88  ARG A NH1   1 
ATOM   709  N NH2   . ARG A 1 112 ? 0.76943   -3.92543  18.64083  1.000 27.33345 ?  88  ARG A NH2   1 
ATOM   710  N N     . LEU A 1 113 ? -1.15921  4.24492   19.13339  1.000 26.15802 ?  89  LEU A N     1 
ATOM   711  C CA    . LEU A 1 113 ? -1.49290  5.29915   20.08374  1.000 33.02237 ?  89  LEU A CA    1 
ATOM   712  C C     . LEU A 1 113 ? -3.00182  5.36521   20.25881  1.000 33.33811 ?  89  LEU A C     1 
ATOM   713  O O     . LEU A 1 113 ? -3.75014  5.01336   19.34216  1.000 33.86999 ?  89  LEU A O     1 
ATOM   714  C CB    . LEU A 1 113 ? -0.98117  6.67149   19.62292  1.000 36.00195 ?  89  LEU A CB    1 
ATOM   715  C CG    . LEU A 1 113 ? 0.51410   6.86185   19.38055  1.000 42.67203 ?  89  LEU A CG    1 
ATOM   716  C CD1   . LEU A 1 113 ? 0.71126   7.58354   18.06356  1.000 45.13493 ?  89  LEU A CD1   1 
ATOM   717  C CD2   . LEU A 1 113 ? 1.16257   7.62638   20.52807  1.000 53.37419 ?  89  LEU A CD2   1 
ATOM   718  N N     . PRO A 1 114 ? -3.47796  5.81387   21.41484  1.000 43.10789 ?  90  PRO A N     1 
ATOM   719  C CA    . PRO A 1 114 ? -4.92580  5.91149   21.60884  1.000 39.08270 ?  90  PRO A CA    1 
ATOM   720  C C     . PRO A 1 114 ? -5.51834  7.05578   20.80857  1.000 35.07767 ?  90  PRO A C     1 
ATOM   721  O O     . PRO A 1 114 ? -4.87500  8.07877   20.56181  1.000 43.27594 ?  90  PRO A O     1 
ATOM   722  C CB    . PRO A 1 114 ? -5.06231  6.16452   23.11548  1.000 45.85686 ?  90  PRO A CB    1 
ATOM   723  C CG    . PRO A 1 114 ? -3.81844  6.88928   23.46784  1.000 42.15827 ?  90  PRO A CG    1 
ATOM   724  C CD    . PRO A 1 114 ? -2.73665  6.26892   22.60516  1.000 46.97578 ?  90  PRO A CD    1 
ATOM   725  N N     . HIS A 1 115 ? -6.76152  6.85843   20.38634  1.000 43.22106 ?  91  HIS A N     1 
ATOM   726  C CA    . HIS A 1 115 ? -7.51302  7.94372   19.77647  1.000 55.09648 ?  91  HIS A CA    1 
ATOM   727  C C     . HIS A 1 115 ? -7.74925  9.02328   20.82091  1.000 64.37187 ?  91  HIS A C     1 
ATOM   728  O O     . HIS A 1 115 ? -8.13432  8.72793   21.95679  1.000 62.75843 ?  91  HIS A O     1 
ATOM   729  C CB    . HIS A 1 115 ? -8.84020  7.43093   19.22062  1.000 61.61289 ?  91  HIS A CB    1 
ATOM   730  C CG    . HIS A 1 115 ? -9.54270  8.40183   18.32247  1.000 71.45049 ?  91  HIS A CG    1 
ATOM   731  N ND1   . HIS A 1 115 ? -9.44664  8.34776   16.94839  1.000 75.99398 ?  91  HIS A ND1   1 
ATOM   732  C CD2   . HIS A 1 115 ? -10.35920 9.44560   18.60065  1.000 77.65895 ?  91  HIS A CD2   1 
ATOM   733  C CE1   . HIS A 1 115 ? -10.17002 9.31845   16.41907  1.000 77.92958 ?  91  HIS A CE1   1 
ATOM   734  N NE2   . HIS A 1 115 ? -10.73399 9.99925   17.40025  1.000 75.29385 ?  91  HIS A NE2   1 
ATOM   735  N N     . GLU A 1 116 ? -7.50075  10.27543  20.43698  1.000 69.90657 ?  92  GLU A N     1 
ATOM   736  C CA    . GLU A 1 116 ? -7.61768  11.39090  21.36875  1.000 88.38811 ?  92  GLU A CA    1 
ATOM   737  C C     . GLU A 1 116 ? -9.00311  11.48849  21.99672  1.000 84.82959 ?  92  GLU A C     1 
ATOM   738  O O     . GLU A 1 116 ? -9.13852  12.06678  23.08026  1.000 80.24228 ?  92  GLU A O     1 
ATOM   739  C CB    . GLU A 1 116 ? -7.27004  12.70062  20.65439  1.000 89.79381 ?  92  GLU A CB    1 
ATOM   740  C CG    . GLU A 1 116 ? -6.06372  12.60930  19.71733  1.000 96.10654 ?  92  GLU A CG    1 
ATOM   741  C CD    . GLU A 1 116 ? -6.41630  12.09602  18.32521  1.000 88.97140 ?  92  GLU A CD    1 
ATOM   742  O OE1   . GLU A 1 116 ? -7.44348  11.39717  18.17987  1.000 79.31214 ?  92  GLU A OE1   1 
ATOM   743  O OE2   . GLU A 1 116 ? -5.65833  12.38678  17.37581  1.000 95.72660 -1 92  GLU A OE2   1 
ATOM   744  N N     . SER A 1 117 ? -10.02680 10.92582  21.35585  1.000 81.56200 ?  93  SER A N     1 
ATOM   745  C CA    . SER A 1 117 ? -11.39760 11.00845  21.84381  1.000 74.36664 ?  93  SER A CA    1 
ATOM   746  C C     . SER A 1 117 ? -12.02432 9.64459   22.08292  1.000 74.07214 ?  93  SER A C     1 
ATOM   747  O O     . SER A 1 117 ? -12.61395 9.41892   23.14570  1.000 85.02780 ?  93  SER A O     1 
ATOM   748  C CB    . SER A 1 117 ? -12.25763 11.80797  20.85230  1.000 71.84264 ?  93  SER A CB    1 
ATOM   749  O OG    . SER A 1 117 ? -11.64303 13.04315  20.52850  1.000 86.53427 ?  93  SER A OG    1 
ATOM   750  N N     . ASP A 1 118 ? -11.90966 8.72201   21.13103  1.000 75.72883 ?  94  ASP A N     1 
ATOM   751  C CA    . ASP A 1 118 ? -12.64190 7.46064   21.16550  1.000 77.45572 ?  94  ASP A CA    1 
ATOM   752  C C     . ASP A 1 118 ? -11.77543 6.35121   21.76085  1.000 77.91347 ?  94  ASP A C     1 
ATOM   753  O O     . ASP A 1 118 ? -10.66098 6.10944   21.29031  1.000 80.24005 ?  94  ASP A O     1 
ATOM   754  C CB    . ASP A 1 118 ? -13.11291 7.08119   19.75899  1.000 78.27379 ?  94  ASP A CB    1 
ATOM   755  C CG    . ASP A 1 118 ? -14.32108 6.16964   19.77902  1.000 79.14376 ?  94  ASP A CG    1 
ATOM   756  O OD1   . ASP A 1 118 ? -14.37330 5.27247   20.64506  1.000 77.29478 ?  94  ASP A OD1   1 
ATOM   757  O OD2   . ASP A 1 118 ? -15.22119 6.35340   18.93454  1.000 81.96847 -1 94  ASP A OD2   1 
ATOM   758  N N     . ARG A 1 119 ? -12.29622 5.68020   22.79763  1.000 66.60665 ?  95  ARG A N     1 
ATOM   759  C CA    . ARG A 1 119 ? -11.55423 4.62847   23.49492  1.000 70.61847 ?  95  ARG A CA    1 
ATOM   760  C C     . ARG A 1 119 ? -11.54989 3.34149   22.66170  1.000 79.01791 ?  95  ARG A C     1 
ATOM   761  O O     . ARG A 1 119 ? -10.62386 2.53413   22.78302  1.000 70.96800 ?  95  ARG A O     1 
ATOM   762  C CB    . ARG A 1 119 ? -12.15864 4.51683   24.92678  1.000 83.79002 ?  95  ARG A CB    1 
ATOM   763  C CG    . ARG A 1 119 ? -11.22376 4.61568   26.20283  1.000 85.47282 ?  95  ARG A CG    1 
ATOM   764  C CD    . ARG A 1 119 ? -10.42389 3.33204   26.59684  1.000 92.22415 ?  95  ARG A CD    1 
ATOM   765  N NE    . ARG A 1 119 ? -9.57862  3.59033   27.74786  1.000 99.96503 ?  95  ARG A NE    1 
ATOM   766  C CZ    . ARG A 1 119 ? -8.64404  2.78451   28.22461  1.000 95.21291 ?  95  ARG A CZ    1 
ATOM   767  N NH1   . ARG A 1 119 ? -8.53978  1.54414   27.79331  1.000 84.36084 ?  95  ARG A NH1   1 
ATOM   768  N NH2   . ARG A 1 119 ? -7.90837  3.16443   29.24819  1.000 92.83797 ?  95  ARG A NH2   1 
ATOM   769  N N     . ARG A 1 120 ? -12.48583 3.20509   21.70993  1.000 84.65104 ?  96  ARG A N     1 
ATOM   770  C CA    . ARG A 1 120 ? -12.58348 2.03201   20.83716  1.000 82.63107 ?  96  ARG A CA    1 
ATOM   771  C C     . ARG A 1 120 ? -11.75339 2.13667   19.55165  1.000 75.48549 ?  96  ARG A C     1 
ATOM   772  O O     . ARG A 1 120 ? -11.84289 1.24322   18.69977  1.000 72.94218 ?  96  ARG A O     1 
ATOM   773  C CB    . ARG A 1 120 ? -14.04599 1.76787   20.45745  1.000 87.32899 ?  96  ARG A CB    1 
ATOM   774  C CG    . ARG A 1 120 ? -14.99926 1.64423   21.63595  1.000 88.68765 ?  96  ARG A CG    1 
ATOM   775  C CD    . ARG A 1 120 ? -15.97437 2.81089   21.67646  1.000 88.56899 ?  96  ARG A CD    1 
ATOM   776  N NE    . ARG A 1 120 ? -16.75170 2.91173   20.44366  1.000 84.91661 ?  96  ARG A NE    1 
ATOM   777  C CZ    . ARG A 1 120 ? -17.41257 4.00025   20.06177  1.000 87.83416 ?  96  ARG A CZ    1 
ATOM   778  N NH1   . ARG A 1 120 ? -17.39213 5.09060   20.81699  1.000 91.07184 ?  96  ARG A NH1   1 
ATOM   779  N NH2   . ARG A 1 120 ? -18.09203 4.00012   18.92230  1.000 83.86713 ?  96  ARG A NH2   1 
ATOM   780  N N     . ILE A 1 121 ? -10.95686 3.18975   19.38441  1.000 66.52781 ?  97  ILE A N     1 
ATOM   781  C CA    . ILE A 1 121 ? -10.18409 3.40047   18.16312  1.000 62.63351 ?  97  ILE A CA    1 
ATOM   782  C C     . ILE A 1 121 ? -8.70682  3.50339   18.52209  1.000 58.36472 ?  97  ILE A C     1 
ATOM   783  O O     . ILE A 1 121 ? -8.31899  4.32508   19.36181  1.000 50.58200 ?  97  ILE A O     1 
ATOM   784  C CB    . ILE A 1 121 ? -10.64996 4.64888   17.39734  1.000 56.10677 ?  97  ILE A CB    1 
ATOM   785  C CG1   . ILE A 1 121 ? -12.09233 4.46122   16.91579  1.000 63.60910 ?  97  ILE A CG1   1 
ATOM   786  C CG2   . ILE A 1 121 ? -9.71347  4.93579   16.22849  1.000 48.72951 ?  97  ILE A CG2   1 
ATOM   787  C CD1   . ILE A 1 121 ? -12.45184 5.27251   15.68250  1.000 65.72768 ?  97  ILE A CD1   1 
ATOM   788  N N     . THR A 1 122 ? -7.88886  2.66758   17.88802  1.000 42.68945 ?  98  THR A N     1 
ATOM   789  C CA    . THR A 1 122 ? -6.43758  2.74448   17.99034  1.000 38.81752 ?  98  THR A CA    1 
ATOM   790  C C     . THR A 1 122 ? -5.88213  3.36256   16.71790  1.000 32.98498 ?  98  THR A C     1 
ATOM   791  O O     . THR A 1 122 ? -6.28201  2.97423   15.61506  1.000 32.26752 ?  98  THR A O     1 
ATOM   792  C CB    . THR A 1 122 ? -5.82501  1.36071   18.20162  1.000 34.10962 ?  98  THR A CB    1 
ATOM   793  O OG1   . THR A 1 122 ? -6.44716  0.72163   19.32456  1.000 38.92419 ?  98  THR A OG1   1 
ATOM   794  C CG2   . THR A 1 122 ? -4.33245  1.46558   18.43468  1.000 31.45422 ?  98  THR A CG2   1 
ATOM   795  N N     . LEU A 1 123 ? -4.98462  4.33376   16.87163  1.000 28.69907 ?  99  LEU A N     1 
ATOM   796  C CA    . LEU A 1 123 ? -4.26919  4.96442   15.77367  1.000 24.84304 ?  99  LEU A CA    1 
ATOM   797  C C     . LEU A 1 123 ? -2.88753  4.32950   15.64271  1.000 22.01306 ?  99  LEU A C     1 
ATOM   798  O O     . LEU A 1 123 ? -2.37104  3.72366   16.58174  1.000 24.18706 ?  99  LEU A O     1 
ATOM   799  C CB    . LEU A 1 123 ? -4.13595  6.47190   16.01125  1.000 30.95498 ?  99  LEU A CB    1 
ATOM   800  C CG    . LEU A 1 123 ? -5.43977  7.24509   16.20640  1.000 32.61025 ?  99  LEU A CG    1 
ATOM   801  C CD1   . LEU A 1 123 ? -5.16485  8.74428   16.32727  1.000 34.11411 ?  99  LEU A CD1   1 
ATOM   802  C CD2   . LEU A 1 123 ? -6.40351  6.97497   15.06812  1.000 34.16081 ?  99  LEU A CD2   1 
ATOM   803  N N     A VAL A 1 124 ? -2.28659  4.47267   14.46653  0.521 22.35376 ?  100 VAL A N     1 
ATOM   804  N N     B VAL A 1 124 ? -2.29724  4.47863   14.44749  0.479 22.33431 ?  100 VAL A N     1 
ATOM   805  C CA    A VAL A 1 124 ? -0.95762  3.92250   14.22050  0.521 20.55067 ?  100 VAL A CA    1 
ATOM   806  C CA    B VAL A 1 124 ? -0.96987  3.95435   14.12622  0.479 20.64927 ?  100 VAL A CA    1 
ATOM   807  C C     A VAL A 1 124 ? -0.18865  4.89407   13.33914  0.521 18.65006 ?  100 VAL A C     1 
ATOM   808  C C     B VAL A 1 124 ? -0.18608  4.99366   13.34118  0.479 18.58809 ?  100 VAL A C     1 
ATOM   809  O O     A VAL A 1 124 ? -0.76003  5.53348   12.44938  0.521 20.84714 ?  100 VAL A O     1 
ATOM   810  O O     B VAL A 1 124 ? -0.73146  5.66156   12.45535  0.479 20.94462 ?  100 VAL A O     1 
ATOM   811  C CB    A VAL A 1 124 ? -1.02046  2.51895   13.57326  0.521 20.28922 ?  100 VAL A CB    1 
ATOM   812  C CB    B VAL A 1 124 ? -1.01471  2.65428   13.29029  0.479 21.54376 ?  100 VAL A CB    1 
ATOM   813  C CG1   A VAL A 1 124 ? -1.76452  2.57890   12.26245  0.521 18.41313 ?  100 VAL A CG1   1 
ATOM   814  C CG1   B VAL A 1 124 ? 0.00591   1.64458   13.81317  0.479 26.77107 ?  100 VAL A CG1   1 
ATOM   815  C CG2   A VAL A 1 124 ? 0.39424   1.95284   13.34894  0.521 15.22370 ?  100 VAL A CG2   1 
ATOM   816  C CG2   B VAL A 1 124 ? -2.40389  2.08856   13.21861  0.479 24.02256 ?  100 VAL A CG2   1 
ATOM   817  N N     A ARG A 1 125 ? 1.11352   4.99870   13.59255  0.521 20.43503 ?  101 ARG A N     1 
ATOM   818  N N     B ARG A 1 125 ? 1.11461   5.06673   13.61539  0.479 20.40756 ?  101 ARG A N     1 
ATOM   819  C CA    A ARG A 1 125 ? 1.99392   5.86482   12.82993  0.521 21.49730 ?  101 ARG A CA    1 
ATOM   820  C CA    B ARG A 1 125 ? 2.02490   5.92152   12.87256  0.479 21.52623 ?  101 ARG A CA    1 
ATOM   821  C C     A ARG A 1 125 ? 3.31001   5.14356   12.57639  0.521 19.52463 ?  101 ARG A C     1 
ATOM   822  C C     B ARG A 1 125 ? 3.30954   5.15497   12.58508  0.479 19.53561 ?  101 ARG A C     1 
ATOM   823  O O     A ARG A 1 125 ? 3.67023   4.18957   13.27709  0.521 18.96227 ?  101 ARG A O     1 
ATOM   824  O O     B ARG A 1 125 ? 3.64756   4.17944   13.26799  0.479 18.99440 ?  101 ARG A O     1 
ATOM   825  C CB    A ARG A 1 125 ? 2.25640   7.18218   13.56974  0.521 22.58099 ?  101 ARG A CB    1 
ATOM   826  C CB    B ARG A 1 125 ? 2.35914   7.20379   13.64902  0.479 22.41225 ?  101 ARG A CB    1 
ATOM   827  C CG    A ARG A 1 125 ? 2.77000   6.96182   14.97442  0.521 18.35777 ?  101 ARG A CG    1 
ATOM   828  C CG    B ARG A 1 125 ? 3.26127   6.92203   14.82094  0.479 18.14415 ?  101 ARG A CG    1 
ATOM   829  C CD    A ARG A 1 125 ? 3.17747   8.27943   15.60688  0.521 17.34565 ?  101 ARG A CD    1 
ATOM   830  C CD    B ARG A 1 125 ? 3.61707   8.16669   15.61297  0.479 22.88120 ?  101 ARG A CD    1 
ATOM   831  N NE    A ARG A 1 125 ? 4.36283   8.86264   14.97921  0.521 27.08035 ?  101 ARG A NE    1 
ATOM   832  N NE    B ARG A 1 125 ? 4.50318   7.77762   16.70409  0.479 17.70258 ?  101 ARG A NE    1 
ATOM   833  C CZ    A ARG A 1 125 ? 5.60751   8.72835   15.43591  0.521 16.53345 ?  101 ARG A CZ    1 
ATOM   834  C CZ    B ARG A 1 125 ? 5.83110   7.88421   16.68779  0.479 20.95165 ?  101 ARG A CZ    1 
ATOM   835  N NH1   A ARG A 1 125 ? 6.60790   9.31271   14.79893  0.521 21.41058 ?  101 ARG A NH1   1 
ATOM   836  N NH1   B ARG A 1 125 ? 6.46557   8.42470   15.65418  0.479 18.46556 ?  101 ARG A NH1   1 
ATOM   837  N NH2   A ARG A 1 125 ? 5.85543   8.01031   16.52456  0.521 20.48756 ?  101 ARG A NH2   1 
ATOM   838  N NH2   B ARG A 1 125 ? 6.52520   7.45788   17.73046  0.479 23.41860 ?  101 ARG A NH2   1 
ATOM   839  N N     . ILE A 1 126 ? 4.02618   5.61430   11.56644  1.000 17.92684 ?  102 ILE A N     1 
ATOM   840  C CA    . ILE A 1 126 ? 5.39661   5.17356   11.33445  1.000 17.68248 ?  102 ILE A CA    1 
ATOM   841  C C     . ILE A 1 126 ? 6.31656   5.96211   12.26211  1.000 19.94478 ?  102 ILE A C     1 
ATOM   842  O O     . ILE A 1 126 ? 6.06712   7.13442   12.56526  1.000 21.84180 ?  102 ILE A O     1 
ATOM   843  C CB    . ILE A 1 126 ? 5.78890   5.34835   9.84769   1.000 19.37960 ?  102 ILE A CB    1 
ATOM   844  C CG1   . ILE A 1 126 ? 7.04037   4.53995   9.50227   1.000 19.60331 ?  102 ILE A CG1   1 
ATOM   845  C CG2   . ILE A 1 126 ? 6.00285   6.82771   9.48442   1.000 22.65611 ?  102 ILE A CG2   1 
ATOM   846  C CD1   . ILE A 1 126 ? 7.32549   4.43530   7.96958   1.000 22.03121 ?  102 ILE A CD1   1 
ATOM   847  N N     . THR A 1 127 ? 7.37776   5.32027   12.72310  1.000 19.47332 ?  103 THR A N     1 
ATOM   848  C CA    . THR A 1 127 ? 8.40799   6.00810   13.49773  1.000 20.06235 ?  103 THR A CA    1 
ATOM   849  C C     . THR A 1 127 ? 9.51422   6.51688   12.58432  1.000 22.34817 ?  103 THR A C     1 
ATOM   850  O O     . THR A 1 127 ? 9.61049   6.14608   11.42223  1.000 19.80212 ?  103 THR A O     1 
ATOM   851  C CB    . THR A 1 127 ? 9.03078   5.06474   14.51624  1.000 20.01838 ?  103 THR A CB    1 
ATOM   852  O OG1   . THR A 1 127 ? 9.74291   4.04750   13.79254  1.000 20.03059 ?  103 THR A OG1   1 
ATOM   853  C CG2   . THR A 1 127 ? 7.96693   4.42805   15.39246  1.000 20.10342 ?  103 THR A CG2   1 
ATOM   854  N N     . ARG A 1 128 ? 10.40994  7.34629   13.13188  1.000 18.39414 ?  104 ARG A N     1 
ATOM   855  C CA    . ARG A 1 128 ? 11.55880  7.75066   12.33235  1.000 17.37344 ?  104 ARG A CA    1 
ATOM   856  C C     . ARG A 1 128 ? 12.36764  6.54594   11.87263  1.000 21.00165 ?  104 ARG A C     1 
ATOM   857  O O     . ARG A 1 128 ? 12.85291  6.51385   10.73410  1.000 21.03970 ?  104 ARG A O     1 
ATOM   858  C CB    . ARG A 1 128 ? 12.45197  8.71438   13.12780  1.000 21.88083 ?  104 ARG A CB    1 
ATOM   859  C CG    . ARG A 1 128 ? 13.69741  9.13621   12.34131  1.000 27.00174 ?  104 ARG A CG    1 
ATOM   860  C CD    . ARG A 1 128 ? 14.60349  10.07474  13.12512  1.000 31.75179 ?  104 ARG A CD    1 
ATOM   861  N NE    . ARG A 1 128 ? 15.81999  10.44410  12.39957  1.000 31.89639 ?  104 ARG A NE    1 
ATOM   862  C CZ    . ARG A 1 128 ? 16.93414  9.71792   12.38208  1.000 33.45211 ?  104 ARG A CZ    1 
ATOM   863  N NH1   . ARG A 1 128 ? 17.00434  8.57488   13.05216  1.000 41.87746 ?  104 ARG A NH1   1 
ATOM   864  N NH2   . ARG A 1 128 ? 17.98282  10.13621  11.69093  1.000 44.70475 ?  104 ARG A NH2   1 
ATOM   865  N N     . LYS A 1 129 ? 12.52968  5.54371   12.74221  1.000 20.70826 ?  105 LYS A N     1 
ATOM   866  C CA    . LYS A 1 129 ? 13.25783  4.34166   12.35292  1.000 19.69051 ?  105 LYS A CA    1 
ATOM   867  C C     . LYS A 1 129 ? 12.59988  3.67133   11.15084  1.000 20.29458 ?  105 LYS A C     1 
ATOM   868  O O     . LYS A 1 129 ? 13.27999  3.26882   10.20068  1.000 22.43740 ?  105 LYS A O     1 
ATOM   869  C CB    . LYS A 1 129 ? 13.32263  3.37848   13.53292  1.000 21.41821 ?  105 LYS A CB    1 
ATOM   870  C CG    . LYS A 1 129 ? 13.97781  2.05733   13.20584  1.000 25.33811 ?  105 LYS A CG    1 
ATOM   871  C CD    . LYS A 1 129 ? 13.97118  1.12603   14.39778  1.000 27.66033 ?  105 LYS A CD    1 
ATOM   872  C CE    . LYS A 1 129 ? 14.70868  -0.16639  14.08296  1.000 38.95296 ?  105 LYS A CE    1 
ATOM   873  N NZ    . LYS A 1 129 ? 14.75620  -1.05560  15.27632  1.000 38.11597 ?  105 LYS A NZ    1 
ATOM   874  N N     . GLY A 1 130 ? 11.27526  3.55298   11.17061  1.000 19.47674 ?  106 GLY A N     1 
ATOM   875  C CA    . GLY A 1 130 ? 10.60107  2.91526   10.04891  1.000 20.81837 ?  106 GLY A CA    1 
ATOM   876  C C     . GLY A 1 130 ? 10.70968  3.72902   8.77208   1.000 21.50828 ?  106 GLY A C     1 
ATOM   877  O O     . GLY A 1 130 ? 10.90882  3.17751   7.67849   1.000 22.11714 ?  106 GLY A O     1 
ATOM   878  N N     . LEU A 1 131 ? 10.58462  5.05244   8.88597   1.000 19.53008 ?  107 LEU A N     1 
ATOM   879  C CA    . LEU A 1 131 ? 10.73550  5.91255   7.71477   1.000 18.88978 ?  107 LEU A CA    1 
ATOM   880  C C     . LEU A 1 131 ? 12.13070  5.77974   7.10665   1.000 23.26446 ?  107 LEU A C     1 
ATOM   881  O O     . LEU A 1 131 ? 12.28664  5.66640   5.87830   1.000 23.07434 ?  107 LEU A O     1 
ATOM   882  C CB    . LEU A 1 131 ? 10.43861  7.36603   8.10560   1.000 23.36360 ?  107 LEU A CB    1 
ATOM   883  C CG    . LEU A 1 131 ? 10.39742  8.36725   6.95502   1.000 26.40116 ?  107 LEU A CG    1 
ATOM   884  C CD1   . LEU A 1 131 ? 9.24061   8.00749   6.03504   1.000 27.64664 ?  107 LEU A CD1   1 
ATOM   885  C CD2   . LEU A 1 131 ? 10.23052  9.78852   7.48471   1.000 30.53532 ?  107 LEU A CD2   1 
ATOM   886  N N     . LYS A 1 132 ? 13.17298  5.81781   7.94925   1.000 23.18078 ?  108 LYS A N     1 
ATOM   887  C CA    . LYS A 1 132 ? 14.51982  5.66021   7.41267   1.000 24.30953 ?  108 LYS A CA    1 
ATOM   888  C C     . LYS A 1 132 ? 14.70175  4.28108   6.79768   1.000 25.19099 ?  108 LYS A C     1 
ATOM   889  O O     . LYS A 1 132 ? 15.43069  4.13940   5.80839   1.000 26.59505 ?  108 LYS A O     1 
ATOM   890  C CB    . LYS A 1 132 ? 15.57768  5.90227   8.50387   1.000 26.93201 ?  108 LYS A CB    1 
ATOM   891  C CG    . LYS A 1 132 ? 15.66114  7.33697   9.05169   1.000 32.98673 ?  108 LYS A CG    1 
ATOM   892  C CD    . LYS A 1 132 ? 15.73406  8.38913   7.95414   1.000 36.53273 ?  108 LYS A CD    1 
ATOM   893  C CE    . LYS A 1 132 ? 17.16100  8.86378   7.71974   1.000 63.87541 ?  108 LYS A CE    1 
ATOM   894  N NZ    . LYS A 1 132 ? 17.20469  10.30146  7.32060   1.000 60.54975 ?  108 LYS A NZ    1 
ATOM   895  N N     . ALA A 1 133 ? 14.02503  3.26171   7.34900   1.000 22.49008 ?  109 ALA A N     1 
ATOM   896  C CA    . ALA A 1 133 ? 14.13299  1.91297   6.80437   1.000 25.13522 ?  109 ALA A CA    1 
ATOM   897  C C     . ALA A 1 133 ? 13.51265  1.80467   5.42147   1.000 23.67535 ?  109 ALA A C     1 
ATOM   898  O O     . ALA A 1 133 ? 13.99696  1.02343   4.59371   1.000 24.63244 ?  109 ALA A O     1 
ATOM   899  C CB    . ALA A 1 133 ? 13.46945  0.89964   7.73110   1.000 23.20085 ?  109 ALA A CB    1 
ATOM   900  N N     . VAL A 1 134 ? 12.46129  2.57111   5.15548   1.000 20.84607 ?  110 VAL A N     1 
ATOM   901  C CA    . VAL A 1 134 ? 11.68052  2.37089   3.93708   1.000 20.27478 ?  110 VAL A CA    1 
ATOM   902  C C     . VAL A 1 134 ? 11.91923  3.43861   2.86295   1.000 24.09209 ?  110 VAL A C     1 
ATOM   903  O O     . VAL A 1 134 ? 11.47091  3.23560   1.72437   1.000 23.30396 ?  110 VAL A O     1 
ATOM   904  C CB    . VAL A 1 134 ? 10.17127  2.26806   4.26193   1.000 19.57476 ?  110 VAL A CB    1 
ATOM   905  C CG1   . VAL A 1 134 ? 9.53625   3.64050   4.44021   1.000 18.55911 ?  110 VAL A CG1   1 
ATOM   906  C CG2   . VAL A 1 134 ? 9.41353   1.45904   3.17996   1.000 22.32600 ?  110 VAL A CG2   1 
ATOM   907  N N     A GLU A 1 135 ? 12.60346  4.55012   3.16719   0.455 22.16303 ?  111 GLU A N     1 
ATOM   908  N N     B GLU A 1 135 ? 12.60719  4.54594   3.17895   0.545 22.28363 ?  111 GLU A N     1 
ATOM   909  C CA    A GLU A 1 135 ? 12.62025  5.66615   2.21378   0.455 23.95384 ?  111 GLU A CA    1 
ATOM   910  C CA    B GLU A 1 135 ? 12.68144  5.68003   2.25023   0.545 24.04646 ?  111 GLU A CA    1 
ATOM   911  C C     A GLU A 1 135 ? 13.29734  5.29922   0.88852   0.455 22.91075 ?  111 GLU A C     1 
ATOM   912  C C     B GLU A 1 135 ? 13.29723  5.29232   0.90559   0.545 22.88524 ?  111 GLU A C     1 
ATOM   913  O O     A GLU A 1 135 ? 12.81348  5.68149   -0.19180  0.455 23.78994 ?  111 GLU A O     1 
ATOM   914  O O     B GLU A 1 135 ? 12.78589  5.66720   -0.16479  0.545 23.90000 ?  111 GLU A O     1 
ATOM   915  C CB    A GLU A 1 135 ? 13.28440  6.89343   2.84439   0.455 29.18628 ?  111 GLU A CB    1 
ATOM   916  C CB    B GLU A 1 135 ? 13.47736  6.81963   2.89202   0.545 28.33820 ?  111 GLU A CB    1 
ATOM   917  C CG    A GLU A 1 135 ? 14.60786  6.64112   3.52895   0.455 29.04554 ?  111 GLU A CG    1 
ATOM   918  C CG    B GLU A 1 135 ? 12.61458  7.91173   3.49401   0.545 30.98722 ?  111 GLU A CG    1 
ATOM   919  C CD    A GLU A 1 135 ? 15.12267  7.87671   4.25153   0.455 35.20944 ?  111 GLU A CD    1 
ATOM   920  C CD    B GLU A 1 135 ? 13.43019  9.00522   4.16452   0.545 35.89428 ?  111 GLU A CD    1 
ATOM   921  O OE1   A GLU A 1 135 ? 16.33544  7.93869   4.52955   0.455 32.42324 ?  111 GLU A OE1   1 
ATOM   922  O OE1   B GLU A 1 135 ? 14.63786  8.79460   4.41043   0.545 38.82470 ?  111 GLU A OE1   1 
ATOM   923  O OE2   A GLU A 1 135 ? 14.31233  8.78673   4.53702   0.455 37.50328 -1 111 GLU A OE2   1 
ATOM   924  O OE2   B GLU A 1 135 ? 12.85781  10.07615  4.44284   0.545 37.97182 -1 111 GLU A OE2   1 
ATOM   925  N N     . HIS A 1 136 ? 14.41340  4.56366   0.93994   1.000 22.40452 ?  112 HIS A N     1 
ATOM   926  C CA    . HIS A 1 136 ? 15.07526  4.17033   -0.30740  1.000 26.77552 ?  112 HIS A CA    1 
ATOM   927  C C     . HIS A 1 136 ? 14.17219  3.28123   -1.15209  1.000 26.42675 ?  112 HIS A C     1 
ATOM   928  O O     . HIS A 1 136 ? 14.06572  3.44956   -2.38087  1.000 23.22133 ?  112 HIS A O     1 
ATOM   929  C CB    . HIS A 1 136 ? 16.38365  3.43716   -0.02744  1.000 29.04737 ?  112 HIS A CB    1 
ATOM   930  C CG    . HIS A 1 136 ? 17.10758  3.02497   -1.27373  1.000 30.77985 ?  112 HIS A CG    1 
ATOM   931  N ND1   . HIS A 1 136 ? 17.33701  3.89129   -2.32231  1.000 38.68124 ?  112 HIS A ND1   1 
ATOM   932  C CD2   . HIS A 1 136 ? 17.59423  1.82423   -1.66656  1.000 36.73426 ?  112 HIS A CD2   1 
ATOM   933  C CE1   . HIS A 1 136 ? 17.96740  3.25040   -3.29074  1.000 30.34579 ?  112 HIS A CE1   1 
ATOM   934  N NE2   . HIS A 1 136 ? 18.13197  1.99422   -2.92047  1.000 34.06512 ?  112 HIS A NE2   1 
ATOM   935  N N     . LEU A 1 137 ? 13.53337  2.31321   -0.50812  1.000 21.74862 ?  113 LEU A N     1 
ATOM   936  C CA    . LEU A 1 137 ? 12.61536  1.43103   -1.22132  1.000 21.11792 ?  113 LEU A CA    1 
ATOM   937  C C     . LEU A 1 137 ? 11.46944  2.22371   -1.83981  1.000 21.63926 ?  113 LEU A C     1 
ATOM   938  O O     . LEU A 1 137 ? 10.99906  1.90538   -2.93788  1.000 19.10279 ?  113 LEU A O     1 
ATOM   939  C CB    . LEU A 1 137 ? 12.10007  0.35653   -0.25958  1.000 20.53956 ?  113 LEU A CB    1 
ATOM   940  C CG    . LEU A 1 137 ? 11.33469  -0.81995  -0.87026  1.000 21.61196 ?  113 LEU A CG    1 
ATOM   941  C CD1   . LEU A 1 137 ? 12.12176  -1.53446  -1.96851  1.000 21.51363 ?  113 LEU A CD1   1 
ATOM   942  C CD2   . LEU A 1 137 ? 10.94369  -1.81621  0.22797   1.000 20.61287 ?  113 LEU A CD2   1 
ATOM   943  N N     . MET A 1 138 ? 10.98707  3.25570   -1.14891  1.000 20.25085 ?  114 MET A N     1 
ATOM   944  C CA    . MET A 1 138 ? 9.92472   4.06750   -1.72984  1.000 19.51330 ?  114 MET A CA    1 
ATOM   945  C C     . MET A 1 138 ? 10.41514  4.77784   -2.98288  1.000 19.23705 ?  114 MET A C     1 
ATOM   946  O O     . MET A 1 138 ? 9.66809   4.92116   -3.96393  1.000 20.79606 ?  114 MET A O     1 
ATOM   947  C CB    . MET A 1 138 ? 9.40082   5.06896   -0.70345  1.000 24.34117 ?  114 MET A CB    1 
ATOM   948  C CG    . MET A 1 138 ? 8.58648   4.40379   0.40347   1.000 22.06085 ?  114 MET A CG    1 
ATOM   949  S SD    . MET A 1 138 ? 7.99746   5.60875   1.61120   1.000 30.76689 ?  114 MET A SD    1 
ATOM   950  C CE    . MET A 1 138 ? 7.35814   6.84399   0.50367   1.000 34.43125 ?  114 MET A CE    1 
ATOM   951  N N     . GLU A 1 139 ? 11.68241  5.20395   -2.98657  1.000 22.22599 ?  115 GLU A N     1 
ATOM   952  C CA    . GLU A 1 139 ? 12.20778  5.80588   -4.21854  1.000 20.05264 ?  115 GLU A CA    1 
ATOM   953  C C     . GLU A 1 139 ? 12.25193  4.78499   -5.36213  1.000 19.97050 ?  115 GLU A C     1 
ATOM   954  O O     . GLU A 1 139 ? 11.90461  5.09935   -6.51775  1.000 21.64857 ?  115 GLU A O     1 
ATOM   955  C CB    . GLU A 1 139 ? 13.59408  6.41001   -3.98243  1.000 28.58938 ?  115 GLU A CB    1 
ATOM   956  C CG    . GLU A 1 139 ? 14.14166  7.10511   -5.23516  1.000 45.85450 ?  115 GLU A CG    1 
ATOM   957  C CD    . GLU A 1 139 ? 13.11738  8.03407   -5.89776  1.000 62.21311 ?  115 GLU A CD    1 
ATOM   958  O OE1   . GLU A 1 139 ? 12.50011  8.85897   -5.18392  1.000 54.69804 ?  115 GLU A OE1   1 
ATOM   959  O OE2   . GLU A 1 139 ? 12.90948  7.91967   -7.13204  1.000 52.33495 -1 115 GLU A OE2   1 
ATOM   960  N N     . LEU A 1 140 ? 12.67726  3.55608   -5.05557  1.000 19.54141 ?  116 LEU A N     1 
ATOM   961  C CA    . LEU A 1 140 ? 12.68530  2.50756   -6.07694  1.000 19.46505 ?  116 LEU A CA    1 
ATOM   962  C C     . LEU A 1 140 ? 11.27060  2.20938   -6.54954  1.000 19.64061 ?  116 LEU A C     1 
ATOM   963  O O     . LEU A 1 140 ? 11.04567  1.92184   -7.73248  1.000 19.75531 ?  116 LEU A O     1 
ATOM   964  C CB    . LEU A 1 140 ? 13.34693  1.23144   -5.54892  1.000 18.90232 ?  116 LEU A CB    1 
ATOM   965  C CG    . LEU A 1 140 ? 14.82189  1.36655   -5.14446  1.000 22.22839 ?  116 LEU A CG    1 
ATOM   966  C CD1   . LEU A 1 140 ? 15.31465  0.09202   -4.51774  1.000 20.66780 ?  116 LEU A CD1   1 
ATOM   967  C CD2   . LEU A 1 140 ? 15.66040  1.75796   -6.36087  1.000 24.86110 ?  116 LEU A CD2   1 
ATOM   968  N N     . ALA A 1 141 ? 10.29925  2.27766   -5.63796  1.000 17.76627 ?  117 ALA A N     1 
ATOM   969  C CA    . ALA A 1 141 ? 8.90571   2.06024   -6.01661  1.000 16.24913 ?  117 ALA A CA    1 
ATOM   970  C C     . ALA A 1 141 ? 8.43493   3.12079   -6.99034  1.000 18.34236 ?  117 ALA A C     1 
ATOM   971  O O     . ALA A 1 141 ? 7.73039   2.80871   -7.95987  1.000 17.54861 ?  117 ALA A O     1 
ATOM   972  C CB    . ALA A 1 141 ? 8.02590   2.05421   -4.76941  1.000 17.48414 ?  117 ALA A CB    1 
ATOM   973  N N     . ARG A 1 142 ? 8.80484   4.38374   -6.73187  1.000 16.99130 ?  118 ARG A N     1 
ATOM   974  C CA    . ARG A 1 142 ? 8.45124   5.45961   -7.65333  1.000 18.44274 ?  118 ARG A CA    1 
ATOM   975  C C     . ARG A 1 142 ? 9.09644   5.25630   -9.01967  1.000 20.19253 ?  118 ARG A C     1 
ATOM   976  O O     . ARG A 1 142 ? 8.46851   5.52091   -10.05634 1.000 20.25281 ?  118 ARG A O     1 
ATOM   977  C CB    . ARG A 1 142 ? 8.85707   6.81567   -7.06642  1.000 20.74998 ?  118 ARG A CB    1 
ATOM   978  C CG    . ARG A 1 142 ? 7.99202   7.28471   -5.91218  1.000 23.84116 ?  118 ARG A CG    1 
ATOM   979  C CD    . ARG A 1 142 ? 8.44755   8.67024   -5.42735  1.000 44.35425 ?  118 ARG A CD    1 
ATOM   980  N NE    . ARG A 1 142 ? 7.94863   9.00642   -4.09381  1.000 46.05828 ?  118 ARG A NE    1 
ATOM   981  C CZ    . ARG A 1 142 ? 8.66330   8.91084   -2.97514  1.000 48.54849 ?  118 ARG A CZ    1 
ATOM   982  N NH1   . ARG A 1 142 ? 9.92309   8.49486   -3.01513  1.000 40.62020 ?  118 ARG A NH1   1 
ATOM   983  N NH2   . ARG A 1 142 ? 8.11782   9.23852   -1.81186  1.000 45.77797 ?  118 ARG A NH2   1 
ATOM   984  N N     A GLU A 1 143 ? 10.34965  4.79415   -9.04813  0.614 20.58312 ?  119 GLU A N     1 
ATOM   985  N N     B GLU A 1 143 ? 10.35401  4.80005   -9.04381  0.386 20.31982 ?  119 GLU A N     1 
ATOM   986  C CA    A GLU A 1 143 ? 10.99154  4.54976   -10.34003 0.614 23.54004 ?  119 GLU A CA    1 
ATOM   987  C CA    B GLU A 1 143 ? 11.01838  4.53338   -10.32122 0.386 23.54900 ?  119 GLU A CA    1 
ATOM   988  C C     A GLU A 1 143 ? 10.30558  3.41619   -11.09490 0.614 22.44904 ?  119 GLU A C     1 
ATOM   989  C C     B GLU A 1 143 ? 10.30940  3.41999   -11.08807 0.386 22.34006 ?  119 GLU A C     1 
ATOM   990  O O     A GLU A 1 143 ? 10.09419  3.50019   -12.31541 0.614 22.66777 ?  119 GLU A O     1 
ATOM   991  O O     B GLU A 1 143 ? 10.08964  3.51613   -12.30617 0.386 22.70026 ?  119 GLU A O     1 
ATOM   992  C CB    A GLU A 1 143 ? 12.47346  4.24194   -10.14312 0.614 24.00169 ?  119 GLU A CB    1 
ATOM   993  C CB    B GLU A 1 143 ? 12.48700  4.17060   -10.08582 0.386 23.98017 ?  119 GLU A CB    1 
ATOM   994  C CG    A GLU A 1 143 ? 13.23861  4.00278   -11.43669 0.614 27.05869 ?  119 GLU A CG    1 
ATOM   995  C CG    B GLU A 1 143 ? 13.33164  5.28490   -9.46667  0.386 27.13710 ?  119 GLU A CG    1 
ATOM   996  C CD    A GLU A 1 143 ? 12.99029  5.08020   -12.48619 0.614 35.18333 ?  119 GLU A CD    1 
ATOM   997  C CD    B GLU A 1 143 ? 14.71162  4.80894   -9.02508  0.386 36.46585 ?  119 GLU A CD    1 
ATOM   998  O OE1   A GLU A 1 143 ? 12.89027  6.27418   -12.12586 0.614 34.36266 ?  119 GLU A OE1   1 
ATOM   999  O OE1   B GLU A 1 143 ? 15.21074  3.80304   -9.57775  0.386 31.88729 ?  119 GLU A OE1   1 
ATOM   1000 O OE2   A GLU A 1 143 ? 12.89534  4.72752   -13.68088 0.614 44.49290 -1 119 GLU A OE2   1 
ATOM   1001 O OE2   B GLU A 1 143 ? 15.29790  5.44021   -8.11713  0.386 35.51444 -1 119 GLU A OE2   1 
ATOM   1002 N N     . HIS A 1 144 ? 9.94516   2.34547   -10.38567 1.000 18.84092 ?  120 HIS A N     1 
ATOM   1003 C CA    . HIS A 1 144 ? 9.25822   1.23667   -11.03945 1.000 19.38443 ?  120 HIS A CA    1 
ATOM   1004 C C     . HIS A 1 144 ? 7.90617   1.68471   -11.58775 1.000 19.04810 ?  120 HIS A C     1 
ATOM   1005 O O     . HIS A 1 144 ? 7.53739   1.34387   -12.72067 1.000 19.21630 ?  120 HIS A O     1 
ATOM   1006 C CB    . HIS A 1 144 ? 9.10561   0.08973   -10.03737 1.000 17.34853 ?  120 HIS A CB    1 
ATOM   1007 C CG    . HIS A 1 144 ? 8.24002   -1.02400  -10.52162 1.000 18.64031 ?  120 HIS A CG    1 
ATOM   1008 N ND1   . HIS A 1 144 ? 7.03491   -1.31903  -9.92971  1.000 17.99056 ?  120 HIS A ND1   1 
ATOM   1009 C CD2   . HIS A 1 144 ? 8.38749   -1.90088  -11.54501 1.000 22.31125 ?  120 HIS A CD2   1 
ATOM   1010 C CE1   . HIS A 1 144 ? 6.47236   -2.33012  -10.56784 1.000 19.71285 ?  120 HIS A CE1   1 
ATOM   1011 N NE2   . HIS A 1 144 ? 7.27384   -2.70651  -11.54869 1.000 22.01892 ?  120 HIS A NE2   1 
ATOM   1012 N N     . GLU A 1 145 ? 7.16698   2.47644   -10.80956 1.000 17.66739 ?  121 GLU A N     1 
ATOM   1013 C CA    . GLU A 1 145 ? 5.88936   3.00403   -11.26747 1.000 16.17269 ?  121 GLU A CA    1 
ATOM   1014 C C     . GLU A 1 145 ? 6.06825   3.87491   -12.50076 1.000 18.73424 ?  121 GLU A C     1 
ATOM   1015 O O     . GLU A 1 145 ? 5.26568   3.80245   -13.44181 1.000 20.08433 ?  121 GLU A O     1 
ATOM   1016 C CB    . GLU A 1 145 ? 5.23435   3.80958   -10.14825 1.000 18.92929 ?  121 GLU A CB    1 
ATOM   1017 C CG    . GLU A 1 145 ? 3.93525   4.47178   -10.53737 1.000 21.80335 ?  121 GLU A CG    1 
ATOM   1018 C CD    . GLU A 1 145 ? 3.42254   5.39021   -9.45717  1.000 26.99935 ?  121 GLU A CD    1 
ATOM   1019 O OE1   . GLU A 1 145 ? 4.25387   6.01096   -8.74362  1.000 31.39437 ?  121 GLU A OE1   1 
ATOM   1020 O OE2   . GLU A 1 145 ? 2.19868   5.49981   -9.31100  1.000 25.39507 -1 121 GLU A OE2   1 
ATOM   1021 N N     A ARG A 1 146 ? 7.10389   4.72181   -12.50475 0.525 20.51589 ?  122 ARG A N     1 
ATOM   1022 N N     B ARG A 1 146 ? 7.10642   4.71721   -12.50796 0.475 20.46140 ?  122 ARG A N     1 
ATOM   1023 C CA    A ARG A 1 146 ? 7.37313   5.54190   -13.68059 0.525 21.28195 ?  122 ARG A CA    1 
ATOM   1024 C CA    B ARG A 1 146 ? 7.36935   5.53848   -13.68370 0.475 21.24033 ?  122 ARG A CA    1 
ATOM   1025 C C     A ARG A 1 146 ? 7.60921   4.67380   -14.90767 0.525 19.61941 ?  122 ARG A C     1 
ATOM   1026 C C     B ARG A 1 146 ? 7.61048   4.67283   -14.91042 0.475 19.60250 ?  122 ARG A C     1 
ATOM   1027 O O     A ARG A 1 146 ? 7.11226   4.98473   -15.99719 0.525 23.51387 ?  122 ARG A O     1 
ATOM   1028 O O     B ARG A 1 146 ? 7.11885   4.98442   -16.00183 0.475 23.42752 ?  122 ARG A O     1 
ATOM   1029 C CB    A ARG A 1 146 ? 8.57450   6.45225   -13.42085 0.525 26.85947 ?  122 ARG A CB    1 
ATOM   1030 C CB    B ARG A 1 146 ? 8.56351   6.45586   -13.42661 0.475 26.87005 ?  122 ARG A CB    1 
ATOM   1031 C CG    A ARG A 1 146 ? 8.72590   7.58416   -14.42027 0.525 27.57747 ?  122 ARG A CG    1 
ATOM   1032 C CG    B ARG A 1 146 ? 8.17362   7.80936   -12.88511 0.475 28.10725 ?  122 ARG A CG    1 
ATOM   1033 C CD    A ARG A 1 146 ? 10.16561  8.10323   -14.43899 0.525 25.47611 ?  122 ARG A CD    1 
ATOM   1034 C CD    B ARG A 1 146 ? 9.33848   8.79303   -12.96282 0.475 27.19873 ?  122 ARG A CD    1 
ATOM   1035 N NE    A ARG A 1 146 ? 11.11687  7.06034   -14.81519 0.525 30.41975 ?  122 ARG A NE    1 
ATOM   1036 N NE    B ARG A 1 146 ? 10.45853  8.37277   -12.12719 0.475 31.65039 ?  122 ARG A NE    1 
ATOM   1037 C CZ    A ARG A 1 146 ? 11.25104  6.57232   -16.04578 0.525 32.95325 ?  122 ARG A CZ    1 
ATOM   1038 C CZ    B ARG A 1 146 ? 10.53621  8.58923   -10.81775 0.475 27.62484 ?  122 ARG A CZ    1 
ATOM   1039 N NH1   A ARG A 1 146 ? 10.49332  7.02693   -17.03678 0.525 36.72369 ?  122 ARG A NH1   1 
ATOM   1040 N NH1   B ARG A 1 146 ? 11.59219  8.16796   -10.14033 0.475 25.70568 ?  122 ARG A NH1   1 
ATOM   1041 N NH2   A ARG A 1 146 ? 12.14369  5.62286   -16.28823 0.525 41.33520 ?  122 ARG A NH2   1 
ATOM   1042 N NH2   B ARG A 1 146 ? 9.55561   9.22041   -10.18855 0.475 31.11799 ?  122 ARG A NH2   1 
ATOM   1043 N N     . ARG A 1 147 ? 8.36326   3.58184   -14.75155 1.000 20.77569 ?  123 ARG A N     1 
ATOM   1044 C CA    . ARG A 1 147 ? 8.58134   2.66745   -15.88303 1.000 21.20205 ?  123 ARG A CA    1 
ATOM   1045 C C     . ARG A 1 147 ? 7.27545   2.01477   -16.35273 1.000 24.17774 ?  123 ARG A C     1 
ATOM   1046 O O     . ARG A 1 147 ? 7.04394   1.86631   -17.56189 1.000 23.80752 ?  123 ARG A O     1 
ATOM   1047 C CB    . ARG A 1 147 ? 9.59798   1.58131   -15.53114 1.000 28.01509 ?  123 ARG A CB    1 
ATOM   1048 C CG    . ARG A 1 147 ? 10.98721  2.07111   -15.13310 1.000 37.06895 ?  123 ARG A CG    1 
ATOM   1049 C CD    . ARG A 1 147 ? 12.01631  0.97893   -15.41135 1.000 50.49046 ?  123 ARG A CD    1 
ATOM   1050 N NE    . ARG A 1 147 ? 13.06428  0.89512   -14.39484 1.000 75.70734 ?  123 ARG A NE    1 
ATOM   1051 C CZ    . ARG A 1 147 ? 14.01407  1.80826   -14.20682 1.000 69.08181 ?  123 ARG A CZ    1 
ATOM   1052 N NH1   . ARG A 1 147 ? 14.06184  2.89761   -14.96353 1.000 61.00845 ?  123 ARG A NH1   1 
ATOM   1053 N NH2   . ARG A 1 147 ? 14.92224  1.63073   -13.25684 1.000 71.87250 ?  123 ARG A NH2   1 
ATOM   1054 N N     . VAL A 1 148 ? 6.41714   1.60033   -15.41363 1.000 19.32099 ?  124 VAL A N     1 
ATOM   1055 C CA    . VAL A 1 148 ? 5.14669   0.97071   -15.76659 1.000 18.03834 ?  124 VAL A CA    1 
ATOM   1056 C C     . VAL A 1 148 ? 4.26275   1.93909   -16.54540 1.000 21.16656 ?  124 VAL A C     1 
ATOM   1057 O O     . VAL A 1 148 ? 3.57269   1.55306   -17.50187 1.000 20.45215 ?  124 VAL A O     1 
ATOM   1058 C CB    . VAL A 1 148 ? 4.44275   0.48014   -14.48507 1.000 18.66570 ?  124 VAL A CB    1 
ATOM   1059 C CG1   . VAL A 1 148 ? 2.98256   0.09007   -14.75932 1.000 18.25574 ?  124 VAL A CG1   1 
ATOM   1060 C CG2   . VAL A 1 148 ? 5.21216   -0.68118  -13.86882 1.000 17.94702 ?  124 VAL A CG2   1 
ATOM   1061 N N     . LEU A 1 149 ? 4.26550   3.20964   -16.15264 1.000 19.67026 ?  125 LEU A N     1 
ATOM   1062 C CA    . LEU A 1 149 ? 3.36097   4.18397   -16.74947 1.000 18.61749 ?  125 LEU A CA    1 
ATOM   1063 C C     . LEU A 1 149 ? 3.93167   4.87937   -17.97972 1.000 22.03142 ?  125 LEU A C     1 
ATOM   1064 O O     . LEU A 1 149 ? 3.15123   5.44679   -18.75372 1.000 22.40869 ?  125 LEU A O     1 
ATOM   1065 C CB    . LEU A 1 149 ? 2.97213   5.23362   -15.70518 1.000 21.48408 ?  125 LEU A CB    1 
ATOM   1066 C CG    . LEU A 1 149 ? 2.03624   4.68351   -14.61664 1.000 24.44253 ?  125 LEU A CG    1 
ATOM   1067 C CD1   . LEU A 1 149 ? 1.88052   5.71068   -13.48474 1.000 26.15140 ?  125 LEU A CD1   1 
ATOM   1068 C CD2   . LEU A 1 149 ? 0.70001   4.28027   -15.20790 1.000 23.15659 ?  125 LEU A CD2   1 
ATOM   1069 N N     . GLU A 1 150 ? 5.24791   4.82998   -18.18310 1.000 21.84033 ?  126 GLU A N     1 
ATOM   1070 C CA    . GLU A 1 150 ? 5.86009   5.52638   -19.31661 1.000 24.44573 ?  126 GLU A CA    1 
ATOM   1071 C C     . GLU A 1 150 ? 5.23974   5.19587   -20.67049 1.000 24.76562 ?  126 GLU A C     1 
ATOM   1072 O O     . GLU A 1 150 ? 5.00832   6.13355   -21.45483 1.000 26.20526 ?  126 GLU A O     1 
ATOM   1073 C CB    . GLU A 1 150 ? 7.36610   5.23470   -19.31408 1.000 26.41050 ?  126 GLU A CB    1 
ATOM   1074 C CG    . GLU A 1 150 ? 8.19273   6.23868   -20.10288 1.000 38.84334 ?  126 GLU A CG    1 
ATOM   1075 C CD    . GLU A 1 150 ? 9.65271   5.83372   -20.17420 1.000 77.01045 ?  126 GLU A CD    1 
ATOM   1076 O OE1   . GLU A 1 150 ? 10.48054  6.65033   -20.63101 1.000 82.33217 ?  126 GLU A OE1   1 
ATOM   1077 O OE2   . GLU A 1 150 ? 9.97183   4.69481   -19.76772 1.000 83.01957 -1 126 GLU A OE2   1 
ATOM   1078 N N     . PRO A 1 151 ? 4.94955   3.93607   -21.01521 1.000 21.83886 ?  127 PRO A N     1 
ATOM   1079 C CA    . PRO A 1 151 ? 4.39179   3.66809   -22.35253 1.000 23.03998 ?  127 PRO A CA    1 
ATOM   1080 C C     . PRO A 1 151 ? 3.03489   4.29023   -22.56734 1.000 24.48677 ?  127 PRO A C     1 
ATOM   1081 O O     . PRO A 1 151 ? 2.63622   4.51178   -23.72233 1.000 24.70995 ?  127 PRO A O     1 
ATOM   1082 C CB    . PRO A 1 151 ? 4.31055   2.13709   -22.41072 1.000 29.89970 ?  127 PRO A CB    1 
ATOM   1083 C CG    . PRO A 1 151 ? 5.23663   1.65654   -21.35485 1.000 27.46975 ?  127 PRO A CG    1 
ATOM   1084 C CD    . PRO A 1 151 ? 5.20799   2.68386   -20.27671 1.000 20.80558 ?  127 PRO A CD    1 
ATOM   1085 N N     . PHE A 1 152 ? 2.31588   4.60594   -21.49976 1.000 22.56439 ?  128 PHE A N     1 
ATOM   1086 C CA    . PHE A 1 152 ? 0.96689   5.12884   -21.62409 1.000 22.76352 ?  128 PHE A CA    1 
ATOM   1087 C C     . PHE A 1 152 ? 0.92090   6.63800   -21.78335 1.000 26.26186 ?  128 PHE A C     1 
ATOM   1088 O O     . PHE A 1 152 ? -0.05969  7.16067   -22.32563 1.000 29.04880 ?  128 PHE A O     1 
ATOM   1089 C CB    . PHE A 1 152 ? 0.14086   4.65743   -20.41936 1.000 21.89627 ?  128 PHE A CB    1 
ATOM   1090 C CG    . PHE A 1 152 ? -0.02916  3.18795   -20.42030 1.000 23.19831 ?  128 PHE A CG    1 
ATOM   1091 C CD1   . PHE A 1 152 ? -1.01265  2.61984   -21.19800 1.000 23.54908 ?  128 PHE A CD1   1 
ATOM   1092 C CD2   . PHE A 1 152 ? 0.85170   2.36185   -19.72342 1.000 20.51870 ?  128 PHE A CD2   1 
ATOM   1093 C CE1   . PHE A 1 152 ? -1.15662  1.25296   -21.27959 1.000 21.95040 ?  128 PHE A CE1   1 
ATOM   1094 C CE2   . PHE A 1 152 ? 0.71757   0.98088   -19.78268 1.000 21.59699 ?  128 PHE A CE2   1 
ATOM   1095 C CZ    . PHE A 1 152 ? -0.27965  0.42107   -20.55827 1.000 21.91702 ?  128 PHE A CZ    1 
ATOM   1096 N N     . GLY A 1 153 ? 1.96446   7.34115   -21.37273 1.000 27.34328 ?  129 GLY A N     1 
ATOM   1097 C CA    . GLY A 1 153 ? 1.95799   8.78408   -21.43770 1.000 31.02277 ?  129 GLY A CA    1 
ATOM   1098 C C     . GLY A 1 153 ? 1.29088   9.41407   -20.22890 1.000 35.45326 ?  129 GLY A C     1 
ATOM   1099 O O     . GLY A 1 153 ? 0.52290   8.78566   -19.50137 1.000 28.76668 ?  129 GLY A O     1 
ATOM   1100 N N     A LEU A 1 154 ? 1.59758   10.69792  -20.02899 0.335 28.95612 ?  130 LEU A N     1 
ATOM   1101 N N     B LEU A 1 154 ? 1.59458   10.69844  -20.02597 0.665 29.02262 ?  130 LEU A N     1 
ATOM   1102 C CA    A LEU A 1 154 ? 1.12544   11.40923  -18.84603 0.335 28.53096 ?  130 LEU A CA    1 
ATOM   1103 C CA    B LEU A 1 154 ? 1.12084   11.39493  -18.83552 0.665 28.31144 ?  130 LEU A CA    1 
ATOM   1104 C C     A LEU A 1 154 ? -0.39603  11.50014  -18.81787 0.335 31.41594 ?  130 LEU A C     1 
ATOM   1105 C C     B LEU A 1 154 ? -0.40033  11.50226  -18.81532 0.665 31.44184 ?  130 LEU A C     1 
ATOM   1106 O O     A LEU A 1 154 ? -1.01326  11.32704  -17.75923 0.335 30.89334 ?  130 LEU A O     1 
ATOM   1107 O O     B LEU A 1 154 ? -1.02381  11.33914  -17.75930 0.665 31.01698 ?  130 LEU A O     1 
ATOM   1108 C CB    A LEU A 1 154 ? 1.75121   12.80527  -18.79339 0.335 32.55461 ?  130 LEU A CB    1 
ATOM   1109 C CB    B LEU A 1 154 ? 1.76703   12.77909  -18.75306 0.665 32.61530 ?  130 LEU A CB    1 
ATOM   1110 C CG    A LEU A 1 154 ? 3.26752   12.91181  -18.58776 0.335 36.74659 ?  130 LEU A CG    1 
ATOM   1111 C CG    B LEU A 1 154 ? 1.46317   13.59973  -17.49888 0.665 33.76403 ?  130 LEU A CG    1 
ATOM   1112 C CD1   A LEU A 1 154 ? 3.76301   11.91432  -17.54850 0.335 35.46629 ?  130 LEU A CD1   1 
ATOM   1113 C CD1   B LEU A 1 154 ? 1.97205   12.90022  -16.24632 0.665 36.56644 ?  130 LEU A CD1   1 
ATOM   1114 C CD2   A LEU A 1 154 ? 4.02883   12.75702  -19.90298 0.335 34.86470 ?  130 LEU A CD2   1 
ATOM   1115 C CD2   B LEU A 1 154 ? 2.06664   14.98654  -17.62700 0.665 37.71239 ?  130 LEU A CD2   1 
ATOM   1116 N N     . ARG A 1 155 ? -1.01876  11.75857  -19.97039 1.000 27.63566 ?  131 ARG A N     1 
ATOM   1117 C CA    . ARG A 1 155 ? -2.47063  11.89671  -20.01815 1.000 28.05482 ?  131 ARG A CA    1 
ATOM   1118 C C     . ARG A 1 155 ? -3.16654  10.61109  -19.58113 1.000 28.23800 ?  131 ARG A C     1 
ATOM   1119 O O     . ARG A 1 155 ? -4.00615  10.61857  -18.67051 1.000 29.34541 ?  131 ARG A O     1 
ATOM   1120 C CB    . ARG A 1 155 ? -2.91594  12.28684  -21.42659 1.000 35.02196 ?  131 ARG A CB    1 
ATOM   1121 C CG    . ARG A 1 155 ? -4.40871  12.53470  -21.56355 1.000 44.36787 ?  131 ARG A CG    1 
ATOM   1122 C CD    . ARG A 1 155 ? -4.83088  12.55708  -23.03151 1.000 47.70706 ?  131 ARG A CD    1 
ATOM   1123 N NE    . ARG A 1 155 ? -5.56422  11.35002  -23.40698 1.000 54.98239 ?  131 ARG A NE    1 
ATOM   1124 C CZ    . ARG A 1 155 ? -5.06284  10.36002  -24.14242 1.000 72.79564 ?  131 ARG A CZ    1 
ATOM   1125 N NH1   . ARG A 1 155 ? -3.81242  10.41904  -24.58803 1.000 62.13560 ?  131 ARG A NH1   1 
ATOM   1126 N NH2   . ARG A 1 155 ? -5.81391  9.30441   -24.43096 1.000 67.46362 ?  131 ARG A NH2   1 
ATOM   1127 N N     . ARG A 1 156 ? -2.84557  9.49754   -20.24116 1.000 24.60063 ?  132 ARG A N     1 
ATOM   1128 C CA    . ARG A 1 156 ? -3.49985  8.24217   -19.88997 1.000 23.34385 ?  132 ARG A CA    1 
ATOM   1129 C C     . ARG A 1 156 ? -3.14506  7.79544   -18.47523 1.000 27.62397 ?  132 ARG A C     1 
ATOM   1130 O O     . ARG A 1 156 ? -3.99599  7.21979   -17.77795 1.000 24.58412 ?  132 ARG A O     1 
ATOM   1131 C CB    . ARG A 1 156 ? -3.14931  7.16984   -20.91465 1.000 23.99359 ?  132 ARG A CB    1 
ATOM   1132 C CG    . ARG A 1 156 ? -3.67597  7.49165   -22.32162 1.000 26.60485 ?  132 ARG A CG    1 
ATOM   1133 C CD    . ARG A 1 156 ? -3.35287  6.38062   -23.28188 1.000 28.60995 ?  132 ARG A CD    1 
ATOM   1134 N NE    . ARG A 1 156 ? -4.10427  5.17765   -22.94062 1.000 28.15838 ?  132 ARG A NE    1 
ATOM   1135 C CZ    . ARG A 1 156 ? -3.83976  3.96705   -23.41558 1.000 31.86919 ?  132 ARG A CZ    1 
ATOM   1136 N NH1   . ARG A 1 156 ? -2.82064  3.77291   -24.24492 1.000 36.32581 ?  132 ARG A NH1   1 
ATOM   1137 N NH2   . ARG A 1 156 ? -4.58706  2.94133   -23.03467 1.000 27.79346 ?  132 ARG A NH2   1 
ATOM   1138 N N     . ALA A 1 157 ? -1.91993  8.06861   -18.01878 1.000 22.79292 ?  133 ALA A N     1 
ATOM   1139 C CA    . ALA A 1 157 ? -1.55099  7.70448   -16.65349 1.000 21.78461 ?  133 ALA A CA    1 
ATOM   1140 C C     . ALA A 1 157 ? -2.39300  8.45432   -15.63086 1.000 26.36847 ?  133 ALA A C     1 
ATOM   1141 O O     . ALA A 1 157 ? -2.90073  7.86064   -14.66091 1.000 22.88814 ?  133 ALA A O     1 
ATOM   1142 C CB    . ALA A 1 157 ? -0.06707  7.98351   -16.42738 1.000 24.27630 ?  133 ALA A CB    1 
ATOM   1143 N N     . GLU A 1 158 ? -2.56073  9.76137   -15.82666 1.000 24.28380 ?  134 GLU A N     1 
ATOM   1144 C CA    . GLU A 1 158 ? -3.34120  10.53915  -14.87774 1.000 28.05446 ?  134 GLU A CA    1 
ATOM   1145 C C     . GLU A 1 158 ? -4.81193  10.15137  -14.93671 1.000 21.38224 ?  134 GLU A C     1 
ATOM   1146 O O     . GLU A 1 158 ? -5.48537  10.11180  -13.90090 1.000 23.96389 ?  134 GLU A O     1 
ATOM   1147 C CB    . GLU A 1 158 ? -3.14968  12.03484  -15.14484 1.000 29.90397 ?  134 GLU A CB    1 
ATOM   1148 C CG    . GLU A 1 158 ? -1.77487  12.53938  -14.71037 1.000 39.21349 ?  134 GLU A CG    1 
ATOM   1149 C CD    . GLU A 1 158 ? -1.34600  12.00480  -13.33848 1.000 71.85963 ?  134 GLU A CD    1 
ATOM   1150 O OE1   . GLU A 1 158 ? -2.15799  12.04892  -12.38380 1.000 58.33654 ?  134 GLU A OE1   1 
ATOM   1151 O OE2   . GLU A 1 158 ? -0.19324  11.52923  -13.21802 1.000 65.97663 -1 134 GLU A OE2   1 
ATOM   1152 N N     . GLU A 1 159 ? -5.31824  9.84141   -16.13625 1.000 21.85506 ?  135 GLU A N     1 
ATOM   1153 C CA    . GLU A 1 159 ? -6.70142  9.39041   -16.25940 1.000 22.72280 ?  135 GLU A CA    1 
ATOM   1154 C C     . GLU A 1 159 ? -6.92638  8.09152   -15.49166 1.000 24.66334 ?  135 GLU A C     1 
ATOM   1155 O O     . GLU A 1 159 ? -7.93860  7.93175   -14.79349 1.000 24.55455 ?  135 GLU A O     1 
ATOM   1156 C CB    . GLU A 1 159 ? -7.05457  9.20145   -17.73070 1.000 24.55608 ?  135 GLU A CB    1 
ATOM   1157 C CG    . GLU A 1 159 ? -8.38432  8.50776   -17.97111 1.000 37.87673 ?  135 GLU A CG    1 
ATOM   1158 C CD    . GLU A 1 159 ? -9.57265  9.39019   -17.64427 1.000 56.14140 ?  135 GLU A CD    1 
ATOM   1159 O OE1   . GLU A 1 159 ? -9.44996  10.62549  -17.78222 1.000 62.66085 ?  135 GLU A OE1   1 
ATOM   1160 O OE2   . GLU A 1 159 ? -10.63493 8.84846   -17.26747 1.000 51.66514 -1 135 GLU A OE2   1 
ATOM   1161 N N     . LEU A 1 160 ? -5.98769  7.15583   -15.61465 1.000 20.76902 ?  136 LEU A N     1 
ATOM   1162 C CA    . LEU A 1 160 ? -6.08952  5.89594   -14.88122 1.000 19.31316 ?  136 LEU A CA    1 
ATOM   1163 C C     . LEU A 1 160 ? -6.10554  6.13590   -13.37720 1.000 18.86597 ?  136 LEU A C     1 
ATOM   1164 O O     . LEU A 1 160 ? -6.95421  5.58854   -12.65735 1.000 18.39616 ?  136 LEU A O     1 
ATOM   1165 C CB    . LEU A 1 160 ? -4.91933  5.00015   -15.26816 1.000 19.59810 ?  136 LEU A CB    1 
ATOM   1166 C CG    . LEU A 1 160 ? -4.80275  3.69713   -14.46362 1.000 16.86150 ?  136 LEU A CG    1 
ATOM   1167 C CD1   . LEU A 1 160 ? -6.02023  2.82944   -14.72595 1.000 19.44896 ?  136 LEU A CD1   1 
ATOM   1168 C CD2   . LEU A 1 160 ? -3.52890  3.01247   -14.88980 1.000 20.62879 ?  136 LEU A CD2   1 
ATOM   1169 N N     . LYS A 1 161 ? -5.16593  6.95130   -12.87977 1.000 20.32019 ?  137 LYS A N     1 
ATOM   1170 C CA    . LYS A 1 161 ? -5.09055  7.16561   -11.43390 1.000 17.94469 ?  137 LYS A CA    1 
ATOM   1171 C C     . LYS A 1 161 ? -6.33107  7.88024   -10.92064 1.000 20.51122 ?  137 LYS A C     1 
ATOM   1172 O O     . LYS A 1 161 ? -6.82637  7.57489   -9.83272  1.000 20.65505 ?  137 LYS A O     1 
ATOM   1173 C CB    . LYS A 1 161 ? -3.84337  7.96309   -11.06400 1.000 21.52337 ?  137 LYS A CB    1 
ATOM   1174 C CG    . LYS A 1 161 ? -2.56403  7.19792   -11.22954 1.000 24.93099 ?  137 LYS A CG    1 
ATOM   1175 C CD    . LYS A 1 161 ? -1.43409  7.97272   -10.60434 1.000 27.79841 ?  137 LYS A CD    1 
ATOM   1176 C CE    . LYS A 1 161 ? -0.17184  7.16453   -10.60397 1.000 27.40918 ?  137 LYS A CE    1 
ATOM   1177 N NZ    . LYS A 1 161 ? 0.94317   7.95958   -10.01250 1.000 26.49984 ?  137 LYS A NZ    1 
ATOM   1178 N N     A GLN A 1 162 ? -6.85900  8.83986   -11.68727 0.496 20.49125 ?  138 GLN A N     1 
ATOM   1179 N N     B GLN A 1 162 ? -6.83680  8.83790   -11.69933 0.504 20.52077 ?  138 GLN A N     1 
ATOM   1180 C CA    A GLN A 1 162 ? -8.05409  9.53113   -11.22030 0.496 22.26065 ?  138 GLN A CA    1 
ATOM   1181 C CA    B GLN A 1 162 ? -8.04549  9.56564   -11.34400 0.504 22.73144 ?  138 GLN A CA    1 
ATOM   1182 C C     A GLN A 1 162 ? -9.25673  8.59856   -11.20755 0.496 19.92918 ?  138 GLN A C     1 
ATOM   1183 C C     B GLN A 1 162 ? -9.23618  8.62403   -11.23629 0.504 19.91090 ?  138 GLN A C     1 
ATOM   1184 O O     A GLN A 1 162 ? -10.05776 8.62865   -10.26462 0.496 21.18293 ?  138 GLN A O     1 
ATOM   1185 O O     B GLN A 1 162 ? -9.99565  8.66321   -10.25772 0.504 21.19297 ?  138 GLN A O     1 
ATOM   1186 C CB    A GLN A 1 162 ? -8.33707  10.76297  -12.08234 0.496 27.01607 ?  138 GLN A CB    1 
ATOM   1187 C CB    B GLN A 1 162 ? -8.26717  10.63618  -12.41435 0.504 24.51575 ?  138 GLN A CB    1 
ATOM   1188 C CG    A GLN A 1 162 ? -9.67894  11.42624  -11.77940 0.496 27.15847 ?  138 GLN A CG    1 
ATOM   1189 C CG    B GLN A 1 162 ? -9.48303  11.50820  -12.32152 0.504 32.18938 ?  138 GLN A CG    1 
ATOM   1190 C CD    A GLN A 1 162 ? -9.67250  12.22896  -10.48754 0.496 31.03219 ?  138 GLN A CD    1 
ATOM   1191 C CD    B GLN A 1 162 ? -9.43268  12.58258  -13.39736 0.504 32.93811 ?  138 GLN A CD    1 
ATOM   1192 O OE1   A GLN A 1 162 ? -8.70477  12.20475  -9.72880  0.496 39.39988 ?  138 GLN A OE1   1 
ATOM   1193 O OE1   B GLN A 1 162 ? -9.84717  12.35594  -14.53526 0.504 37.77641 ?  138 GLN A OE1   1 
ATOM   1194 N NE2   A GLN A 1 162 ? -10.76481 12.94684  -10.22992 0.496 31.33618 ?  138 GLN A NE2   1 
ATOM   1195 N NE2   B GLN A 1 162 ? -8.88285  13.74218  -13.05256 0.504 37.82112 ?  138 GLN A NE2   1 
ATOM   1196 N N     . THR A 1 163 ? -9.39872  7.74841   -12.23109 1.000 19.07820 ?  139 THR A N     1 
ATOM   1197 C CA    . THR A 1 163 ? -10.51874 6.81509   -12.22340 1.000 18.39587 ?  139 THR A CA    1 
ATOM   1198 C C     . THR A 1 163 ? -10.41955 5.85084   -11.04230 1.000 16.28697 ?  139 THR A C     1 
ATOM   1199 O O     . THR A 1 163 ? -11.41417 5.59895   -10.35231 1.000 17.18400 ?  139 THR A O     1 
ATOM   1200 C CB    . THR A 1 163 ? -10.58029 6.06456   -13.54975 1.000 18.95798 ?  139 THR A CB    1 
ATOM   1201 O OG1   . THR A 1 163 ? -10.82117 7.01804   -14.61228 1.000 21.26173 ?  139 THR A OG1   1 
ATOM   1202 C CG2   . THR A 1 163 ? -11.69877 5.05403   -13.52698 1.000 20.32262 ?  139 THR A CG2   1 
ATOM   1203 N N     . LEU A 1 164 ? -9.21549  5.33483   -10.77707 1.000 18.09884 ?  140 LEU A N     1 
ATOM   1204 C CA    . LEU A 1 164 ? -9.05385  4.41758   -9.65465  1.000 15.11316 ?  140 LEU A CA    1 
ATOM   1205 C C     . LEU A 1 164 ? -9.36139  5.09875   -8.32880  1.000 17.68794 ?  140 LEU A C     1 
ATOM   1206 O O     . LEU A 1 164 ? -10.02885 4.51947   -7.46077  1.000 17.44691 ?  140 LEU A O     1 
ATOM   1207 C CB    . LEU A 1 164 ? -7.63514  3.85303   -9.64533  1.000 16.66085 ?  140 LEU A CB    1 
ATOM   1208 C CG    . LEU A 1 164 ? -7.33390  2.91481   -10.82462 1.000 16.49762 ?  140 LEU A CG    1 
ATOM   1209 C CD1   . LEU A 1 164 ? -5.86264  2.51966   -10.84949 1.000 15.51658 ?  140 LEU A CD1   1 
ATOM   1210 C CD2   . LEU A 1 164 ? -8.22692  1.66440   -10.81070 1.000 17.02912 ?  140 LEU A CD2   1 
ATOM   1211 N N     . ARG A 1 165 ? -8.85163  6.32133   -8.13534  1.000 16.33761 ?  141 ARG A N     1 
ATOM   1212 C CA    . ARG A 1 165 ? -9.15614  7.04236   -6.90747  1.000 16.14877 ?  141 ARG A CA    1 
ATOM   1213 C C     . ARG A 1 165 ? -10.66010 7.26023   -6.74747  1.000 17.37557 ?  141 ARG A C     1 
ATOM   1214 O O     . ARG A 1 165 ? -11.21691 7.06782   -5.65474  1.000 19.45449 ?  141 ARG A O     1 
ATOM   1215 C CB    . ARG A 1 165 ? -8.39526  8.37360   -6.90649  1.000 20.94223 ?  141 ARG A CB    1 
ATOM   1216 C CG    . ARG A 1 165 ? -8.83580  9.35086   -5.84687  1.000 28.98159 ?  141 ARG A CG    1 
ATOM   1217 C CD    . ARG A 1 165 ? -8.83662  8.72530   -4.46638  1.000 27.74297 ?  141 ARG A CD    1 
ATOM   1218 N NE    . ARG A 1 165 ? -7.50944  8.27695   -4.06182  1.000 29.57626 ?  141 ARG A NE    1 
ATOM   1219 C CZ    . ARG A 1 165 ? -7.28993  7.38639   -3.09959  1.000 30.48709 ?  141 ARG A CZ    1 
ATOM   1220 N NH1   . ARG A 1 165 ? -8.31320  6.83708   -2.45313  1.000 27.87523 ?  141 ARG A NH1   1 
ATOM   1221 N NH2   . ARG A 1 165 ? -6.04518  7.04022   -2.78756  1.000 28.09296 ?  141 ARG A NH2   1 
ATOM   1222 N N     . GLN A 1 166 ? -11.33702 7.66565   -7.82464  1.000 18.58492 ?  142 GLN A N     1 
ATOM   1223 C CA    . GLN A 1 166 ? -12.77799 7.88073   -7.73228  1.000 20.52112 ?  142 GLN A CA    1 
ATOM   1224 C C     . GLN A 1 166 ? -13.50090 6.58003   -7.39232  1.000 18.33130 ?  142 GLN A C     1 
ATOM   1225 O O     . GLN A 1 166 ? -14.44787 6.56560   -6.58932  1.000 20.15129 ?  142 GLN A O     1 
ATOM   1226 C CB    . GLN A 1 166 ? -13.28012 8.48580   -9.04795  1.000 21.80070 ?  142 GLN A CB    1 
ATOM   1227 C CG    . GLN A 1 166 ? -12.89310 9.98257   -9.16323  1.000 22.71970 ?  142 GLN A CG    1 
ATOM   1228 C CD    . GLN A 1 166 ? -13.04643 10.63040  -10.55290 1.000 28.10567 ?  142 GLN A CD    1 
ATOM   1229 O OE1   . GLN A 1 166 ? -12.68643 11.79566  -10.72796 1.000 48.68305 ?  142 GLN A OE1   1 
ATOM   1230 N NE2   . GLN A 1 166 ? -13.53235 9.89860   -11.52249 1.000 23.61286 ?  142 GLN A NE2   1 
ATOM   1231 N N     A MET A 1 167 ? -13.05588 5.46193   -7.97423  0.478 17.40426 ?  143 MET A N     1 
ATOM   1232 N N     B MET A 1 167 ? -13.04903 5.46967   -7.97496  0.522 17.41189 ?  143 MET A N     1 
ATOM   1233 C CA    A MET A 1 167 ? -13.69968 4.18317   -7.68321  0.478 17.60508 ?  143 MET A CA    1 
ATOM   1234 C CA    B MET A 1 167 ? -13.68080 4.18606   -7.70086  0.522 17.61537 ?  143 MET A CA    1 
ATOM   1235 C C     A MET A 1 167 ? -13.50966 3.78440   -6.22480  0.478 16.95306 ?  143 MET A C     1 
ATOM   1236 C C     B MET A 1 167 ? -13.50435 3.77969   -6.23910  0.522 16.97983 ?  143 MET A C     1 
ATOM   1237 O O     A MET A 1 167 ? -14.45062 3.32191   -5.56555  0.478 18.34661 ?  143 MET A O     1 
ATOM   1238 O O     B MET A 1 167 ? -14.45206 3.31769   -5.58896  0.522 18.34390 ?  143 MET A O     1 
ATOM   1239 C CB    A MET A 1 167 ? -13.14751 3.09738   -8.60560  0.478 18.77574 ?  143 MET A CB    1 
ATOM   1240 C CB    B MET A 1 167 ? -13.09152 3.13226   -8.63454  0.522 18.70158 ?  143 MET A CB    1 
ATOM   1241 C CG    A MET A 1 167 ? -13.75544 3.11677   -9.96448  0.478 17.05210 ?  143 MET A CG    1 
ATOM   1242 C CG    B MET A 1 167 ? -13.94717 1.91432   -8.76892  0.522 22.20712 ?  143 MET A CG    1 
ATOM   1243 S SD    A MET A 1 167 ? -13.03438 1.90350   -11.08302 0.478 17.73696 ?  143 MET A SD    1 
ATOM   1244 S SD    B MET A 1 167 ? -13.36347 0.91928   -10.15417 0.522 23.56320 ?  143 MET A SD    1 
ATOM   1245 C CE    A MET A 1 167 ? -14.19361 2.00339   -12.44330 0.478 20.90349 ?  143 MET A CE    1 
ATOM   1246 C CE    B MET A 1 167 ? -14.11215 1.76495   -11.53380 0.522 17.04962 ?  143 MET A CE    1 
ATOM   1247 N N     . ILE A 1 168 ? -12.29383 3.95138   -5.70524  1.000 16.97945 ?  144 ILE A N     1 
ATOM   1248 C CA    . ILE A 1 168 ? -12.05297 3.63532   -4.30240  1.000 16.34781 ?  144 ILE A CA    1 
ATOM   1249 C C     . ILE A 1 168 ? -12.96665 4.47509   -3.42117  1.000 18.67582 ?  144 ILE A C     1 
ATOM   1250 O O     . ILE A 1 168 ? -13.67700 3.95798   -2.54698  1.000 18.18827 ?  144 ILE A O     1 
ATOM   1251 C CB    . ILE A 1 168 ? -10.56926 3.85407   -3.96653  1.000 17.49338 ?  144 ILE A CB    1 
ATOM   1252 C CG1   . ILE A 1 168 ? -9.69462  2.84613   -4.73761  1.000 18.86204 ?  144 ILE A CG1   1 
ATOM   1253 C CG2   . ILE A 1 168 ? -10.33794 3.77651   -2.46640  1.000 16.97952 ?  144 ILE A CG2   1 
ATOM   1254 C CD1   . ILE A 1 168 ? -8.22244  3.28094   -4.84113  1.000 17.25364 ?  144 ILE A CD1   1 
ATOM   1255 N N     . ASP A 1 169 ? -13.00377 5.78522   -3.68010  1.000 20.08622 ?  145 ASP A N     1 
ATOM   1256 C CA    . ASP A 1 169 ? -13.78078 6.63996   -2.79402  1.000 21.37894 ?  145 ASP A CA    1 
ATOM   1257 C C     . ASP A 1 169 ? -15.27117 6.33489   -2.87905  1.000 20.98589 ?  145 ASP A C     1 
ATOM   1258 O O     . ASP A 1 169 ? -15.98917 6.52488   -1.89289  1.000 23.77523 ?  145 ASP A O     1 
ATOM   1259 C CB    . ASP A 1 169 ? -13.50370 8.10991   -3.09783  1.000 22.19737 ?  145 ASP A CB    1 
ATOM   1260 C CG    . ASP A 1 169 ? -12.09188 8.53558   -2.70681  1.000 33.86632 ?  145 ASP A CG    1 
ATOM   1261 O OD1   . ASP A 1 169 ? -11.35528 7.75208   -2.05441  1.000 31.57775 ?  145 ASP A OD1   1 
ATOM   1262 O OD2   . ASP A 1 169 ? -11.71723 9.67915   -3.03419  1.000 35.74472 -1 145 ASP A OD2   1 
ATOM   1263 N N     . LEU A 1 170 ? -15.75137 5.83011   -4.02110  1.000 18.91070 ?  146 LEU A N     1 
ATOM   1264 C CA    . LEU A 1 170 ? -17.14618 5.43271   -4.11329  1.000 21.07778 ?  146 LEU A CA    1 
ATOM   1265 C C     . LEU A 1 170 ? -17.44425 4.07841   -3.47654  1.000 22.89357 ?  146 LEU A C     1 
ATOM   1266 O O     . LEU A 1 170 ? -18.61043 3.81594   -3.15330  1.000 30.15715 ?  146 LEU A O     1 
ATOM   1267 C CB    . LEU A 1 170 ? -17.60298 5.36369   -5.56640  1.000 22.85760 ?  146 LEU A CB    1 
ATOM   1268 C CG    . LEU A 1 170 ? -17.75400 6.74160   -6.19819  1.000 22.76204 ?  146 LEU A CG    1 
ATOM   1269 C CD1   . LEU A 1 170 ? -17.92490 6.60813   -7.69824  1.000 27.73539 ?  146 LEU A CD1   1 
ATOM   1270 C CD2   . LEU A 1 170 ? -18.94187 7.47744   -5.56955  1.000 24.88933 ?  146 LEU A CD2   1 
ATOM   1271 N N     . HIS A 1 171 ? -16.45275 3.18748   -3.33640  1.000 18.91456 ?  147 HIS A N     1 
ATOM   1272 C CA    . HIS A 1 171 ? -16.76277 1.85203   -2.84843  1.000 20.26103 ?  147 HIS A CA    1 
ATOM   1273 C C     . HIS A 1 171 ? -16.22338 1.54671   -1.45464  1.000 21.19443 ?  147 HIS A C     1 
ATOM   1274 O O     . HIS A 1 171 ? -16.55565 0.48831   -0.90148  1.000 24.02099 ?  147 HIS A O     1 
ATOM   1275 C CB    . HIS A 1 171 ? -16.27647 0.81995   -3.87669  1.000 18.57463 ?  147 HIS A CB    1 
ATOM   1276 C CG    . HIS A 1 171 ? -17.13246 0.80117   -5.10654  1.000 19.69193 ?  147 HIS A CG    1 
ATOM   1277 N ND1   . HIS A 1 171 ? -16.88314 1.57814   -6.21849  1.000 24.43450 ?  147 HIS A ND1   1 
ATOM   1278 C CD2   . HIS A 1 171 ? -18.28756 0.14769   -5.35766  1.000 16.81753 ?  147 HIS A CD2   1 
ATOM   1279 C CE1   . HIS A 1 171 ? -17.83944 1.37331   -7.11440  1.000 17.76580 ?  147 HIS A CE1   1 
ATOM   1280 N NE2   . HIS A 1 171 ? -18.69766 0.50560   -6.61369  1.000 23.57695 ?  147 HIS A NE2   1 
ATOM   1281 N N     A VAL A 1 172 ? -15.43266 2.44263   -0.86469  0.746 19.40197 ?  148 VAL A N     1 
ATOM   1282 N N     B VAL A 1 172 ? -15.42740 2.44661   -0.86827  0.254 19.31841 ?  148 VAL A N     1 
ATOM   1283 C CA    A VAL A 1 172 ? -14.89592 2.20294   0.47053   0.746 21.33079 ?  148 VAL A CA    1 
ATOM   1284 C CA    B VAL A 1 172 ? -14.91659 2.25848   0.48694   0.254 21.40027 ?  148 VAL A CA    1 
ATOM   1285 C C     A VAL A 1 172 ? -16.00676 2.34815   1.51133   0.746 31.43414 ?  148 VAL A C     1 
ATOM   1286 C C     B VAL A 1 172 ? -16.06764 2.30215   1.48723   0.254 31.60876 ?  148 VAL A C     1 
ATOM   1287 O O     A VAL A 1 172 ? -16.93133 3.15711   1.36158   0.746 32.17313 ?  148 VAL A O     1 
ATOM   1288 O O     B VAL A 1 172 ? -17.06641 3.00852   1.29563   0.254 32.49591 ?  148 VAL A O     1 
ATOM   1289 C CB    A VAL A 1 172 ? -13.70974 3.15188   0.74493   0.746 23.06379 ?  148 VAL A CB    1 
ATOM   1290 C CB    B VAL A 1 172 ? -13.85306 3.32937   0.80647   0.254 23.83749 ?  148 VAL A CB    1 
ATOM   1291 C CG1   A VAL A 1 172 ? -14.16067 4.61135   0.96762   0.746 23.20920 ?  148 VAL A CG1   1 
ATOM   1292 C CG1   B VAL A 1 172 ? -13.70687 3.55979   2.30556   0.254 30.96211 ?  148 VAL A CG1   1 
ATOM   1293 C CG2   A VAL A 1 172 ? -12.86203 2.63573   1.89039   0.746 25.09984 ?  148 VAL A CG2   1 
ATOM   1294 C CG2   B VAL A 1 172 ? -12.51776 2.93972   0.22256   0.254 22.70328 ?  148 VAL A CG2   1 
ATOM   1295 N N     . HIS A 1 173 ? -15.93409 1.53051   2.56109   1.000 30.24833 ?  149 HIS A N     1 
ATOM   1296 C CA    . HIS A 1 173 ? -16.93487 1.53149   3.62987   1.000 46.52500 ?  149 HIS A CA    1 
ATOM   1297 C C     . HIS A 1 173 ? -16.49621 2.35844   4.83669   1.000 47.67106 ?  149 HIS A C     1 
ATOM   1298 O O     . HIS A 1 173 ? -15.30542 2.45708   5.13436   1.000 48.52125 ?  149 HIS A O     1 
ATOM   1299 C CB    . HIS A 1 173 ? -17.23616 0.09800   4.06276   1.000 48.31558 ?  149 HIS A CB    1 
ATOM   1300 C CG    . HIS A 1 173 ? -17.98632 -0.68734  3.03598   1.000 65.06763 ?  149 HIS A CG    1 
ATOM   1301 N ND1   . HIS A 1 173 ? -19.19316 -0.26799  2.51835   1.000 81.26654 ?  149 HIS A ND1   1 
ATOM   1302 C CD2   . HIS A 1 173 ? -17.68994 -1.84960  2.40797   1.000 69.68346 ?  149 HIS A CD2   1 
ATOM   1303 C CE1   . HIS A 1 173 ? -19.61556 -1.14590  1.62627   1.000 81.15987 ?  149 HIS A CE1   1 
ATOM   1304 N NE2   . HIS A 1 173 ? -18.72179 -2.11517  1.54024   1.000 84.87931 ?  149 HIS A NE2   1 
HETATM 1305 C "C1'" A IOP B 2 .   ? 1.49014   -4.49826  -3.26072  0.572 21.15774 ?  201 IOP A "C1'" 1 
HETATM 1306 C "C1'" B IOP B 2 .   ? 1.96499   -4.09827  -3.32889  0.428 22.85507 ?  201 IOP A "C1'" 1 
HETATM 1307 O O1    A IOP B 2 .   ? 2.15926   -3.96204  -4.18226  0.572 23.77669 ?  201 IOP A O1    1 
HETATM 1308 O O1    B IOP B 2 .   ? 3.15479   -3.67692  -3.30711  0.428 25.31076 ?  201 IOP A O1    1 
HETATM 1309 O O2    A IOP B 2 .   ? 2.04290   -5.03259  -2.26548  0.572 25.61933 ?  201 IOP A O2    1 
HETATM 1310 O O2    B IOP B 2 .   ? 1.63701   -5.17538  -2.76126  0.428 25.70584 ?  201 IOP A O2    1 
HETATM 1311 C "C2'" A IOP B 2 .   ? -0.01902  -4.45634  -3.37917  0.572 24.24107 ?  201 IOP A "C2'" 1 
HETATM 1312 C "C2'" B IOP B 2 .   ? 0.91327   -3.28326  -4.06192  0.428 24.04363 ?  201 IOP A "C2'" 1 
HETATM 1313 C "C3'" A IOP B 2 .   ? -0.36209  -3.01533  -3.71003  0.572 15.51308 ?  201 IOP A "C3'" 1 
HETATM 1314 C "C3'" B IOP B 2 .   ? -0.43763  -3.43838  -3.38733  0.428 23.45517 ?  201 IOP A "C3'" 1 
HETATM 1315 N N1    A IOP B 2 .   ? -1.79283  -1.46146  -0.71292  0.572 16.53676 ?  201 IOP A N1    1 
HETATM 1316 N N1    B IOP B 2 .   ? -1.95180  -1.36961  -0.76765  0.428 16.37719 ?  201 IOP A N1    1 
HETATM 1317 C C2    A IOP B 2 .   ? -1.87264  -2.27524  -1.75667  0.572 16.83345 ?  201 IOP A C2    1 
HETATM 1318 C C2    B IOP B 2 .   ? -1.99067  -2.32480  -1.68037  0.428 16.97774 ?  201 IOP A C2    1 
HETATM 1319 C C3    A IOP B 2 .   ? -0.67094  -2.22991  -2.44015  0.572 16.17677 ?  201 IOP A C3    1 
HETATM 1320 C C3    B IOP B 2 .   ? -0.74693  -2.43111  -2.27706  0.428 15.43722 ?  201 IOP A C3    1 
HETATM 1321 C C3A   A IOP B 2 .   ? 0.16938   -1.33629  -1.74346  0.572 15.77326 ?  201 IOP A C3A   1 
HETATM 1322 C C3A   B IOP B 2 .   ? 0.08234   -1.45515  -1.66054  0.428 15.87983 ?  201 IOP A C3A   1 
HETATM 1323 C C4    A IOP B 2 .   ? 1.48238   -0.86386  -1.93187  0.572 16.20540 ?  201 IOP A C4    1 
HETATM 1324 C C4    B IOP B 2 .   ? 1.41920   -1.02785  -1.78829  0.428 15.87783 ?  201 IOP A C4    1 
HETATM 1325 C C5    A IOP B 2 .   ? 2.02940   0.04838   -1.04028  0.572 17.67760 ?  201 IOP A C5    1 
HETATM 1326 C C5    B IOP B 2 .   ? 1.92453   -0.00362  -1.00039  0.428 17.93766 ?  201 IOP A C5    1 
HETATM 1327 C C6    A IOP B 2 .   ? 1.27084   0.51367   0.04009   0.572 17.19659 ?  201 IOP A C6    1 
HETATM 1328 C C6    B IOP B 2 .   ? 1.09888   0.62496   -0.06637  0.428 16.12636 ?  201 IOP A C6    1 
HETATM 1329 C C7    A IOP B 2 .   ? -0.02874  0.04943   0.21290   0.572 17.53188 ?  201 IOP A C7    1 
HETATM 1330 C C7    B IOP B 2 .   ? -0.22105  0.21341   0.05788   0.428 14.87529 ?  201 IOP A C7    1 
HETATM 1331 C C7A   A IOP B 2 .   ? -0.58126  -0.88164  -0.68173  0.572 16.82099 ?  201 IOP A C7A   1 
HETATM 1332 C C7A   B IOP B 2 .   ? -0.72519  -0.83001  -0.73299  0.428 16.94635 ?  201 IOP A C7A   1 
HETATM 1333 S S     . SO4 C 3 .   ? 9.57533   8.78711   16.93440  0.471 17.97213 ?  202 SO4 A S     1 
HETATM 1334 O O1    . SO4 C 3 .   ? 9.98098   10.17404  17.09367  0.471 21.84261 ?  202 SO4 A O1    1 
HETATM 1335 O O2    . SO4 C 3 .   ? 9.03261   8.65357   15.58882  0.471 19.34734 ?  202 SO4 A O2    1 
HETATM 1336 O O3    . SO4 C 3 .   ? 10.71018  7.89239   17.11705  0.471 16.90570 -1 202 SO4 A O3    1 
HETATM 1337 O O4    . SO4 C 3 .   ? 8.54392   8.45949   17.90743  0.471 22.18419 ?  202 SO4 A O4    1 
HETATM 1338 S S     . SO4 D 3 .   ? 2.44791   -13.34725 11.56351  1.000 29.32192 ?  203 SO4 A S     1 
HETATM 1339 O O1    . SO4 D 3 .   ? 2.28306   -12.20261 10.67090  1.000 50.25658 ?  203 SO4 A O1    1 
HETATM 1340 O O2    . SO4 D 3 .   ? 3.26057   -14.36877 10.90137  1.000 30.33038 ?  203 SO4 A O2    1 
HETATM 1341 O O3    . SO4 D 3 .   ? 3.15213   -12.92341 12.76739  1.000 35.31428 -1 203 SO4 A O3    1 
HETATM 1342 O O4    . SO4 D 3 .   ? 1.13777   -13.89607 11.91640  1.000 34.45191 ?  203 SO4 A O4    1 
HETATM 1343 S S     . SO4 E 3 .   ? 4.46671   -12.42295 -5.16207  1.000 59.46512 ?  204 SO4 A S     1 
HETATM 1344 O O1    . SO4 E 3 .   ? 4.35774   -11.07765 -4.61077  1.000 48.39393 ?  204 SO4 A O1    1 
HETATM 1345 O O2    . SO4 E 3 .   ? 3.79632   -12.49577 -6.45936  1.000 59.97757 ?  204 SO4 A O2    1 
HETATM 1346 O O3    . SO4 E 3 .   ? 3.83640   -13.36355 -4.23432  1.000 65.57125 ?  204 SO4 A O3    1 
HETATM 1347 O O4    . SO4 E 3 .   ? 5.87833   -12.75222 -5.33319  1.000 51.54026 ?  204 SO4 A O4    1 
HETATM 1348 S S     . SO4 F 3 .   ? 13.35285  -4.56330  7.60368   1.000 94.79298 ?  205 SO4 A S     1 
HETATM 1349 O O1    . SO4 F 3 .   ? 12.00181  -4.13587  7.24878   1.000 55.70605 ?  205 SO4 A O1    1 
HETATM 1350 O O2    . SO4 F 3 .   ? 14.27149  -4.34307  6.48647   1.000 61.59885 ?  205 SO4 A O2    1 
HETATM 1351 O O3    . SO4 F 3 .   ? 13.82371  -3.80413  8.75950   1.000 75.38336 ?  205 SO4 A O3    1 
HETATM 1352 O O4    . SO4 F 3 .   ? 13.31085  -5.98417  7.93240   1.000 68.20807 ?  205 SO4 A O4    1 
HETATM 1353 O O     . HOH G 4 .   ? 4.21050   -2.19832  -4.28255  1.000 29.11114 ?  301 HOH A O     1 
HETATM 1354 O O     . HOH G 4 .   ? 17.48502  6.03359   4.92353   1.000 56.00309 ?  302 HOH A O     1 
HETATM 1355 O O     . HOH G 4 .   ? 8.16201   -10.55331 8.22725   0.50  51.82226 ?  303 HOH A O     1 
HETATM 1356 O O     . HOH G 4 .   ? 8.05452   9.03603   20.15354  1.000 20.33819 ?  304 HOH A O     1 
HETATM 1357 O O     . HOH G 4 .   ? 4.62836   -15.39393 9.17653   1.000 26.58122 ?  305 HOH A O     1 
HETATM 1358 O O     . HOH G 4 .   ? 4.81045   -10.03309 -12.58638 1.000 27.06803 ?  306 HOH A O     1 
HETATM 1359 O O     . HOH G 4 .   ? 7.43598   -11.27704 -6.52873  1.000 30.35511 ?  307 HOH A O     1 
HETATM 1360 O O     . HOH G 4 .   ? 3.78781   7.60807   -6.90933  1.000 38.37396 ?  308 HOH A O     1 
HETATM 1361 O O     . HOH G 4 .   ? -4.53469  11.77808  -11.73043 1.000 48.80156 ?  309 HOH A O     1 
HETATM 1362 O O     . HOH G 4 .   ? -17.39837 -9.46746  -20.16968 1.000 37.86808 ?  310 HOH A O     1 
HETATM 1363 O O     . HOH G 4 .   ? 1.40246   -9.50213  -6.52328  1.000 29.07138 ?  311 HOH A O     1 
HETATM 1364 O O     . HOH G 4 .   ? -19.15566 -7.77831  -11.32853 1.000 18.78174 ?  312 HOH A O     1 
HETATM 1365 O O     . HOH G 4 .   ? 1.79742   1.30482   21.75517  1.000 42.45539 ?  313 HOH A O     1 
HETATM 1366 O O     . HOH G 4 .   ? -2.71004  -9.19305  18.29969  1.000 50.21146 ?  314 HOH A O     1 
HETATM 1367 O O     . HOH G 4 .   ? 2.08582   7.03759   2.27998   1.000 27.37544 ?  315 HOH A O     1 
HETATM 1368 O O     . HOH G 4 .   ? 0.30771   -10.63874 10.07893  1.000 29.46478 ?  316 HOH A O     1 
HETATM 1369 O O     . HOH G 4 .   ? 7.85057   -8.02401  11.73281  1.000 41.72206 ?  317 HOH A O     1 
HETATM 1370 O O     . HOH G 4 .   ? 17.29781  5.58076   -6.47278  1.000 52.13310 ?  318 HOH A O     1 
HETATM 1371 O O     . HOH G 4 .   ? -1.17020  -3.64844  -7.42885  1.000 21.20086 ?  319 HOH A O     1 
HETATM 1372 O O     . HOH G 4 .   ? -11.25359 6.75055   0.35646   1.000 42.04463 ?  320 HOH A O     1 
HETATM 1373 O O     . HOH G 4 .   ? -3.17412  -13.78912 9.89565   1.000 46.99051 ?  321 HOH A O     1 
HETATM 1374 O O     . HOH G 4 .   ? -10.48851 12.62999  -7.64291  1.000 69.34728 ?  322 HOH A O     1 
HETATM 1375 O O     . HOH G 4 .   ? -1.33099  -13.11707 10.90001  1.000 36.42308 ?  323 HOH A O     1 
HETATM 1376 O O     . HOH G 4 .   ? 8.86135   -5.68490  10.71173  1.000 31.26090 ?  324 HOH A O     1 
HETATM 1377 O O     . HOH G 4 .   ? -18.01867 -1.66401  -1.27056  1.000 29.39209 ?  325 HOH A O     1 
HETATM 1378 O O     . HOH G 4 .   ? 10.94577  -7.56037  -10.53793 1.000 44.21389 ?  326 HOH A O     1 
HETATM 1379 O O     . HOH G 4 .   ? 11.46293  -8.46258  7.14433   1.000 38.70539 ?  327 HOH A O     1 
HETATM 1380 O O     . HOH G 4 .   ? 15.85287  2.53953   10.17411  1.000 30.96323 ?  328 HOH A O     1 
HETATM 1381 O O     . HOH G 4 .   ? 5.05685   9.06426   20.22499  1.000 30.23001 ?  329 HOH A O     1 
HETATM 1382 O O     . HOH G 4 .   ? 3.51254   -0.93737  -18.49030 1.000 22.24860 ?  330 HOH A O     1 
HETATM 1383 O O     . HOH G 4 .   ? -0.10988  -7.46252  2.91165   1.000 39.60031 ?  331 HOH A O     1 
HETATM 1384 O O     . HOH G 4 .   ? 14.69986  1.22277   2.00597   1.000 25.53552 ?  332 HOH A O     1 
HETATM 1385 O O     . HOH G 4 .   ? -9.29124  4.91622   1.18397   1.000 39.25488 ?  333 HOH A O     1 
HETATM 1386 O O     . HOH G 4 .   ? 16.02439  3.65609   3.22408   1.000 29.81735 ?  334 HOH A O     1 
HETATM 1387 O O     . HOH G 4 .   ? -10.47169 -14.46385 7.53361   1.000 33.93671 ?  335 HOH A O     1 
HETATM 1388 O O     . HOH G 4 .   ? -4.70831  -12.38497 6.12329   1.000 42.78602 ?  336 HOH A O     1 
HETATM 1389 O O     . HOH G 4 .   ? 10.46404  6.11072   19.13310  0.50  45.27575 ?  337 HOH A O     1 
HETATM 1390 O O     . HOH G 4 .   ? 3.99355   4.43972   -26.06675 1.000 29.88156 ?  338 HOH A O     1 
HETATM 1391 O O     . HOH G 4 .   ? -8.29959  -13.47309 -20.50297 1.000 29.28300 ?  339 HOH A O     1 
HETATM 1392 O O     . HOH G 4 .   ? 5.47967   1.47759   20.81029  1.000 40.83765 ?  340 HOH A O     1 
HETATM 1393 O O     . HOH G 4 .   ? 0.67987   -1.08729  21.33288  1.000 46.97436 ?  341 HOH A O     1 
HETATM 1394 O O     . HOH G 4 .   ? -0.00251  -14.55909 -12.55778 1.000 34.46322 ?  342 HOH A O     1 
HETATM 1395 O O     . HOH G 4 .   ? -9.03248  -11.26172 -18.68936 1.000 23.06386 ?  343 HOH A O     1 
HETATM 1396 O O     . HOH G 4 .   ? 19.12954  -0.31367  -3.96816  1.000 48.04631 ?  344 HOH A O     1 
HETATM 1397 O O     . HOH G 4 .   ? -15.40451 8.36849   0.03068   1.000 33.09509 ?  345 HOH A O     1 
HETATM 1398 O O     . HOH G 4 .   ? 17.92325  -11.96027 -1.31377  1.000 41.77337 ?  346 HOH A O     1 
HETATM 1399 O O     . HOH G 4 .   ? 8.22998   -3.36724  -15.42456 1.000 38.87730 ?  347 HOH A O     1 
HETATM 1400 O O     . HOH G 4 .   ? -10.98246 -1.83818  7.46992   1.000 34.08790 ?  348 HOH A O     1 
HETATM 1401 O O     . HOH G 4 .   ? 2.54543   10.50548  11.99489  1.000 41.70701 ?  349 HOH A O     1 
HETATM 1402 O O     . HOH G 4 .   ? -2.91619  -7.44844  -5.95530  1.000 40.04802 ?  350 HOH A O     1 
HETATM 1403 O O     . HOH G 4 .   ? -5.91017  -11.96900 -19.55595 1.000 25.03105 ?  351 HOH A O     1 
HETATM 1404 O O     . HOH G 4 .   ? -2.58948  -12.18408 -13.38681 1.000 22.90589 ?  352 HOH A O     1 
HETATM 1405 O O     . HOH G 4 .   ? -10.74965 6.07292   -17.30976 1.000 27.05174 ?  353 HOH A O     1 
HETATM 1406 O O     . HOH G 4 .   ? -1.22893  9.69306   -22.49496 1.000 31.13950 ?  354 HOH A O     1 
HETATM 1407 O O     . HOH G 4 .   ? 11.77199  3.49000   17.05246  1.000 25.60133 ?  355 HOH A O     1 
HETATM 1408 O O     . HOH G 4 .   ? -4.11286  -8.20230  -0.51085  1.000 44.04201 ?  356 HOH A O     1 
HETATM 1409 O O     . HOH G 4 .   ? 5.12557   -10.41995 6.72463   1.000 38.79495 ?  357 HOH A O     1 
HETATM 1410 O O     . HOH G 4 .   ? 7.40701   2.00731   18.61803  1.000 34.63141 ?  358 HOH A O     1 
HETATM 1411 O O     . HOH G 4 .   ? 6.39165   7.41359   -9.88668  1.000 34.32634 ?  359 HOH A O     1 
HETATM 1412 O O     . HOH G 4 .   ? 7.91912   0.05653   -19.51946 1.000 34.15125 ?  360 HOH A O     1 
HETATM 1413 O O     . HOH G 4 .   ? 0.44806   -11.34833 18.60232  1.000 27.65315 ?  361 HOH A O     1 
HETATM 1414 O O     . HOH G 4 .   ? 2.62788   7.68605   10.07254  1.000 20.85064 ?  362 HOH A O     1 
HETATM 1415 O O     . HOH G 4 .   ? 11.65965  8.24425   -0.39830  1.000 32.38931 ?  363 HOH A O     1 
HETATM 1416 O O     . HOH G 4 .   ? -9.54496  -6.73904  -22.93885 1.000 34.00867 ?  364 HOH A O     1 
HETATM 1417 O O     . HOH G 4 .   ? 4.91639   9.71044   12.27211  1.000 41.83480 ?  365 HOH A O     1 
HETATM 1418 O O     . HOH G 4 .   ? -9.25459  -4.68881  4.48130   1.000 41.38148 ?  366 HOH A O     1 
HETATM 1419 O O     . HOH G 4 .   ? -4.78777  -9.19706  -7.61838  1.000 20.76156 ?  367 HOH A O     1 
HETATM 1420 O O     . HOH G 4 .   ? -4.57516  11.27929  13.82380  1.000 41.11681 ?  368 HOH A O     1 
HETATM 1421 O O     . HOH G 4 .   ? 19.57052  -8.94850  -1.03225  1.000 46.38806 ?  369 HOH A O     1 
HETATM 1422 O O     . HOH G 4 .   ? 9.41633   11.27596  14.48630  0.50  39.11233 ?  370 HOH A O     1 
HETATM 1423 O O     . HOH G 4 .   ? 15.97511  -0.91989  5.34849   1.000 33.94533 ?  371 HOH A O     1 
HETATM 1424 O O     . HOH G 4 .   ? -10.77596 -7.45191  8.13066   1.000 40.17255 ?  372 HOH A O     1 
HETATM 1425 O O     . HOH G 4 .   ? 6.46769   10.03484  8.12500   1.000 34.28078 ?  373 HOH A O     1 
HETATM 1426 O O     . HOH G 4 .   ? -12.78746 10.75676  -5.47959  1.000 47.48733 ?  374 HOH A O     1 
HETATM 1427 O O     . HOH G 4 .   ? -18.07496 -15.98387 -22.31043 1.000 42.57267 ?  375 HOH A O     1 
HETATM 1428 O O     . HOH G 4 .   ? -14.30491 -0.83353  2.88860   1.000 46.54354 ?  376 HOH A O     1 
HETATM 1429 O O     . HOH G 4 .   ? 16.76897  -2.16099  3.23508   1.000 33.71472 ?  377 HOH A O     1 
HETATM 1430 O O     . HOH G 4 .   ? -10.09119 1.25727   13.48878  1.000 32.66394 ?  378 HOH A O     1 
HETATM 1431 O O     . HOH G 4 .   ? 0.50015   -9.67670  -2.38084  1.000 48.84100 ?  379 HOH A O     1 
HETATM 1432 O O     . HOH G 4 .   ? -5.13577  -10.23553 4.74994   1.000 33.42195 ?  380 HOH A O     1 
HETATM 1433 O O     . HOH G 4 .   ? 5.99107   7.67967   -16.47917 1.000 34.94550 ?  381 HOH A O     1 
HETATM 1434 O O     . HOH G 4 .   ? -0.27831  5.02279   -25.10326 1.000 34.73372 ?  382 HOH A O     1 
HETATM 1435 O O     . HOH G 4 .   ? -15.30245 9.31142   -5.86835  1.000 29.57229 ?  383 HOH A O     1 
HETATM 1436 O O     . HOH G 4 .   ? -8.89728  0.74690   15.86528  1.000 43.45460 ?  384 HOH A O     1 
HETATM 1437 O O     . HOH G 4 .   ? -5.11769  -10.46347 15.76263  1.000 44.64450 ?  385 HOH A O     1 
HETATM 1438 O O     . HOH G 4 .   ? 4.55849   -13.98268 -9.65990  1.000 49.28506 ?  386 HOH A O     1 
HETATM 1439 O O     . HOH G 4 .   ? -12.73449 0.96403   5.33269   1.000 43.77485 ?  387 HOH A O     1 
HETATM 1440 O O     . HOH G 4 .   ? -11.85682 12.37413  -17.51939 1.000 55.89858 ?  388 HOH A O     1 
HETATM 1441 O O     . HOH G 4 .   ? 0.54145   -16.58762 10.75274  1.000 43.56465 ?  389 HOH A O     1 
HETATM 1442 O O     . HOH G 4 .   ? 13.98686  -1.44706  10.64889  1.000 44.85938 ?  390 HOH A O     1 
HETATM 1443 O O     . HOH G 4 .   ? 7.63352   5.13999   19.41020  1.000 43.62625 ?  391 HOH A O     1 
HETATM 1444 O O     . HOH G 4 .   ? 13.10527  0.59453   -9.59434  1.000 45.70930 ?  392 HOH A O     1 
HETATM 1445 O O     . HOH G 4 .   ? -9.64096  10.70225  -0.99518  1.000 54.98816 ?  393 HOH A O     1 
HETATM 1446 O O     . HOH G 4 .   ? -10.96831 3.16026   4.85232   1.000 42.94514 ?  394 HOH A O     1 
HETATM 1447 O O     . HOH G 4 .   ? 3.55983   8.48385   -18.22783 1.000 39.13546 ?  395 HOH A O     1 
HETATM 1448 O O     . HOH G 4 .   ? -10.32840 -4.45902  -23.24141 1.000 47.45217 ?  396 HOH A O     1 
HETATM 1449 O O     . HOH G 4 .   ? 7.40967   -10.71789 -11.24440 1.000 37.35294 ?  397 HOH A O     1 
HETATM 1450 O O     . HOH G 4 .   ? 3.80965   -12.64932 -12.22667 1.000 37.56652 ?  398 HOH A O     1 
HETATM 1451 O O     . HOH G 4 .   ? 0.61070   12.30847  -22.72141 1.000 44.55186 ?  399 HOH A O     1 
HETATM 1452 O O     . HOH G 4 .   ? 3.94054   3.28763   23.06234  1.000 55.66583 ?  400 HOH A O     1 
HETATM 1453 O O     . HOH G 4 .   ? -7.34766  10.94104  14.90725  1.000 57.94338 ?  401 HOH A O     1 
HETATM 1454 O O     . HOH G 4 .   ? 17.67420  3.06568   8.08308   1.000 44.78382 ?  402 HOH A O     1 
HETATM 1455 O O     . HOH G 4 .   ? 4.80437   -12.58682 6.72391   0.50  53.94306 ?  403 HOH A O     1 
HETATM 1456 O O     . HOH G 4 .   ? 18.74554  4.70917   6.82382   1.000 60.86830 ?  404 HOH A O     1 
HETATM 1457 O O     . HOH G 4 .   ? 1.53371   -10.99707 2.15059   1.000 44.01512 ?  405 HOH A O     1 
HETATM 1458 O O     . HOH G 4 .   ? -13.05337 13.63328  -15.52755 1.000 47.19938 ?  406 HOH A O     1 
HETATM 1459 O O     . HOH G 4 .   ? -8.18012  4.75170   -17.24354 0.50  22.73605 ?  407 HOH A O     1 
HETATM 1460 O O     . HOH G 4 .   ? -3.92867  -7.08038  -3.38051  1.000 39.08440 ?  408 HOH A O     1 
HETATM 1461 O O     . HOH G 4 .   ? 4.87386   7.89718   -11.97303 1.000 46.37606 ?  409 HOH A O     1 
HETATM 1462 O O     . HOH G 4 .   ? 8.22232   9.96066   11.22710  1.000 46.28900 ?  410 HOH A O     1 
HETATM 1463 O O     . HOH G 4 .   ? -11.79701 16.13055  -12.48924 1.000 43.80196 ?  411 HOH A O     1 
HETATM 1464 O O     . HOH G 4 .   ? -13.64935 -1.12162  12.25816  1.000 55.65936 ?  412 HOH A O     1 
HETATM 1465 O O     . HOH G 4 .   ? -0.28645  -10.21243 0.93277   1.000 52.20939 ?  413 HOH A O     1 
HETATM 1466 O O     . HOH G 4 .   ? -20.66489 3.71137   -7.97760  1.000 29.46779 ?  414 HOH A O     1 
HETATM 1467 O O     . HOH G 4 .   ? 2.72542   9.70965   -15.38674 1.000 49.69396 ?  415 HOH A O     1 
HETATM 1468 O O     . HOH G 4 .   ? 16.87114  -0.35761  1.48750   1.000 35.93823 ?  416 HOH A O     1 
HETATM 1469 O O     . HOH G 4 .   ? 9.82474   3.83183   18.87900  1.000 47.21096 ?  417 HOH A O     1 
HETATM 1470 O O     . HOH G 4 .   ? 17.47040  4.51492   12.01123  1.000 45.36778 ?  418 HOH A O     1 
HETATM 1471 O O     . HOH G 4 .   ? -1.99737  -0.03628  21.43635  1.000 53.34711 ?  419 HOH A O     1 
HETATM 1472 O O     . HOH G 4 .   ? -7.63214  -8.91227  16.34890  1.000 47.95030 ?  420 HOH A O     1 
HETATM 1473 O O     . HOH G 4 .   ? 15.88829  -0.25049  10.45167  1.000 46.71930 ?  421 HOH A O     1 
HETATM 1474 O O     . HOH G 4 .   ? -11.46188 6.04475   4.48968   1.000 54.31228 ?  422 HOH A O     1 
HETATM 1475 O O     . HOH G 4 .   ? -9.68794  -12.75491 9.80464   0.50  37.78122 ?  423 HOH A O     1 
HETATM 1476 O O     . HOH G 4 .   ? -10.99533 -10.60116 9.03597   1.000 33.07244 ?  424 HOH A O     1 
HETATM 1477 O O     . HOH G 4 .   ? -14.41738 0.83844   9.32961   1.000 57.74959 ?  425 HOH A O     1 
HETATM 1478 O O     . HOH G 4 .   ? 4.69879   8.82982   -14.60030 1.000 47.86931 ?  426 HOH A O     1 
HETATM 1479 O O     . HOH G 4 .   ? -12.51831 -9.67707  11.34946  1.000 41.88916 ?  427 HOH A O     1 
# 
loop_
_pdbx_poly_seq_scheme.asym_id 
_pdbx_poly_seq_scheme.entity_id 
_pdbx_poly_seq_scheme.seq_id 
_pdbx_poly_seq_scheme.mon_id 
_pdbx_poly_seq_scheme.ndb_seq_num 
_pdbx_poly_seq_scheme.pdb_seq_num 
_pdbx_poly_seq_scheme.auth_seq_num 
_pdbx_poly_seq_scheme.pdb_mon_id 
_pdbx_poly_seq_scheme.auth_mon_id 
_pdbx_poly_seq_scheme.pdb_strand_id 
_pdbx_poly_seq_scheme.pdb_ins_code 
_pdbx_poly_seq_scheme.hetero 
A 1 1   MET 1   -23 ?   ?   ?   A . n 
A 1 2   HIS 2   -22 ?   ?   ?   A . n 
A 1 3   HIS 3   -21 ?   ?   ?   A . n 
A 1 4   HIS 4   -20 ?   ?   ?   A . n 
A 1 5   HIS 5   -19 ?   ?   ?   A . n 
A 1 6   HIS 6   -18 ?   ?   ?   A . n 
A 1 7   HIS 7   -17 ?   ?   ?   A . n 
A 1 8   SER 8   -16 ?   ?   ?   A . n 
A 1 9   SER 9   -15 ?   ?   ?   A . n 
A 1 10  GLY 10  -14 ?   ?   ?   A . n 
A 1 11  VAL 11  -13 ?   ?   ?   A . n 
A 1 12  ASP 12  -12 ?   ?   ?   A . n 
A 1 13  LEU 13  -11 ?   ?   ?   A . n 
A 1 14  GLY 14  -10 ?   ?   ?   A . n 
A 1 15  THR 15  -9  ?   ?   ?   A . n 
A 1 16  GLU 16  -8  ?   ?   ?   A . n 
A 1 17  ASN 17  -7  ?   ?   ?   A . n 
A 1 18  LEU 18  -6  ?   ?   ?   A . n 
A 1 19  TYR 19  -5  ?   ?   ?   A . n 
A 1 20  PHE 20  -4  ?   ?   ?   A . n 
A 1 21  GLN 21  -3  ?   ?   ?   A . n 
A 1 22  SER 22  -2  ?   ?   ?   A . n 
A 1 23  ASN 23  -1  ?   ?   ?   A . n 
A 1 24  ALA 24  0   ?   ?   ?   A . n 
A 1 25  MET 25  1   ?   ?   ?   A . n 
A 1 26  ALA 26  2   ?   ?   ?   A . n 
A 1 27  GLU 27  3   ?   ?   ?   A . n 
A 1 28  GLN 28  4   ?   ?   ?   A . n 
A 1 29  PRO 29  5   ?   ?   ?   A . n 
A 1 30  PRO 30  6   ?   ?   ?   A . n 
A 1 31  GLU 31  7   ?   ?   ?   A . n 
A 1 32  THR 32  8   ?   ?   ?   A . n 
A 1 33  HIS 33  9   ?   ?   ?   A . n 
A 1 34  ARG 34  10  10  ARG ARG A . n 
A 1 35  PHE 35  11  11  PHE PHE A . n 
A 1 36  VAL 36  12  12  VAL VAL A . n 
A 1 37  ASP 37  13  13  ASP ASP A . n 
A 1 38  ASP 38  14  14  ASP ASP A . n 
A 1 39  TYR 39  15  15  TYR TYR A . n 
A 1 40  LEU 40  16  16  LEU LEU A . n 
A 1 41  PRO 41  17  17  PRO PRO A . n 
A 1 42  ALA 42  18  18  ALA ALA A . n 
A 1 43  LEU 43  19  19  LEU LEU A . n 
A 1 44  LEU 44  20  20  LEU LEU A . n 
A 1 45  ALA 45  21  21  ALA ALA A . n 
A 1 46  GLN 46  22  22  GLN GLN A . n 
A 1 47  ALA 47  23  23  ALA ALA A . n 
A 1 48  SER 48  24  24  SER SER A . n 
A 1 49  GLN 49  25  25  GLN GLN A . n 
A 1 50  LEU 50  26  26  LEU LEU A . n 
A 1 51  ILE 51  27  27  ILE ILE A . n 
A 1 52  SER 52  28  28  SER SER A . n 
A 1 53  SER 53  29  29  SER SER A . n 
A 1 54  GLU 54  30  30  GLU GLU A . n 
A 1 55  PHE 55  31  31  PHE PHE A . n 
A 1 56  HIS 56  32  32  HIS HIS A . n 
A 1 57  GLU 57  33  33  GLU GLU A . n 
A 1 58  VAL 58  34  34  VAL VAL A . n 
A 1 59  ALA 59  35  35  ALA ALA A . n 
A 1 60  ARG 60  36  36  ARG ARG A . n 
A 1 61  GLN 61  37  37  GLN GLN A . n 
A 1 62  HIS 62  38  38  HIS HIS A . n 
A 1 63  GLY 63  39  39  GLY GLY A . n 
A 1 64  PHE 64  40  40  PHE PHE A . n 
A 1 65  SER 65  41  41  SER SER A . n 
A 1 66  VAL 66  42  42  VAL VAL A . n 
A 1 67  SER 67  43  43  SER SER A . n 
A 1 68  GLU 68  44  44  GLU GLU A . n 
A 1 69  TRP 69  45  45  TRP TRP A . n 
A 1 70  ARG 70  46  46  ARG ARG A . n 
A 1 71  VAL 71  47  47  VAL VAL A . n 
A 1 72  MET 72  48  48  MET MET A . n 
A 1 73  ALA 73  49  49  ALA ALA A . n 
A 1 74  SER 74  50  50  SER SER A . n 
A 1 75  LEU 75  51  51  LEU LEU A . n 
A 1 76  ALA 76  52  52  ALA ALA A . n 
A 1 77  GLY 77  53  53  GLY GLY A . n 
A 1 78  SER 78  54  54  SER SER A . n 
A 1 79  GLU 79  55  55  GLU GLU A . n 
A 1 80  PRO 80  56  56  PRO PRO A . n 
A 1 81  ILE 81  57  57  ILE ILE A . n 
A 1 82  SER 82  58  58  SER SER A . n 
A 1 83  ILE 83  59  59  ILE ILE A . n 
A 1 84  GLY 84  60  60  GLY GLY A . n 
A 1 85  GLN 85  61  61  GLN GLN A . n 
A 1 86  LEU 86  62  62  LEU LEU A . n 
A 1 87  ALA 87  63  63  ALA ALA A . n 
A 1 88  GLN 88  64  64  GLN GLN A . n 
A 1 89  VAL 89  65  65  VAL VAL A . n 
A 1 90  THR 90  66  66  THR THR A . n 
A 1 91  VAL 91  67  67  VAL VAL A . n 
A 1 92  THR 92  68  68  THR THR A . n 
A 1 93  LYS 93  69  69  LYS LYS A . n 
A 1 94  GLN 94  70  70  GLN GLN A . n 
A 1 95  PRO 95  71  71  PRO PRO A . n 
A 1 96  THR 96  72  72  THR THR A . n 
A 1 97  VAL 97  73  73  VAL VAL A . n 
A 1 98  THR 98  74  74  THR THR A . n 
A 1 99  ARG 99  75  75  ARG ARG A . n 
A 1 100 LEU 100 76  76  LEU LEU A . n 
A 1 101 LEU 101 77  77  LEU LEU A . n 
A 1 102 ASP 102 78  78  ASP ASP A . n 
A 1 103 ARG 103 79  79  ARG ARG A . n 
A 1 104 MET 104 80  80  MET MET A . n 
A 1 105 GLU 105 81  81  GLU GLU A . n 
A 1 106 ALA 106 82  82  ALA ALA A . n 
A 1 107 ARG 107 83  83  ARG ARG A . n 
A 1 108 GLY 108 84  84  GLY GLY A . n 
A 1 109 GLN 109 85  85  GLN GLN A . n 
A 1 110 VAL 110 86  86  VAL VAL A . n 
A 1 111 GLU 111 87  87  GLU GLU A . n 
A 1 112 ARG 112 88  88  ARG ARG A . n 
A 1 113 LEU 113 89  89  LEU LEU A . n 
A 1 114 PRO 114 90  90  PRO PRO A . n 
A 1 115 HIS 115 91  91  HIS HIS A . n 
A 1 116 GLU 116 92  92  GLU GLU A . n 
A 1 117 SER 117 93  93  SER SER A . n 
A 1 118 ASP 118 94  94  ASP ASP A . n 
A 1 119 ARG 119 95  95  ARG ARG A . n 
A 1 120 ARG 120 96  96  ARG ARG A . n 
A 1 121 ILE 121 97  97  ILE ILE A . n 
A 1 122 THR 122 98  98  THR THR A . n 
A 1 123 LEU 123 99  99  LEU LEU A . n 
A 1 124 VAL 124 100 100 VAL VAL A . n 
A 1 125 ARG 125 101 101 ARG ARG A . n 
A 1 126 ILE 126 102 102 ILE ILE A . n 
A 1 127 THR 127 103 103 THR THR A . n 
A 1 128 ARG 128 104 104 ARG ARG A . n 
A 1 129 LYS 129 105 105 LYS LYS A . n 
A 1 130 GLY 130 106 106 GLY GLY A . n 
A 1 131 LEU 131 107 107 LEU LEU A . n 
A 1 132 LYS 132 108 108 LYS LYS A . n 
A 1 133 ALA 133 109 109 ALA ALA A . n 
A 1 134 VAL 134 110 110 VAL VAL A . n 
A 1 135 GLU 135 111 111 GLU GLU A . n 
A 1 136 HIS 136 112 112 HIS HIS A . n 
A 1 137 LEU 137 113 113 LEU LEU A . n 
A 1 138 MET 138 114 114 MET MET A . n 
A 1 139 GLU 139 115 115 GLU GLU A . n 
A 1 140 LEU 140 116 116 LEU LEU A . n 
A 1 141 ALA 141 117 117 ALA ALA A . n 
A 1 142 ARG 142 118 118 ARG ARG A . n 
A 1 143 GLU 143 119 119 GLU GLU A . n 
A 1 144 HIS 144 120 120 HIS HIS A . n 
A 1 145 GLU 145 121 121 GLU GLU A . n 
A 1 146 ARG 146 122 122 ARG ARG A . n 
A 1 147 ARG 147 123 123 ARG ARG A . n 
A 1 148 VAL 148 124 124 VAL VAL A . n 
A 1 149 LEU 149 125 125 LEU LEU A . n 
A 1 150 GLU 150 126 126 GLU GLU A . n 
A 1 151 PRO 151 127 127 PRO PRO A . n 
A 1 152 PHE 152 128 128 PHE PHE A . n 
A 1 153 GLY 153 129 129 GLY GLY A . n 
A 1 154 LEU 154 130 130 LEU LEU A . n 
A 1 155 ARG 155 131 131 ARG ARG A . n 
A 1 156 ARG 156 132 132 ARG ARG A . n 
A 1 157 ALA 157 133 133 ALA ALA A . n 
A 1 158 GLU 158 134 134 GLU GLU A . n 
A 1 159 GLU 159 135 135 GLU GLU A . n 
A 1 160 LEU 160 136 136 LEU LEU A . n 
A 1 161 LYS 161 137 137 LYS LYS A . n 
A 1 162 GLN 162 138 138 GLN GLN A . n 
A 1 163 THR 163 139 139 THR THR A . n 
A 1 164 LEU 164 140 140 LEU LEU A . n 
A 1 165 ARG 165 141 141 ARG ARG A . n 
A 1 166 GLN 166 142 142 GLN GLN A . n 
A 1 167 MET 167 143 143 MET MET A . n 
A 1 168 ILE 168 144 144 ILE ILE A . n 
A 1 169 ASP 169 145 145 ASP ASP A . n 
A 1 170 LEU 170 146 146 LEU LEU A . n 
A 1 171 HIS 171 147 147 HIS HIS A . n 
A 1 172 VAL 172 148 148 VAL VAL A . n 
A 1 173 HIS 173 149 149 HIS HIS A . n 
A 1 174 VAL 174 150 ?   ?   ?   A . n 
A 1 175 PRO 175 151 ?   ?   ?   A . n 
A 1 176 VAL 176 152 ?   ?   ?   A . n 
A 1 177 GLU 177 153 ?   ?   ?   A . n 
A 1 178 GLU 178 154 ?   ?   ?   A . n 
A 1 179 PRO 179 155 ?   ?   ?   A . n 
A 1 180 GLU 180 156 ?   ?   ?   A . n 
A 1 181 GLU 181 157 ?   ?   ?   A . n 
A 1 182 ASP 182 158 ?   ?   ?   A . n 
# 
loop_
_pdbx_nonpoly_scheme.asym_id 
_pdbx_nonpoly_scheme.entity_id 
_pdbx_nonpoly_scheme.mon_id 
_pdbx_nonpoly_scheme.ndb_seq_num 
_pdbx_nonpoly_scheme.pdb_seq_num 
_pdbx_nonpoly_scheme.auth_seq_num 
_pdbx_nonpoly_scheme.pdb_mon_id 
_pdbx_nonpoly_scheme.auth_mon_id 
_pdbx_nonpoly_scheme.pdb_strand_id 
_pdbx_nonpoly_scheme.pdb_ins_code 
B 2 IOP 1   201 1   IOP IPA A . 
C 3 SO4 1   202 1   SO4 SO4 A . 
D 3 SO4 1   203 2   SO4 SO4 A . 
E 3 SO4 1   204 3   SO4 SO4 A . 
F 3 SO4 1   205 4   SO4 SO4 A . 
G 4 HOH 1   301 92  HOH HOH A . 
G 4 HOH 2   302 66  HOH HOH A . 
G 4 HOH 3   303 95  HOH HOH A . 
G 4 HOH 4   304 6   HOH HOH A . 
G 4 HOH 5   305 12  HOH HOH A . 
G 4 HOH 6   306 14  HOH HOH A . 
G 4 HOH 7   307 49  HOH HOH A . 
G 4 HOH 8   308 44  HOH HOH A . 
G 4 HOH 9   309 61  HOH HOH A . 
G 4 HOH 10  310 25  HOH HOH A . 
G 4 HOH 11  311 31  HOH HOH A . 
G 4 HOH 12  312 1   HOH HOH A . 
G 4 HOH 13  313 69  HOH HOH A . 
G 4 HOH 14  314 71  HOH HOH A . 
G 4 HOH 15  315 10  HOH HOH A . 
G 4 HOH 16  316 24  HOH HOH A . 
G 4 HOH 17  317 83  HOH HOH A . 
G 4 HOH 18  318 87  HOH HOH A . 
G 4 HOH 19  319 3   HOH HOH A . 
G 4 HOH 20  320 65  HOH HOH A . 
G 4 HOH 21  321 93  HOH HOH A . 
G 4 HOH 22  322 59  HOH HOH A . 
G 4 HOH 23  323 70  HOH HOH A . 
G 4 HOH 24  324 21  HOH HOH A . 
G 4 HOH 25  325 29  HOH HOH A . 
G 4 HOH 26  326 84  HOH HOH A . 
G 4 HOH 27  327 51  HOH HOH A . 
G 4 HOH 28  328 35  HOH HOH A . 
G 4 HOH 29  329 20  HOH HOH A . 
G 4 HOH 30  330 8   HOH HOH A . 
G 4 HOH 31  331 75  HOH HOH A . 
G 4 HOH 32  332 5   HOH HOH A . 
G 4 HOH 33  333 64  HOH HOH A . 
G 4 HOH 34  334 19  HOH HOH A . 
G 4 HOH 35  335 46  HOH HOH A . 
G 4 HOH 36  336 118 HOH HOH A . 
G 4 HOH 37  337 62  HOH HOH A . 
G 4 HOH 38  338 26  HOH HOH A . 
G 4 HOH 39  339 30  HOH HOH A . 
G 4 HOH 40  340 78  HOH HOH A . 
G 4 HOH 41  341 117 HOH HOH A . 
G 4 HOH 42  342 53  HOH HOH A . 
G 4 HOH 43  343 9   HOH HOH A . 
G 4 HOH 44  344 111 HOH HOH A . 
G 4 HOH 45  345 36  HOH HOH A . 
G 4 HOH 46  346 90  HOH HOH A . 
G 4 HOH 47  347 55  HOH HOH A . 
G 4 HOH 48  348 67  HOH HOH A . 
G 4 HOH 49  349 130 HOH HOH A . 
G 4 HOH 50  350 98  HOH HOH A . 
G 4 HOH 51  351 17  HOH HOH A . 
G 4 HOH 52  352 13  HOH HOH A . 
G 4 HOH 53  353 23  HOH HOH A . 
G 4 HOH 54  354 40  HOH HOH A . 
G 4 HOH 55  355 15  HOH HOH A . 
G 4 HOH 56  356 116 HOH HOH A . 
G 4 HOH 57  357 37  HOH HOH A . 
G 4 HOH 58  358 68  HOH HOH A . 
G 4 HOH 59  359 43  HOH HOH A . 
G 4 HOH 60  360 58  HOH HOH A . 
G 4 HOH 61  361 16  HOH HOH A . 
G 4 HOH 62  362 4   HOH HOH A . 
G 4 HOH 63  363 56  HOH HOH A . 
G 4 HOH 64  364 39  HOH HOH A . 
G 4 HOH 65  365 104 HOH HOH A . 
G 4 HOH 66  366 79  HOH HOH A . 
G 4 HOH 67  367 2   HOH HOH A . 
G 4 HOH 68  368 57  HOH HOH A . 
G 4 HOH 69  369 74  HOH HOH A . 
G 4 HOH 70  370 94  HOH HOH A . 
G 4 HOH 71  371 32  HOH HOH A . 
G 4 HOH 72  372 72  HOH HOH A . 
G 4 HOH 73  373 27  HOH HOH A . 
G 4 HOH 74  374 89  HOH HOH A . 
G 4 HOH 75  375 81  HOH HOH A . 
G 4 HOH 76  376 108 HOH HOH A . 
G 4 HOH 77  377 47  HOH HOH A . 
G 4 HOH 78  378 18  HOH HOH A . 
G 4 HOH 79  379 121 HOH HOH A . 
G 4 HOH 80  380 28  HOH HOH A . 
G 4 HOH 81  381 50  HOH HOH A . 
G 4 HOH 82  382 33  HOH HOH A . 
G 4 HOH 83  383 41  HOH HOH A . 
G 4 HOH 84  384 99  HOH HOH A . 
G 4 HOH 85  385 112 HOH HOH A . 
G 4 HOH 86  386 80  HOH HOH A . 
G 4 HOH 87  387 60  HOH HOH A . 
G 4 HOH 88  388 125 HOH HOH A . 
G 4 HOH 89  389 73  HOH HOH A . 
G 4 HOH 90  390 82  HOH HOH A . 
G 4 HOH 91  391 115 HOH HOH A . 
G 4 HOH 92  392 120 HOH HOH A . 
G 4 HOH 93  393 128 HOH HOH A . 
G 4 HOH 94  394 52  HOH HOH A . 
G 4 HOH 95  395 97  HOH HOH A . 
G 4 HOH 96  396 88  HOH HOH A . 
G 4 HOH 97  397 42  HOH HOH A . 
G 4 HOH 98  398 45  HOH HOH A . 
G 4 HOH 99  399 54  HOH HOH A . 
G 4 HOH 100 400 106 HOH HOH A . 
G 4 HOH 101 401 85  HOH HOH A . 
G 4 HOH 102 402 105 HOH HOH A . 
G 4 HOH 103 403 127 HOH HOH A . 
G 4 HOH 104 404 113 HOH HOH A . 
G 4 HOH 105 405 76  HOH HOH A . 
G 4 HOH 106 406 103 HOH HOH A . 
G 4 HOH 107 407 7   HOH HOH A . 
G 4 HOH 108 408 91  HOH HOH A . 
G 4 HOH 109 409 114 HOH HOH A . 
G 4 HOH 110 410 129 HOH HOH A . 
G 4 HOH 111 411 101 HOH HOH A . 
G 4 HOH 112 412 123 HOH HOH A . 
G 4 HOH 113 413 86  HOH HOH A . 
G 4 HOH 114 414 22  HOH HOH A . 
G 4 HOH 115 415 100 HOH HOH A . 
G 4 HOH 116 416 48  HOH HOH A . 
G 4 HOH 117 417 102 HOH HOH A . 
G 4 HOH 118 418 119 HOH HOH A . 
G 4 HOH 119 419 122 HOH HOH A . 
G 4 HOH 120 420 107 HOH HOH A . 
G 4 HOH 121 421 77  HOH HOH A . 
G 4 HOH 122 422 124 HOH HOH A . 
G 4 HOH 123 423 34  HOH HOH A . 
G 4 HOH 124 424 38  HOH HOH A . 
G 4 HOH 125 425 63  HOH HOH A . 
G 4 HOH 126 426 126 HOH HOH A . 
G 4 HOH 127 427 109 HOH HOH A . 
# 
_pdbx_struct_assembly.id                   1 
_pdbx_struct_assembly.details              author_defined_assembly 
_pdbx_struct_assembly.method_details       ? 
_pdbx_struct_assembly.oligomeric_details   dimeric 
_pdbx_struct_assembly.oligomeric_count     2 
# 
loop_
_pdbx_struct_assembly_gen.assembly_id 
_pdbx_struct_assembly_gen.oper_expression 
_pdbx_struct_assembly_gen.asym_id_list 
1 1 A,B,C,D,E,F,G 
1 2 A,B,C,D,E,F,G 
# 
loop_
_pdbx_struct_oper_list.id 
_pdbx_struct_oper_list.type 
_pdbx_struct_oper_list.name 
_pdbx_struct_oper_list.symmetry_operation 
_pdbx_struct_oper_list.matrix[1][1] 
_pdbx_struct_oper_list.matrix[1][2] 
_pdbx_struct_oper_list.matrix[1][3] 
_pdbx_struct_oper_list.vector[1] 
_pdbx_struct_oper_list.matrix[2][1] 
_pdbx_struct_oper_list.matrix[2][2] 
_pdbx_struct_oper_list.matrix[2][3] 
_pdbx_struct_oper_list.vector[2] 
_pdbx_struct_oper_list.matrix[3][1] 
_pdbx_struct_oper_list.matrix[3][2] 
_pdbx_struct_oper_list.matrix[3][3] 
_pdbx_struct_oper_list.vector[3] 
1 'identity operation'         1_555 x,y,z     1.0000000000  0.0000000000  0.0000000000 0.0000000000   0.0000000000  1.0000000000 0.0000000000  0.0000000000   0.0000000000 0.0000000000  1.0000000000  0.0000000000   
2 'crystal symmetry operation' 2_565 -x,-y+1,z -0.9555318278 -0.2192289348 0.1972247454 -11.5539240611 -0.2192289348 0.0808028188 -0.9723217464 -14.1918404486 0.1972247454 -0.9723217464 -0.1252709910 -13.1701535444 
# 
loop_
_pdbx_struct_special_symmetry.id 
_pdbx_struct_special_symmetry.PDB_model_num 
_pdbx_struct_special_symmetry.auth_asym_id 
_pdbx_struct_special_symmetry.auth_comp_id 
_pdbx_struct_special_symmetry.auth_seq_id 
_pdbx_struct_special_symmetry.PDB_ins_code 
_pdbx_struct_special_symmetry.label_asym_id 
_pdbx_struct_special_symmetry.label_comp_id 
_pdbx_struct_special_symmetry.label_seq_id 
1 1 A HOH 303 ? G HOH . 
2 1 A HOH 337 ? G HOH . 
3 1 A HOH 370 ? G HOH . 
4 1 A HOH 403 ? G HOH . 
5 1 A HOH 407 ? G HOH . 
6 1 A HOH 423 ? G HOH . 
# 
loop_
_pdbx_audit_revision_history.ordinal 
_pdbx_audit_revision_history.data_content_type 
_pdbx_audit_revision_history.major_revision 
_pdbx_audit_revision_history.minor_revision 
_pdbx_audit_revision_history.revision_date 
1 'Structure model' 1 0 2021-12-01 
2 'Structure model' 1 1 2022-11-23 
3 'Structure model' 1 2 2023-10-25 
# 
_pdbx_audit_revision_details.ordinal             1 
_pdbx_audit_revision_details.revision_ordinal    1 
_pdbx_audit_revision_details.data_content_type   'Structure model' 
_pdbx_audit_revision_details.provider            repository 
_pdbx_audit_revision_details.type                'Initial release' 
_pdbx_audit_revision_details.description         ? 
_pdbx_audit_revision_details.details             ? 
# 
loop_
_pdbx_audit_revision_group.ordinal 
_pdbx_audit_revision_group.revision_ordinal 
_pdbx_audit_revision_group.data_content_type 
_pdbx_audit_revision_group.group 
1 2 'Structure model' 'Database references'    
2 3 'Structure model' 'Data collection'        
3 3 'Structure model' 'Refinement description' 
# 
loop_
_pdbx_audit_revision_category.ordinal 
_pdbx_audit_revision_category.revision_ordinal 
_pdbx_audit_revision_category.data_content_type 
_pdbx_audit_revision_category.category 
1 2 'Structure model' citation                      
2 2 'Structure model' citation_author               
3 3 'Structure model' chem_comp_atom                
4 3 'Structure model' chem_comp_bond                
5 3 'Structure model' pdbx_initial_refinement_model 
# 
loop_
_pdbx_audit_revision_item.ordinal 
_pdbx_audit_revision_item.revision_ordinal 
_pdbx_audit_revision_item.data_content_type 
_pdbx_audit_revision_item.item 
1  2 'Structure model' '_citation.country'                 
2  2 'Structure model' '_citation.journal_abbrev'          
3  2 'Structure model' '_citation.journal_id_CSD'          
4  2 'Structure model' '_citation.journal_id_ISSN'         
5  2 'Structure model' '_citation.journal_volume'          
6  2 'Structure model' '_citation.page_first'              
7  2 'Structure model' '_citation.page_last'               
8  2 'Structure model' '_citation.pdbx_database_id_DOI'    
9  2 'Structure model' '_citation.pdbx_database_id_PubMed' 
10 2 'Structure model' '_citation.title'                   
11 2 'Structure model' '_citation.year'                    
# 
loop_
_space_group_symop.id 
_space_group_symop.operation_xyz 
1  x,y,z           
2  x,-y,-z         
3  -x,y,-z         
4  -x,-y,z         
5  x,y+1/2,z+1/2   
6  x,-y+1/2,-z+1/2 
7  -x,y+1/2,-z+1/2 
8  -x,-y+1/2,z+1/2 
9  x+1/2,y,z+1/2   
10 x+1/2,-y,-z+1/2 
11 -x+1/2,y,-z+1/2 
12 -x+1/2,-y,z+1/2 
13 x+1/2,y+1/2,z   
14 x+1/2,-y+1/2,-z 
15 -x+1/2,y+1/2,-z 
16 -x+1/2,-y+1/2,z 
# 
loop_
_software.citation_id 
_software.classification 
_software.compiler_name 
_software.compiler_version 
_software.contact_author 
_software.contact_author_email 
_software.date 
_software.description 
_software.dependencies 
_software.hardware 
_software.language 
_software.location 
_software.mods 
_software.name 
_software.os 
_software.os_version 
_software.type 
_software.version 
_software.pdbx_ordinal 
? refinement       ? ? ? ? ? ? ? ? ? ? ? PHENIX  ? ? ? 1.17.1_3660 1 
? 'data reduction' ? ? ? ? ? ? ? ? ? ? ? XDS     ? ? ? .           2 
? 'data scaling'   ? ? ? ? ? ? ? ? ? ? ? Aimless ? ? ? .           3 
? phasing          ? ? ? ? ? ? ? ? ? ? ? PHENIX  ? ? ? .           4 
# 
_pdbx_entry_details.entry_id                 7KH3 
_pdbx_entry_details.has_ligand_of_interest   N 
_pdbx_entry_details.compound_details         ? 
_pdbx_entry_details.source_details           ? 
_pdbx_entry_details.nonpolymer_details       ? 
_pdbx_entry_details.sequence_details         ? 
# 
_pdbx_validate_close_contact.id               1 
_pdbx_validate_close_contact.PDB_model_num    1 
_pdbx_validate_close_contact.auth_atom_id_1   O1 
_pdbx_validate_close_contact.auth_asym_id_1   A 
_pdbx_validate_close_contact.auth_comp_id_1   IOP 
_pdbx_validate_close_contact.auth_seq_id_1    201 
_pdbx_validate_close_contact.PDB_ins_code_1   ? 
_pdbx_validate_close_contact.label_alt_id_1   B 
_pdbx_validate_close_contact.auth_atom_id_2   O 
_pdbx_validate_close_contact.auth_asym_id_2   A 
_pdbx_validate_close_contact.auth_comp_id_2   HOH 
_pdbx_validate_close_contact.auth_seq_id_2    301 
_pdbx_validate_close_contact.PDB_ins_code_2   ? 
_pdbx_validate_close_contact.label_alt_id_2   ? 
_pdbx_validate_close_contact.dist             2.06 
# 
_pdbx_validate_symm_contact.id                1 
_pdbx_validate_symm_contact.PDB_model_num     1 
_pdbx_validate_symm_contact.auth_atom_id_1    O 
_pdbx_validate_symm_contact.auth_asym_id_1    A 
_pdbx_validate_symm_contact.auth_comp_id_1    HOH 
_pdbx_validate_symm_contact.auth_seq_id_1     374 
_pdbx_validate_symm_contact.PDB_ins_code_1    ? 
_pdbx_validate_symm_contact.label_alt_id_1    ? 
_pdbx_validate_symm_contact.site_symmetry_1   1_555 
_pdbx_validate_symm_contact.auth_atom_id_2    O 
_pdbx_validate_symm_contact.auth_asym_id_2    A 
_pdbx_validate_symm_contact.auth_comp_id_2    HOH 
_pdbx_validate_symm_contact.auth_seq_id_2     374 
_pdbx_validate_symm_contact.PDB_ins_code_2    ? 
_pdbx_validate_symm_contact.label_alt_id_2    ? 
_pdbx_validate_symm_contact.site_symmetry_2   11_555 
_pdbx_validate_symm_contact.dist              2.19 
# 
loop_
_pdbx_unobs_or_zero_occ_residues.id 
_pdbx_unobs_or_zero_occ_residues.PDB_model_num 
_pdbx_unobs_or_zero_occ_residues.polymer_flag 
_pdbx_unobs_or_zero_occ_residues.occupancy_flag 
_pdbx_unobs_or_zero_occ_residues.auth_asym_id 
_pdbx_unobs_or_zero_occ_residues.auth_comp_id 
_pdbx_unobs_or_zero_occ_residues.auth_seq_id 
_pdbx_unobs_or_zero_occ_residues.PDB_ins_code 
_pdbx_unobs_or_zero_occ_residues.label_asym_id 
_pdbx_unobs_or_zero_occ_residues.label_comp_id 
_pdbx_unobs_or_zero_occ_residues.label_seq_id 
1  1 Y 1 A MET -23 ? A MET 1   
2  1 Y 1 A HIS -22 ? A HIS 2   
3  1 Y 1 A HIS -21 ? A HIS 3   
4  1 Y 1 A HIS -20 ? A HIS 4   
5  1 Y 1 A HIS -19 ? A HIS 5   
6  1 Y 1 A HIS -18 ? A HIS 6   
7  1 Y 1 A HIS -17 ? A HIS 7   
8  1 Y 1 A SER -16 ? A SER 8   
9  1 Y 1 A SER -15 ? A SER 9   
10 1 Y 1 A GLY -14 ? A GLY 10  
11 1 Y 1 A VAL -13 ? A VAL 11  
12 1 Y 1 A ASP -12 ? A ASP 12  
13 1 Y 1 A LEU -11 ? A LEU 13  
14 1 Y 1 A GLY -10 ? A GLY 14  
15 1 Y 1 A THR -9  ? A THR 15  
16 1 Y 1 A GLU -8  ? A GLU 16  
17 1 Y 1 A ASN -7  ? A ASN 17  
18 1 Y 1 A LEU -6  ? A LEU 18  
19 1 Y 1 A TYR -5  ? A TYR 19  
20 1 Y 1 A PHE -4  ? A PHE 20  
21 1 Y 1 A GLN -3  ? A GLN 21  
22 1 Y 1 A SER -2  ? A SER 22  
23 1 Y 1 A ASN -1  ? A ASN 23  
24 1 Y 1 A ALA 0   ? A ALA 24  
25 1 Y 1 A MET 1   ? A MET 25  
26 1 Y 1 A ALA 2   ? A ALA 26  
27 1 Y 1 A GLU 3   ? A GLU 27  
28 1 Y 1 A GLN 4   ? A GLN 28  
29 1 Y 1 A PRO 5   ? A PRO 29  
30 1 Y 1 A PRO 6   ? A PRO 30  
31 1 Y 1 A GLU 7   ? A GLU 31  
32 1 Y 1 A THR 8   ? A THR 32  
33 1 Y 1 A HIS 9   ? A HIS 33  
34 1 Y 1 A VAL 150 ? A VAL 174 
35 1 Y 1 A PRO 151 ? A PRO 175 
36 1 Y 1 A VAL 152 ? A VAL 176 
37 1 Y 1 A GLU 153 ? A GLU 177 
38 1 Y 1 A GLU 154 ? A GLU 178 
39 1 Y 1 A PRO 155 ? A PRO 179 
40 1 Y 1 A GLU 156 ? A GLU 180 
41 1 Y 1 A GLU 157 ? A GLU 181 
42 1 Y 1 A ASP 158 ? A ASP 182 
# 
loop_
_chem_comp_atom.comp_id 
_chem_comp_atom.atom_id 
_chem_comp_atom.type_symbol 
_chem_comp_atom.pdbx_aromatic_flag 
_chem_comp_atom.pdbx_stereo_config 
_chem_comp_atom.pdbx_ordinal 
ALA N      N N N 1   
ALA CA     C N S 2   
ALA C      C N N 3   
ALA O      O N N 4   
ALA CB     C N N 5   
ALA OXT    O N N 6   
ALA H      H N N 7   
ALA H2     H N N 8   
ALA HA     H N N 9   
ALA HB1    H N N 10  
ALA HB2    H N N 11  
ALA HB3    H N N 12  
ALA HXT    H N N 13  
ARG N      N N N 14  
ARG CA     C N S 15  
ARG C      C N N 16  
ARG O      O N N 17  
ARG CB     C N N 18  
ARG CG     C N N 19  
ARG CD     C N N 20  
ARG NE     N N N 21  
ARG CZ     C N N 22  
ARG NH1    N N N 23  
ARG NH2    N N N 24  
ARG OXT    O N N 25  
ARG H      H N N 26  
ARG H2     H N N 27  
ARG HA     H N N 28  
ARG HB2    H N N 29  
ARG HB3    H N N 30  
ARG HG2    H N N 31  
ARG HG3    H N N 32  
ARG HD2    H N N 33  
ARG HD3    H N N 34  
ARG HE     H N N 35  
ARG HH11   H N N 36  
ARG HH12   H N N 37  
ARG HH21   H N N 38  
ARG HH22   H N N 39  
ARG HXT    H N N 40  
ASN N      N N N 41  
ASN CA     C N S 42  
ASN C      C N N 43  
ASN O      O N N 44  
ASN CB     C N N 45  
ASN CG     C N N 46  
ASN OD1    O N N 47  
ASN ND2    N N N 48  
ASN OXT    O N N 49  
ASN H      H N N 50  
ASN H2     H N N 51  
ASN HA     H N N 52  
ASN HB2    H N N 53  
ASN HB3    H N N 54  
ASN HD21   H N N 55  
ASN HD22   H N N 56  
ASN HXT    H N N 57  
ASP N      N N N 58  
ASP CA     C N S 59  
ASP C      C N N 60  
ASP O      O N N 61  
ASP CB     C N N 62  
ASP CG     C N N 63  
ASP OD1    O N N 64  
ASP OD2    O N N 65  
ASP OXT    O N N 66  
ASP H      H N N 67  
ASP H2     H N N 68  
ASP HA     H N N 69  
ASP HB2    H N N 70  
ASP HB3    H N N 71  
ASP HD2    H N N 72  
ASP HXT    H N N 73  
GLN N      N N N 74  
GLN CA     C N S 75  
GLN C      C N N 76  
GLN O      O N N 77  
GLN CB     C N N 78  
GLN CG     C N N 79  
GLN CD     C N N 80  
GLN OE1    O N N 81  
GLN NE2    N N N 82  
GLN OXT    O N N 83  
GLN H      H N N 84  
GLN H2     H N N 85  
GLN HA     H N N 86  
GLN HB2    H N N 87  
GLN HB3    H N N 88  
GLN HG2    H N N 89  
GLN HG3    H N N 90  
GLN HE21   H N N 91  
GLN HE22   H N N 92  
GLN HXT    H N N 93  
GLU N      N N N 94  
GLU CA     C N S 95  
GLU C      C N N 96  
GLU O      O N N 97  
GLU CB     C N N 98  
GLU CG     C N N 99  
GLU CD     C N N 100 
GLU OE1    O N N 101 
GLU OE2    O N N 102 
GLU OXT    O N N 103 
GLU H      H N N 104 
GLU H2     H N N 105 
GLU HA     H N N 106 
GLU HB2    H N N 107 
GLU HB3    H N N 108 
GLU HG2    H N N 109 
GLU HG3    H N N 110 
GLU HE2    H N N 111 
GLU HXT    H N N 112 
GLY N      N N N 113 
GLY CA     C N N 114 
GLY C      C N N 115 
GLY O      O N N 116 
GLY OXT    O N N 117 
GLY H      H N N 118 
GLY H2     H N N 119 
GLY HA2    H N N 120 
GLY HA3    H N N 121 
GLY HXT    H N N 122 
HIS N      N N N 123 
HIS CA     C N S 124 
HIS C      C N N 125 
HIS O      O N N 126 
HIS CB     C N N 127 
HIS CG     C Y N 128 
HIS ND1    N Y N 129 
HIS CD2    C Y N 130 
HIS CE1    C Y N 131 
HIS NE2    N Y N 132 
HIS OXT    O N N 133 
HIS H      H N N 134 
HIS H2     H N N 135 
HIS HA     H N N 136 
HIS HB2    H N N 137 
HIS HB3    H N N 138 
HIS HD1    H N N 139 
HIS HD2    H N N 140 
HIS HE1    H N N 141 
HIS HE2    H N N 142 
HIS HXT    H N N 143 
HOH O      O N N 144 
HOH H1     H N N 145 
HOH H2     H N N 146 
ILE N      N N N 147 
ILE CA     C N S 148 
ILE C      C N N 149 
ILE O      O N N 150 
ILE CB     C N S 151 
ILE CG1    C N N 152 
ILE CG2    C N N 153 
ILE CD1    C N N 154 
ILE OXT    O N N 155 
ILE H      H N N 156 
ILE H2     H N N 157 
ILE HA     H N N 158 
ILE HB     H N N 159 
ILE HG12   H N N 160 
ILE HG13   H N N 161 
ILE HG21   H N N 162 
ILE HG22   H N N 163 
ILE HG23   H N N 164 
ILE HD11   H N N 165 
ILE HD12   H N N 166 
ILE HD13   H N N 167 
ILE HXT    H N N 168 
IOP "C1'"  C N N 169 
IOP O1     O N N 170 
IOP O2     O N N 171 
IOP "C2'"  C N N 172 
IOP "C3'"  C N N 173 
IOP N1     N Y N 174 
IOP C2     C Y N 175 
IOP C3     C Y N 176 
IOP C3A    C Y N 177 
IOP C4     C Y N 178 
IOP C5     C Y N 179 
IOP C6     C Y N 180 
IOP C7     C Y N 181 
IOP C7A    C Y N 182 
IOP HO2    H N N 183 
IOP "H2'1" H N N 184 
IOP "H2'2" H N N 185 
IOP "H3'1" H N N 186 
IOP "H3'2" H N N 187 
IOP HN1    H N N 188 
IOP H2     H N N 189 
IOP H4     H N N 190 
IOP H5     H N N 191 
IOP H6     H N N 192 
IOP H7     H N N 193 
LEU N      N N N 194 
LEU CA     C N S 195 
LEU C      C N N 196 
LEU O      O N N 197 
LEU CB     C N N 198 
LEU CG     C N N 199 
LEU CD1    C N N 200 
LEU CD2    C N N 201 
LEU OXT    O N N 202 
LEU H      H N N 203 
LEU H2     H N N 204 
LEU HA     H N N 205 
LEU HB2    H N N 206 
LEU HB3    H N N 207 
LEU HG     H N N 208 
LEU HD11   H N N 209 
LEU HD12   H N N 210 
LEU HD13   H N N 211 
LEU HD21   H N N 212 
LEU HD22   H N N 213 
LEU HD23   H N N 214 
LEU HXT    H N N 215 
LYS N      N N N 216 
LYS CA     C N S 217 
LYS C      C N N 218 
LYS O      O N N 219 
LYS CB     C N N 220 
LYS CG     C N N 221 
LYS CD     C N N 222 
LYS CE     C N N 223 
LYS NZ     N N N 224 
LYS OXT    O N N 225 
LYS H      H N N 226 
LYS H2     H N N 227 
LYS HA     H N N 228 
LYS HB2    H N N 229 
LYS HB3    H N N 230 
LYS HG2    H N N 231 
LYS HG3    H N N 232 
LYS HD2    H N N 233 
LYS HD3    H N N 234 
LYS HE2    H N N 235 
LYS HE3    H N N 236 
LYS HZ1    H N N 237 
LYS HZ2    H N N 238 
LYS HZ3    H N N 239 
LYS HXT    H N N 240 
MET N      N N N 241 
MET CA     C N S 242 
MET C      C N N 243 
MET O      O N N 244 
MET CB     C N N 245 
MET CG     C N N 246 
MET SD     S N N 247 
MET CE     C N N 248 
MET OXT    O N N 249 
MET H      H N N 250 
MET H2     H N N 251 
MET HA     H N N 252 
MET HB2    H N N 253 
MET HB3    H N N 254 
MET HG2    H N N 255 
MET HG3    H N N 256 
MET HE1    H N N 257 
MET HE2    H N N 258 
MET HE3    H N N 259 
MET HXT    H N N 260 
PHE N      N N N 261 
PHE CA     C N S 262 
PHE C      C N N 263 
PHE O      O N N 264 
PHE CB     C N N 265 
PHE CG     C Y N 266 
PHE CD1    C Y N 267 
PHE CD2    C Y N 268 
PHE CE1    C Y N 269 
PHE CE2    C Y N 270 
PHE CZ     C Y N 271 
PHE OXT    O N N 272 
PHE H      H N N 273 
PHE H2     H N N 274 
PHE HA     H N N 275 
PHE HB2    H N N 276 
PHE HB3    H N N 277 
PHE HD1    H N N 278 
PHE HD2    H N N 279 
PHE HE1    H N N 280 
PHE HE2    H N N 281 
PHE HZ     H N N 282 
PHE HXT    H N N 283 
PRO N      N N N 284 
PRO CA     C N S 285 
PRO C      C N N 286 
PRO O      O N N 287 
PRO CB     C N N 288 
PRO CG     C N N 289 
PRO CD     C N N 290 
PRO OXT    O N N 291 
PRO H      H N N 292 
PRO HA     H N N 293 
PRO HB2    H N N 294 
PRO HB3    H N N 295 
PRO HG2    H N N 296 
PRO HG3    H N N 297 
PRO HD2    H N N 298 
PRO HD3    H N N 299 
PRO HXT    H N N 300 
SER N      N N N 301 
SER CA     C N S 302 
SER C      C N N 303 
SER O      O N N 304 
SER CB     C N N 305 
SER OG     O N N 306 
SER OXT    O N N 307 
SER H      H N N 308 
SER H2     H N N 309 
SER HA     H N N 310 
SER HB2    H N N 311 
SER HB3    H N N 312 
SER HG     H N N 313 
SER HXT    H N N 314 
SO4 S      S N N 315 
SO4 O1     O N N 316 
SO4 O2     O N N 317 
SO4 O3     O N N 318 
SO4 O4     O N N 319 
THR N      N N N 320 
THR CA     C N S 321 
THR C      C N N 322 
THR O      O N N 323 
THR CB     C N R 324 
THR OG1    O N N 325 
THR CG2    C N N 326 
THR OXT    O N N 327 
THR H      H N N 328 
THR H2     H N N 329 
THR HA     H N N 330 
THR HB     H N N 331 
THR HG1    H N N 332 
THR HG21   H N N 333 
THR HG22   H N N 334 
THR HG23   H N N 335 
THR HXT    H N N 336 
TRP N      N N N 337 
TRP CA     C N S 338 
TRP C      C N N 339 
TRP O      O N N 340 
TRP CB     C N N 341 
TRP CG     C Y N 342 
TRP CD1    C Y N 343 
TRP CD2    C Y N 344 
TRP NE1    N Y N 345 
TRP CE2    C Y N 346 
TRP CE3    C Y N 347 
TRP CZ2    C Y N 348 
TRP CZ3    C Y N 349 
TRP CH2    C Y N 350 
TRP OXT    O N N 351 
TRP H      H N N 352 
TRP H2     H N N 353 
TRP HA     H N N 354 
TRP HB2    H N N 355 
TRP HB3    H N N 356 
TRP HD1    H N N 357 
TRP HE1    H N N 358 
TRP HE3    H N N 359 
TRP HZ2    H N N 360 
TRP HZ3    H N N 361 
TRP HH2    H N N 362 
TRP HXT    H N N 363 
TYR N      N N N 364 
TYR CA     C N S 365 
TYR C      C N N 366 
TYR O      O N N 367 
TYR CB     C N N 368 
TYR CG     C Y N 369 
TYR CD1    C Y N 370 
TYR CD2    C Y N 371 
TYR CE1    C Y N 372 
TYR CE2    C Y N 373 
TYR CZ     C Y N 374 
TYR OH     O N N 375 
TYR OXT    O N N 376 
TYR H      H N N 377 
TYR H2     H N N 378 
TYR HA     H N N 379 
TYR HB2    H N N 380 
TYR HB3    H N N 381 
TYR HD1    H N N 382 
TYR HD2    H N N 383 
TYR HE1    H N N 384 
TYR HE2    H N N 385 
TYR HH     H N N 386 
TYR HXT    H N N 387 
VAL N      N N N 388 
VAL CA     C N S 389 
VAL C      C N N 390 
VAL O      O N N 391 
VAL CB     C N N 392 
VAL CG1    C N N 393 
VAL CG2    C N N 394 
VAL OXT    O N N 395 
VAL H      H N N 396 
VAL H2     H N N 397 
VAL HA     H N N 398 
VAL HB     H N N 399 
VAL HG11   H N N 400 
VAL HG12   H N N 401 
VAL HG13   H N N 402 
VAL HG21   H N N 403 
VAL HG22   H N N 404 
VAL HG23   H N N 405 
VAL HXT    H N N 406 
# 
loop_
_chem_comp_bond.comp_id 
_chem_comp_bond.atom_id_1 
_chem_comp_bond.atom_id_2 
_chem_comp_bond.value_order 
_chem_comp_bond.pdbx_aromatic_flag 
_chem_comp_bond.pdbx_stereo_config 
_chem_comp_bond.pdbx_ordinal 
ALA N     CA     sing N N 1   
ALA N     H      sing N N 2   
ALA N     H2     sing N N 3   
ALA CA    C      sing N N 4   
ALA CA    CB     sing N N 5   
ALA CA    HA     sing N N 6   
ALA C     O      doub N N 7   
ALA C     OXT    sing N N 8   
ALA CB    HB1    sing N N 9   
ALA CB    HB2    sing N N 10  
ALA CB    HB3    sing N N 11  
ALA OXT   HXT    sing N N 12  
ARG N     CA     sing N N 13  
ARG N     H      sing N N 14  
ARG N     H2     sing N N 15  
ARG CA    C      sing N N 16  
ARG CA    CB     sing N N 17  
ARG CA    HA     sing N N 18  
ARG C     O      doub N N 19  
ARG C     OXT    sing N N 20  
ARG CB    CG     sing N N 21  
ARG CB    HB2    sing N N 22  
ARG CB    HB3    sing N N 23  
ARG CG    CD     sing N N 24  
ARG CG    HG2    sing N N 25  
ARG CG    HG3    sing N N 26  
ARG CD    NE     sing N N 27  
ARG CD    HD2    sing N N 28  
ARG CD    HD3    sing N N 29  
ARG NE    CZ     sing N N 30  
ARG NE    HE     sing N N 31  
ARG CZ    NH1    sing N N 32  
ARG CZ    NH2    doub N N 33  
ARG NH1   HH11   sing N N 34  
ARG NH1   HH12   sing N N 35  
ARG NH2   HH21   sing N N 36  
ARG NH2   HH22   sing N N 37  
ARG OXT   HXT    sing N N 38  
ASN N     CA     sing N N 39  
ASN N     H      sing N N 40  
ASN N     H2     sing N N 41  
ASN CA    C      sing N N 42  
ASN CA    CB     sing N N 43  
ASN CA    HA     sing N N 44  
ASN C     O      doub N N 45  
ASN C     OXT    sing N N 46  
ASN CB    CG     sing N N 47  
ASN CB    HB2    sing N N 48  
ASN CB    HB3    sing N N 49  
ASN CG    OD1    doub N N 50  
ASN CG    ND2    sing N N 51  
ASN ND2   HD21   sing N N 52  
ASN ND2   HD22   sing N N 53  
ASN OXT   HXT    sing N N 54  
ASP N     CA     sing N N 55  
ASP N     H      sing N N 56  
ASP N     H2     sing N N 57  
ASP CA    C      sing N N 58  
ASP CA    CB     sing N N 59  
ASP CA    HA     sing N N 60  
ASP C     O      doub N N 61  
ASP C     OXT    sing N N 62  
ASP CB    CG     sing N N 63  
ASP CB    HB2    sing N N 64  
ASP CB    HB3    sing N N 65  
ASP CG    OD1    doub N N 66  
ASP CG    OD2    sing N N 67  
ASP OD2   HD2    sing N N 68  
ASP OXT   HXT    sing N N 69  
GLN N     CA     sing N N 70  
GLN N     H      sing N N 71  
GLN N     H2     sing N N 72  
GLN CA    C      sing N N 73  
GLN CA    CB     sing N N 74  
GLN CA    HA     sing N N 75  
GLN C     O      doub N N 76  
GLN C     OXT    sing N N 77  
GLN CB    CG     sing N N 78  
GLN CB    HB2    sing N N 79  
GLN CB    HB3    sing N N 80  
GLN CG    CD     sing N N 81  
GLN CG    HG2    sing N N 82  
GLN CG    HG3    sing N N 83  
GLN CD    OE1    doub N N 84  
GLN CD    NE2    sing N N 85  
GLN NE2   HE21   sing N N 86  
GLN NE2   HE22   sing N N 87  
GLN OXT   HXT    sing N N 88  
GLU N     CA     sing N N 89  
GLU N     H      sing N N 90  
GLU N     H2     sing N N 91  
GLU CA    C      sing N N 92  
GLU CA    CB     sing N N 93  
GLU CA    HA     sing N N 94  
GLU C     O      doub N N 95  
GLU C     OXT    sing N N 96  
GLU CB    CG     sing N N 97  
GLU CB    HB2    sing N N 98  
GLU CB    HB3    sing N N 99  
GLU CG    CD     sing N N 100 
GLU CG    HG2    sing N N 101 
GLU CG    HG3    sing N N 102 
GLU CD    OE1    doub N N 103 
GLU CD    OE2    sing N N 104 
GLU OE2   HE2    sing N N 105 
GLU OXT   HXT    sing N N 106 
GLY N     CA     sing N N 107 
GLY N     H      sing N N 108 
GLY N     H2     sing N N 109 
GLY CA    C      sing N N 110 
GLY CA    HA2    sing N N 111 
GLY CA    HA3    sing N N 112 
GLY C     O      doub N N 113 
GLY C     OXT    sing N N 114 
GLY OXT   HXT    sing N N 115 
HIS N     CA     sing N N 116 
HIS N     H      sing N N 117 
HIS N     H2     sing N N 118 
HIS CA    C      sing N N 119 
HIS CA    CB     sing N N 120 
HIS CA    HA     sing N N 121 
HIS C     O      doub N N 122 
HIS C     OXT    sing N N 123 
HIS CB    CG     sing N N 124 
HIS CB    HB2    sing N N 125 
HIS CB    HB3    sing N N 126 
HIS CG    ND1    sing Y N 127 
HIS CG    CD2    doub Y N 128 
HIS ND1   CE1    doub Y N 129 
HIS ND1   HD1    sing N N 130 
HIS CD2   NE2    sing Y N 131 
HIS CD2   HD2    sing N N 132 
HIS CE1   NE2    sing Y N 133 
HIS CE1   HE1    sing N N 134 
HIS NE2   HE2    sing N N 135 
HIS OXT   HXT    sing N N 136 
HOH O     H1     sing N N 137 
HOH O     H2     sing N N 138 
ILE N     CA     sing N N 139 
ILE N     H      sing N N 140 
ILE N     H2     sing N N 141 
ILE CA    C      sing N N 142 
ILE CA    CB     sing N N 143 
ILE CA    HA     sing N N 144 
ILE C     O      doub N N 145 
ILE C     OXT    sing N N 146 
ILE CB    CG1    sing N N 147 
ILE CB    CG2    sing N N 148 
ILE CB    HB     sing N N 149 
ILE CG1   CD1    sing N N 150 
ILE CG1   HG12   sing N N 151 
ILE CG1   HG13   sing N N 152 
ILE CG2   HG21   sing N N 153 
ILE CG2   HG22   sing N N 154 
ILE CG2   HG23   sing N N 155 
ILE CD1   HD11   sing N N 156 
ILE CD1   HD12   sing N N 157 
ILE CD1   HD13   sing N N 158 
ILE OXT   HXT    sing N N 159 
IOP "C1'" O1     doub N N 160 
IOP "C1'" O2     sing N N 161 
IOP "C1'" "C2'"  sing N N 162 
IOP O2    HO2    sing N N 163 
IOP "C2'" "C3'"  sing N N 164 
IOP "C2'" "H2'1" sing N N 165 
IOP "C2'" "H2'2" sing N N 166 
IOP "C3'" C3     sing N N 167 
IOP "C3'" "H3'1" sing N N 168 
IOP "C3'" "H3'2" sing N N 169 
IOP N1    C2     sing Y N 170 
IOP N1    C7A    sing Y N 171 
IOP N1    HN1    sing N N 172 
IOP C2    C3     doub Y N 173 
IOP C2    H2     sing N N 174 
IOP C3    C3A    sing Y N 175 
IOP C3A   C4     doub Y N 176 
IOP C3A   C7A    sing Y N 177 
IOP C4    C5     sing Y N 178 
IOP C4    H4     sing N N 179 
IOP C5    C6     doub Y N 180 
IOP C5    H5     sing N N 181 
IOP C6    C7     sing Y N 182 
IOP C6    H6     sing N N 183 
IOP C7    C7A    doub Y N 184 
IOP C7    H7     sing N N 185 
LEU N     CA     sing N N 186 
LEU N     H      sing N N 187 
LEU N     H2     sing N N 188 
LEU CA    C      sing N N 189 
LEU CA    CB     sing N N 190 
LEU CA    HA     sing N N 191 
LEU C     O      doub N N 192 
LEU C     OXT    sing N N 193 
LEU CB    CG     sing N N 194 
LEU CB    HB2    sing N N 195 
LEU CB    HB3    sing N N 196 
LEU CG    CD1    sing N N 197 
LEU CG    CD2    sing N N 198 
LEU CG    HG     sing N N 199 
LEU CD1   HD11   sing N N 200 
LEU CD1   HD12   sing N N 201 
LEU CD1   HD13   sing N N 202 
LEU CD2   HD21   sing N N 203 
LEU CD2   HD22   sing N N 204 
LEU CD2   HD23   sing N N 205 
LEU OXT   HXT    sing N N 206 
LYS N     CA     sing N N 207 
LYS N     H      sing N N 208 
LYS N     H2     sing N N 209 
LYS CA    C      sing N N 210 
LYS CA    CB     sing N N 211 
LYS CA    HA     sing N N 212 
LYS C     O      doub N N 213 
LYS C     OXT    sing N N 214 
LYS CB    CG     sing N N 215 
LYS CB    HB2    sing N N 216 
LYS CB    HB3    sing N N 217 
LYS CG    CD     sing N N 218 
LYS CG    HG2    sing N N 219 
LYS CG    HG3    sing N N 220 
LYS CD    CE     sing N N 221 
LYS CD    HD2    sing N N 222 
LYS CD    HD3    sing N N 223 
LYS CE    NZ     sing N N 224 
LYS CE    HE2    sing N N 225 
LYS CE    HE3    sing N N 226 
LYS NZ    HZ1    sing N N 227 
LYS NZ    HZ2    sing N N 228 
LYS NZ    HZ3    sing N N 229 
LYS OXT   HXT    sing N N 230 
MET N     CA     sing N N 231 
MET N     H      sing N N 232 
MET N     H2     sing N N 233 
MET CA    C      sing N N 234 
MET CA    CB     sing N N 235 
MET CA    HA     sing N N 236 
MET C     O      doub N N 237 
MET C     OXT    sing N N 238 
MET CB    CG     sing N N 239 
MET CB    HB2    sing N N 240 
MET CB    HB3    sing N N 241 
MET CG    SD     sing N N 242 
MET CG    HG2    sing N N 243 
MET CG    HG3    sing N N 244 
MET SD    CE     sing N N 245 
MET CE    HE1    sing N N 246 
MET CE    HE2    sing N N 247 
MET CE    HE3    sing N N 248 
MET OXT   HXT    sing N N 249 
PHE N     CA     sing N N 250 
PHE N     H      sing N N 251 
PHE N     H2     sing N N 252 
PHE CA    C      sing N N 253 
PHE CA    CB     sing N N 254 
PHE CA    HA     sing N N 255 
PHE C     O      doub N N 256 
PHE C     OXT    sing N N 257 
PHE CB    CG     sing N N 258 
PHE CB    HB2    sing N N 259 
PHE CB    HB3    sing N N 260 
PHE CG    CD1    doub Y N 261 
PHE CG    CD2    sing Y N 262 
PHE CD1   CE1    sing Y N 263 
PHE CD1   HD1    sing N N 264 
PHE CD2   CE2    doub Y N 265 
PHE CD2   HD2    sing N N 266 
PHE CE1   CZ     doub Y N 267 
PHE CE1   HE1    sing N N 268 
PHE CE2   CZ     sing Y N 269 
PHE CE2   HE2    sing N N 270 
PHE CZ    HZ     sing N N 271 
PHE OXT   HXT    sing N N 272 
PRO N     CA     sing N N 273 
PRO N     CD     sing N N 274 
PRO N     H      sing N N 275 
PRO CA    C      sing N N 276 
PRO CA    CB     sing N N 277 
PRO CA    HA     sing N N 278 
PRO C     O      doub N N 279 
PRO C     OXT    sing N N 280 
PRO CB    CG     sing N N 281 
PRO CB    HB2    sing N N 282 
PRO CB    HB3    sing N N 283 
PRO CG    CD     sing N N 284 
PRO CG    HG2    sing N N 285 
PRO CG    HG3    sing N N 286 
PRO CD    HD2    sing N N 287 
PRO CD    HD3    sing N N 288 
PRO OXT   HXT    sing N N 289 
SER N     CA     sing N N 290 
SER N     H      sing N N 291 
SER N     H2     sing N N 292 
SER CA    C      sing N N 293 
SER CA    CB     sing N N 294 
SER CA    HA     sing N N 295 
SER C     O      doub N N 296 
SER C     OXT    sing N N 297 
SER CB    OG     sing N N 298 
SER CB    HB2    sing N N 299 
SER CB    HB3    sing N N 300 
SER OG    HG     sing N N 301 
SER OXT   HXT    sing N N 302 
SO4 S     O1     doub N N 303 
SO4 S     O2     doub N N 304 
SO4 S     O3     sing N N 305 
SO4 S     O4     sing N N 306 
THR N     CA     sing N N 307 
THR N     H      sing N N 308 
THR N     H2     sing N N 309 
THR CA    C      sing N N 310 
THR CA    CB     sing N N 311 
THR CA    HA     sing N N 312 
THR C     O      doub N N 313 
THR C     OXT    sing N N 314 
THR CB    OG1    sing N N 315 
THR CB    CG2    sing N N 316 
THR CB    HB     sing N N 317 
THR OG1   HG1    sing N N 318 
THR CG2   HG21   sing N N 319 
THR CG2   HG22   sing N N 320 
THR CG2   HG23   sing N N 321 
THR OXT   HXT    sing N N 322 
TRP N     CA     sing N N 323 
TRP N     H      sing N N 324 
TRP N     H2     sing N N 325 
TRP CA    C      sing N N 326 
TRP CA    CB     sing N N 327 
TRP CA    HA     sing N N 328 
TRP C     O      doub N N 329 
TRP C     OXT    sing N N 330 
TRP CB    CG     sing N N 331 
TRP CB    HB2    sing N N 332 
TRP CB    HB3    sing N N 333 
TRP CG    CD1    doub Y N 334 
TRP CG    CD2    sing Y N 335 
TRP CD1   NE1    sing Y N 336 
TRP CD1   HD1    sing N N 337 
TRP CD2   CE2    doub Y N 338 
TRP CD2   CE3    sing Y N 339 
TRP NE1   CE2    sing Y N 340 
TRP NE1   HE1    sing N N 341 
TRP CE2   CZ2    sing Y N 342 
TRP CE3   CZ3    doub Y N 343 
TRP CE3   HE3    sing N N 344 
TRP CZ2   CH2    doub Y N 345 
TRP CZ2   HZ2    sing N N 346 
TRP CZ3   CH2    sing Y N 347 
TRP CZ3   HZ3    sing N N 348 
TRP CH2   HH2    sing N N 349 
TRP OXT   HXT    sing N N 350 
TYR N     CA     sing N N 351 
TYR N     H      sing N N 352 
TYR N     H2     sing N N 353 
TYR CA    C      sing N N 354 
TYR CA    CB     sing N N 355 
TYR CA    HA     sing N N 356 
TYR C     O      doub N N 357 
TYR C     OXT    sing N N 358 
TYR CB    CG     sing N N 359 
TYR CB    HB2    sing N N 360 
TYR CB    HB3    sing N N 361 
TYR CG    CD1    doub Y N 362 
TYR CG    CD2    sing Y N 363 
TYR CD1   CE1    sing Y N 364 
TYR CD1   HD1    sing N N 365 
TYR CD2   CE2    doub Y N 366 
TYR CD2   HD2    sing N N 367 
TYR CE1   CZ     doub Y N 368 
TYR CE1   HE1    sing N N 369 
TYR CE2   CZ     sing Y N 370 
TYR CE2   HE2    sing N N 371 
TYR CZ    OH     sing N N 372 
TYR OH    HH     sing N N 373 
TYR OXT   HXT    sing N N 374 
VAL N     CA     sing N N 375 
VAL N     H      sing N N 376 
VAL N     H2     sing N N 377 
VAL CA    C      sing N N 378 
VAL CA    CB     sing N N 379 
VAL CA    HA     sing N N 380 
VAL C     O      doub N N 381 
VAL C     OXT    sing N N 382 
VAL CB    CG1    sing N N 383 
VAL CB    CG2    sing N N 384 
VAL CB    HB     sing N N 385 
VAL CG1   HG11   sing N N 386 
VAL CG1   HG12   sing N N 387 
VAL CG1   HG13   sing N N 388 
VAL CG2   HG21   sing N N 389 
VAL CG2   HG22   sing N N 390 
VAL CG2   HG23   sing N N 391 
VAL OXT   HXT    sing N N 392 
# 
_pdbx_audit_support.funding_organization   'National Science Foundation (NSF, United States)' 
_pdbx_audit_support.country                'United States' 
_pdbx_audit_support.grant_number           IOS-1917270 
_pdbx_audit_support.ordinal                1 
# 
loop_
_pdbx_entity_nonpoly.entity_id 
_pdbx_entity_nonpoly.name 
_pdbx_entity_nonpoly.comp_id 
2 'INDOLYLPROPIONIC ACID' IOP 
3 'SULFATE ION'           SO4 
4 water                   HOH 
# 
_pdbx_initial_refinement_model.id               1 
_pdbx_initial_refinement_model.entity_id_list   ? 
_pdbx_initial_refinement_model.type             'experimental model' 
_pdbx_initial_refinement_model.source_name      PDB 
_pdbx_initial_refinement_model.accession_code   7KFO 
_pdbx_initial_refinement_model.details          ? 
# 
_pdbx_struct_assembly_auth_evidence.id                     1 
_pdbx_struct_assembly_auth_evidence.assembly_id            1 
_pdbx_struct_assembly_auth_evidence.experimental_support   'gel filtration' 
_pdbx_struct_assembly_auth_evidence.details                ? 
# 
_space_group.name_H-M_alt     'F 2 2 2' 
_space_group.name_Hall        'F 2 2' 
_space_group.IT_number        22 
_space_group.crystal_system   orthorhombic 
_space_group.id               1 
# 
